data_1KB9
#
_entry.id   1KB9
#
_cell.length_a   214.473
_cell.length_b   163.921
_cell.length_c   147.276
_cell.angle_alpha   90.00
_cell.angle_beta   117.50
_cell.angle_gamma   90.00
#
_symmetry.space_group_name_H-M   'C 1 2 1'
#
loop_
_entity.id
_entity.type
_entity.pdbx_description
1 polymer 'UBIQUINOL-CYTOCHROME C REDUCTASE COMPLEX CORE PROTEIN I'
2 polymer 'UBIQUINOL-CYTOCHROME C REDUCTASE COMPLEX CORE PROTEIN 2'
3 polymer 'CYTOCHROME B'
4 polymer 'CYTOCHROME C1, HEME PROTEIN'
5 polymer 'UBIQUINOL-CYTOCHROME C REDUCTASE IRON-SULFUR SUBUNIT'
6 polymer 'UBIQUINOL-CYTOCHROME C REDUCTASE COMPLEX 17 KD PROTEIN'
7 polymer 'UBIQUINOL-CYTOCHROME C REDUCTASE COMPLEX 14 KD PROTEIN'
8 polymer 'UBIQUINOL-CYTOCHROME C REDUCTASE COMPLEX UBIQUINONE-BINDING PROTEIN QP-C'
9 polymer 'UBIQUINOL-CYTOCHROME C REDUCTASE COMPLEX 7.3 KD PROTEIN'
10 polymer 'HEAVY CHAIN (VH) OF FV-FRAGMENT'
11 polymer 'LIGHT CHAIN (VL) OF FV-FRAGMENT'
12 non-polymer 1,2-DIACYL-SN-GLYCERO-3-PHOSHOCHOLINE
13 non-polymer UNDECYL-MALTOSIDE
14 non-polymer 'PROTOPORPHYRIN IX CONTAINING FE'
15 non-polymer 'STIGMATELLIN A'
16 non-polymer 5-(3,7,11,15,19,23-HEXAMETHYL-TETRACOSA-2,6,10,14,18,22-HEXAENYL)-2,3-DIMETHOXY-6-METHYL-BENZENE-1,4-DIOL
17 non-polymer 1-palmitoyl-2-oleoyl-sn-glycero-3-phosphoinositol
18 non-polymer DI-PALMITOYL-3-SN-PHOSPHATIDYLETHANOLAMINE
19 non-polymer CARDIOLIPIN
20 non-polymer 'FE2/S2 (INORGANIC) CLUSTER'
21 water water
#
loop_
_entity_poly.entity_id
_entity_poly.type
_entity_poly.pdbx_seq_one_letter_code
_entity_poly.pdbx_strand_id
1 'polypeptide(L)'
;AEVTQLSNGIVVATEHNPSAHTASVGVVFGSGAANENPYNNGVSNLWKNIFLSKENSAVAAKEGLALSSNISRDFQSYIV
SSLPGSTDKSLDFLNQSFIQQKANLLSSSNFEATKKSVLKQVQDFEDNDHPNRVLEHLHSTAFQNTPLSLPTRGTLESLE
NLVVADLESFANNHFLNSNAVVVGTGNIKHEDLVNSIESKNLSLQTGTKPVLKKKAAFLGSEVRLRDDTLPKAWISLAVE
GEPVNSPNYFVAKLAAQIFGSYNAFEPASRLQGIKLLDNIQEYQLCDNFNHFSLSYKDSGLWGFSTATRNVTMIDDLIHF
TLKQWNRLTISVTDTEVERAKSLLKLQLGQLYESGNPVNDANLLGAEVLIKGSKLSLGEAFKKIDAITVKDVKAWAGKRL
WDQDIAIAGTGQIEGLLDYMRIRSDMSMMRW
;
A
2 'polypeptide(L)'
;LTVSARDAPTKISTLAVKVHGGSRYATKDGVAHLLNRFNFQNTNTRSALKLVRESELLGGTFKSTLDREYITLKATFLKD
DLPYYVNALADVLYKTAFKPHELTESVLPAARYDYAVAEQCPVKSAEDQLYAITFRKGLGNPLLYDGVERVSLQDIKDFA
DKVYTKENLEVSGENVVEADLKRFVDESLLSTLPAGKSLVSKSEPKFFLGEENRVRFIGDSVAAIGIPVNKASLAQYEVL
ANYLTSALSELSGLISSAKLDKFTDGGLFTLFVRDQDSAVVSSNIKKIVADLKKGKDLSPAINYTKLKNAVQNESVSSPI
ELNFDAVKDFKLGKFNYVAVGDVSNLPYLDEL
;
B
3 'polypeptide(L)'
;MAFRKSNVYLSLVNSYIIDSPQPSSINYWWNMGSLLGLCLVIQIVTGIFMAMHYSSNIELAFSSVEHIMRDVHNGYILRY
LHANGASFFFMVMFMHMAKGLYYGSYRSPRVTLWNVGVIIFTLTIATAFLGYCCVYGQMSHWGATVITNLFSAIPFVGND
IVSWLWGGFSVSNPTIQRFFALHYLVPFIIAAMVIMHLMALHIHGSSNPLGITGNLDRIPMHSYFIFKDLVTVFLFMLIL
ALFVFYSPNTLGHPDNYIPGNPLVTPASIVPEWYLLPFYAILRSIPDKLLGVITMFAAILVLLVLPFTDRSVVRGNTFKV
LSKFFFFIFVFNFVLLGQIGACHVEVPYVLMGQIATFIYFAYFLIIVPVISTIENVLFYIGRVNK
;
C
4 'polypeptide(L)'
;MTAAEHGLHAPAYAWSHNGPFETFDHASIRRGYQVYREVCAACHSLDRVAWRTLVGVSHTNEEVRNMAEEFEYDDEPDEQ
GNPKKRPGKLSDYIPGPYPNEQAARAANQGALPPDLSLIVKARHGGCDYIFSLLTGYPDEPPAGVALPPGSNYNPYFPGG
SIAMARVLFDDMVEYEDGTPATTSQMAKDVTTFLNWCAEPEHDERKRLGLKTVIILSSLYLLSIWVKKFKWAGIKTRKFV
FNPPKP
;
D
5 'polypeptide(L)'
;KSTYRTPNFDDVLKENNDADKGRSYAYFMVGAMGLLSSAGAKSTVETFISSMTATADVLAMAKVEVNLAAIPLGKNVVVK
WQGKPVFIRHRTPHEIQEANSVDMSALKDPQTDADRVKDPQWLIMLGICTHLGCVPIGEAGDFGGWFCPCHGSHYDISGR
IRKGPAPLNLEIPAYEFDGDKVIVG
;
E
6 'polypeptide(L)' VTDQLEDLREHFKNTEEGKALVHHYEECAERVKIQQQQPGYADLEHKEDCVEEFFHLQHYLDTATAPRLFDKLK F
7 'polypeptide(L)'
;QSFTSIARIGDYILKSPVLSKLCVPVANQFINLAGYKKLGLKFDDLIAEENPIMQTALRRLPEDESYARAYRIIRAHQTE
LTHHLLPRNEWIKAQEDVPYLLPYILEAEAAAKEKDELDNIEVSK
;
G
8 'polypeptide(L)'
;GPPSGKTYMGWWGHMGGPKQKGITSYAVSPYAQKPLQGIFHNAVFNSFRRFKSQFLYVLIPAGIYWYWWKNGNEYNEFLY
SKAGREELERVNV
;
H
9 'polypeptide(L)' SSLYKTFFKRNAVFVGTIFAGAFVFQTVFDTAITSWYENHNKGKLWKDVKARIAA I
10 'polypeptide(L)'
;EVKLQESGAGLVQPSQSLSLTCSVTGYSITSGYYWNWIRLFPGNKLEWVGYISNVGDNNYNPSLKDRLSITRDTSKNQFF
LKLNSVTTEDTATYYCARSEYYSVTGYAMDYWGQGTTVTVSSAWRHP
;
J
11 'polypeptide(L)'
;DIELTQTPVSLAASLGDRVTISCRASQDINNFLNWYQQKPDGTIKLLIYYTSRLHAGVPSRFSGSGSGTDYSLTISNLEP
EDIATYFCQHHIKFPWTFGAGTKLEIK
;
K
#
loop_
_chem_comp.id
_chem_comp.type
_chem_comp.name
_chem_comp.formula
CDL non-polymer CARDIOLIPIN 'C81 H156 O17 P2 -2'
FES non-polymer 'FE2/S2 (INORGANIC) CLUSTER' 'Fe2 S2'
HEM non-polymer 'PROTOPORPHYRIN IX CONTAINING FE' 'C34 H32 Fe N4 O4'
PCF non-polymer 1,2-DIACYL-SN-GLYCERO-3-PHOSHOCHOLINE 'C40 H80 N O8 P'
PEF non-polymer DI-PALMITOYL-3-SN-PHOSPHATIDYLETHANOLAMINE 'C37 H74 N O8 P'
PIE non-polymer 1-palmitoyl-2-oleoyl-sn-glycero-3-phosphoinositol 'C43 H80 O13 P -1'
SMA non-polymer 'STIGMATELLIN A' 'C30 H42 O7'
UMQ non-polymer UNDECYL-MALTOSIDE 'C23 H44 O11'
UQ6 non-polymer 5-(3,7,11,15,19,23-HEXAMETHYL-TETRACOSA-2,6,10,14,18,22-HEXAENYL)-2,3-DIMETHOXY-6-METHYL-BENZENE-1,4-DIOL 'C39 H60 O4'
#
# COMPACT_ATOMS: atom_id res chain seq x y z
N ALA A 1 25.58 44.19 -31.29
CA ALA A 1 24.22 43.61 -31.07
C ALA A 1 23.34 43.74 -32.32
N GLU A 2 23.97 43.64 -33.49
CA GLU A 2 23.26 43.73 -34.75
C GLU A 2 23.10 42.40 -35.48
N VAL A 3 21.85 42.07 -35.80
CA VAL A 3 21.54 40.83 -36.50
C VAL A 3 21.09 41.15 -37.92
N THR A 4 22.04 41.17 -38.85
CA THR A 4 21.74 41.46 -40.25
C THR A 4 21.75 40.20 -41.11
N GLN A 5 20.71 40.05 -41.95
CA GLN A 5 20.60 38.88 -42.82
C GLN A 5 19.80 39.17 -44.10
N LEU A 6 20.46 39.00 -45.24
CA LEU A 6 19.84 39.22 -46.55
C LEU A 6 20.02 38.03 -47.49
N SER A 7 19.14 37.93 -48.48
CA SER A 7 19.18 36.83 -49.45
C SER A 7 19.23 37.32 -50.90
N ASN A 8 20.20 36.80 -51.66
CA ASN A 8 20.38 37.16 -53.07
C ASN A 8 20.05 35.90 -53.88
N GLY A 9 21.00 34.97 -53.87
CA GLY A 9 20.85 33.69 -54.53
C GLY A 9 21.10 32.68 -53.40
N ILE A 10 21.89 33.13 -52.43
CA ILE A 10 22.25 32.37 -51.24
C ILE A 10 21.87 33.26 -50.05
N VAL A 11 21.55 32.65 -48.92
CA VAL A 11 21.19 33.42 -47.73
C VAL A 11 22.41 33.72 -46.87
N VAL A 12 22.74 35.01 -46.75
CA VAL A 12 23.89 35.47 -45.99
C VAL A 12 23.48 36.03 -44.62
N ALA A 13 24.13 35.53 -43.57
CA ALA A 13 23.84 35.97 -42.20
C ALA A 13 25.11 36.40 -41.49
N THR A 14 25.08 37.60 -40.91
CA THR A 14 26.24 38.13 -40.19
C THR A 14 25.87 38.86 -38.92
N GLU A 15 26.85 39.00 -38.04
CA GLU A 15 26.70 39.70 -36.76
C GLU A 15 28.02 40.38 -36.48
N HIS A 16 28.14 41.62 -36.96
CA HIS A 16 29.36 42.41 -36.78
C HIS A 16 29.53 42.96 -35.39
N ASN A 17 30.79 43.03 -34.97
CA ASN A 17 31.17 43.52 -33.66
C ASN A 17 32.54 44.21 -33.81
N PRO A 18 32.59 45.54 -33.64
CA PRO A 18 33.80 46.37 -33.76
C PRO A 18 35.08 45.74 -33.22
N SER A 19 35.27 45.77 -31.91
CA SER A 19 36.46 45.18 -31.31
C SER A 19 36.29 43.66 -31.32
N ALA A 20 37.23 42.97 -31.94
CA ALA A 20 37.17 41.51 -32.01
C ALA A 20 38.52 40.88 -32.28
N HIS A 21 39.39 41.61 -32.98
CA HIS A 21 40.74 41.14 -33.33
C HIS A 21 40.76 40.13 -34.48
N THR A 22 39.76 39.26 -34.54
CA THR A 22 39.68 38.25 -35.60
C THR A 22 38.29 38.18 -36.22
N ALA A 23 38.18 37.47 -37.34
CA ALA A 23 36.92 37.31 -38.04
C ALA A 23 36.75 35.86 -38.47
N SER A 24 35.54 35.33 -38.32
CA SER A 24 35.25 33.95 -38.69
C SER A 24 34.18 33.87 -39.78
N VAL A 25 34.49 33.08 -40.81
CA VAL A 25 33.58 32.89 -41.93
C VAL A 25 33.35 31.41 -42.15
N GLY A 26 32.11 31.07 -42.50
CA GLY A 26 31.78 29.67 -42.73
C GLY A 26 30.38 29.42 -43.25
N VAL A 27 30.17 28.21 -43.74
CA VAL A 27 28.88 27.79 -44.26
C VAL A 27 28.28 26.80 -43.27
N VAL A 28 26.98 26.95 -43.01
CA VAL A 28 26.27 26.10 -42.08
C VAL A 28 25.08 25.48 -42.83
N PHE A 29 25.08 24.15 -42.94
CA PHE A 29 24.01 23.42 -43.63
C PHE A 29 22.88 22.98 -42.70
N GLY A 30 21.65 23.05 -43.20
CA GLY A 30 20.48 22.67 -42.41
C GLY A 30 20.24 21.17 -42.29
N SER A 31 21.33 20.41 -42.15
CA SER A 31 21.24 18.97 -42.02
C SER A 31 22.40 18.40 -41.22
N GLY A 32 22.08 17.52 -40.28
CA GLY A 32 23.10 16.90 -39.45
C GLY A 32 22.85 15.41 -39.26
N ALA A 33 23.28 14.89 -38.11
CA ALA A 33 23.12 13.48 -37.76
C ALA A 33 21.66 13.03 -37.76
N ALA A 34 20.75 13.98 -37.62
CA ALA A 34 19.33 13.67 -37.63
C ALA A 34 18.83 13.37 -39.05
N ASN A 35 19.67 13.62 -40.04
CA ASN A 35 19.32 13.38 -41.43
C ASN A 35 19.92 12.09 -41.98
N GLU A 36 20.85 11.52 -41.23
CA GLU A 36 21.50 10.28 -41.61
C GLU A 36 20.59 9.06 -41.41
N ASN A 37 21.12 7.87 -41.72
CA ASN A 37 20.39 6.61 -41.56
C ASN A 37 21.17 5.79 -40.54
N PRO A 38 20.59 4.67 -40.07
CA PRO A 38 21.31 3.85 -39.10
C PRO A 38 22.55 3.23 -39.73
N TYR A 39 22.54 3.12 -41.05
CA TYR A 39 23.65 2.51 -41.78
C TYR A 39 24.75 3.42 -42.31
N ASN A 40 24.44 4.68 -42.60
CA ASN A 40 25.48 5.61 -43.05
C ASN A 40 25.78 6.62 -41.94
N ASN A 41 25.33 6.26 -40.73
CA ASN A 41 25.50 7.07 -39.52
C ASN A 41 26.97 7.31 -39.26
N GLY A 42 27.37 8.57 -39.26
CA GLY A 42 28.77 8.93 -39.04
C GLY A 42 29.41 9.56 -40.26
N VAL A 43 28.62 9.72 -41.32
CA VAL A 43 29.11 10.32 -42.56
C VAL A 43 29.43 11.80 -42.36
N SER A 44 28.58 12.51 -41.62
CA SER A 44 28.78 13.93 -41.36
C SER A 44 30.05 14.15 -40.55
N ASN A 45 30.26 13.32 -39.53
CA ASN A 45 31.45 13.45 -38.69
C ASN A 45 32.68 13.16 -39.53
N LEU A 46 32.53 12.24 -40.47
CA LEU A 46 33.62 11.87 -41.37
C LEU A 46 33.99 13.05 -42.27
N TRP A 47 32.98 13.75 -42.76
CA TRP A 47 33.19 14.93 -43.60
C TRP A 47 34.01 15.95 -42.82
N LYS A 48 33.56 16.24 -41.60
CA LYS A 48 34.25 17.19 -40.73
C LYS A 48 35.73 16.86 -40.60
N ASN A 49 36.03 15.58 -40.43
CA ASN A 49 37.41 15.15 -40.26
C ASN A 49 38.33 15.30 -41.46
N ILE A 50 37.80 15.14 -42.68
CA ILE A 50 38.65 15.32 -43.85
C ILE A 50 38.82 16.81 -44.12
N PHE A 51 37.80 17.59 -43.78
CA PHE A 51 37.83 19.04 -43.93
C PHE A 51 38.93 19.61 -43.05
N LEU A 52 39.27 18.89 -41.98
CA LEU A 52 40.32 19.30 -41.06
C LEU A 52 41.56 18.44 -41.23
N SER A 53 41.60 17.65 -42.31
CA SER A 53 42.73 16.77 -42.60
C SER A 53 44.02 17.56 -42.74
N LYS A 54 45.14 16.90 -42.45
CA LYS A 54 46.46 17.52 -42.53
C LYS A 54 46.69 18.24 -43.86
N GLU A 55 46.23 17.64 -44.96
CA GLU A 55 46.38 18.23 -46.27
C GLU A 55 45.62 19.55 -46.43
N ASN A 56 44.30 19.49 -46.26
CA ASN A 56 43.47 20.68 -46.39
C ASN A 56 43.78 21.72 -45.31
N SER A 57 44.22 21.24 -44.15
CA SER A 57 44.55 22.14 -43.04
C SER A 57 45.87 22.87 -43.25
N ALA A 58 46.82 22.22 -43.90
CA ALA A 58 48.13 22.83 -44.17
C ALA A 58 48.02 23.94 -45.22
N VAL A 59 47.11 23.77 -46.17
CA VAL A 59 46.88 24.74 -47.23
C VAL A 59 46.34 26.03 -46.63
N ALA A 60 45.54 25.90 -45.57
CA ALA A 60 44.96 27.06 -44.89
C ALA A 60 45.96 27.69 -43.91
N ALA A 61 46.85 26.88 -43.37
CA ALA A 61 47.86 27.35 -42.41
C ALA A 61 48.91 28.22 -43.07
N LYS A 62 49.27 27.90 -44.31
CA LYS A 62 50.24 28.68 -45.07
C LYS A 62 49.67 30.08 -45.27
N GLU A 63 48.39 30.13 -45.62
CA GLU A 63 47.67 31.36 -45.87
C GLU A 63 47.37 32.12 -44.56
N GLY A 64 47.62 31.46 -43.43
CA GLY A 64 47.38 32.09 -42.13
C GLY A 64 45.94 31.99 -41.67
N LEU A 65 45.26 30.91 -42.07
CA LEU A 65 43.87 30.66 -41.70
C LEU A 65 43.74 29.45 -40.78
N ALA A 66 42.75 29.50 -39.88
CA ALA A 66 42.50 28.41 -38.93
C ALA A 66 41.15 27.76 -39.24
N LEU A 67 41.12 26.43 -39.20
CA LEU A 67 39.90 25.69 -39.50
C LEU A 67 39.16 25.16 -38.27
N SER A 68 37.84 25.08 -38.39
CA SER A 68 36.97 24.60 -37.32
C SER A 68 35.66 24.07 -37.90
N SER A 69 35.20 22.94 -37.39
CA SER A 69 33.95 22.33 -37.84
C SER A 69 33.19 21.74 -36.66
N ASN A 70 31.86 21.67 -36.80
CA ASN A 70 31.01 21.14 -35.75
C ASN A 70 29.81 20.37 -36.29
N ILE A 71 29.71 19.11 -35.88
CA ILE A 71 28.60 18.24 -36.30
C ILE A 71 27.58 18.16 -35.17
N SER A 72 26.35 18.58 -35.46
CA SER A 72 25.28 18.56 -34.48
C SER A 72 24.16 17.66 -34.99
N ARG A 73 22.99 17.76 -34.37
CA ARG A 73 21.86 16.94 -34.78
C ARG A 73 21.07 17.55 -35.91
N ASP A 74 20.67 18.82 -35.76
CA ASP A 74 19.88 19.50 -36.79
C ASP A 74 20.71 20.19 -37.86
N PHE A 75 21.98 20.44 -37.57
CA PHE A 75 22.84 21.15 -38.52
C PHE A 75 24.26 20.64 -38.59
N GLN A 76 25.05 21.33 -39.41
CA GLN A 76 26.45 21.00 -39.66
C GLN A 76 27.16 22.29 -40.08
N SER A 77 28.40 22.48 -39.63
CA SER A 77 29.11 23.70 -39.98
C SER A 77 30.60 23.57 -40.24
N TYR A 78 31.08 24.37 -41.19
CA TYR A 78 32.49 24.41 -41.60
C TYR A 78 32.89 25.87 -41.52
N ILE A 79 33.81 26.16 -40.60
CA ILE A 79 34.26 27.52 -40.34
C ILE A 79 35.75 27.74 -40.51
N VAL A 80 36.09 28.92 -41.03
CA VAL A 80 37.46 29.34 -41.25
C VAL A 80 37.65 30.68 -40.56
N SER A 81 38.60 30.75 -39.65
CA SER A 81 38.90 31.98 -38.92
C SER A 81 40.09 32.68 -39.56
N SER A 82 40.06 34.01 -39.55
CA SER A 82 41.13 34.82 -40.15
C SER A 82 41.22 36.18 -39.50
N LEU A 83 42.23 36.95 -39.90
CA LEU A 83 42.42 38.31 -39.38
C LEU A 83 41.39 39.18 -40.12
N PRO A 84 40.98 40.31 -39.52
CA PRO A 84 39.99 41.20 -40.15
C PRO A 84 40.33 41.65 -41.58
N GLY A 85 41.62 41.59 -41.92
CA GLY A 85 42.06 41.99 -43.25
C GLY A 85 41.92 40.90 -44.30
N SER A 86 42.13 39.65 -43.90
CA SER A 86 42.04 38.52 -44.81
C SER A 86 40.63 37.91 -44.93
N THR A 87 39.61 38.75 -44.72
CA THR A 87 38.22 38.32 -44.80
C THR A 87 37.82 37.80 -46.19
N ASP A 88 38.64 38.10 -47.19
CA ASP A 88 38.37 37.67 -48.56
C ASP A 88 39.05 36.31 -48.84
N LYS A 89 40.23 36.12 -48.26
CA LYS A 89 40.97 34.88 -48.45
C LYS A 89 40.35 33.66 -47.78
N SER A 90 39.40 33.89 -46.88
CA SER A 90 38.68 32.81 -46.21
C SER A 90 37.65 32.26 -47.17
N LEU A 91 37.06 33.14 -47.97
CA LEU A 91 36.05 32.77 -48.95
C LEU A 91 36.67 32.00 -50.12
N ASP A 92 37.93 32.29 -50.42
CA ASP A 92 38.65 31.61 -51.50
C ASP A 92 38.89 30.16 -51.09
N PHE A 93 39.26 29.96 -49.83
CA PHE A 93 39.52 28.64 -49.29
C PHE A 93 38.23 27.86 -49.09
N LEU A 94 37.13 28.59 -48.85
CA LEU A 94 35.83 27.97 -48.65
C LEU A 94 35.31 27.39 -49.97
N ASN A 95 35.37 28.20 -51.03
CA ASN A 95 34.93 27.79 -52.36
C ASN A 95 35.85 26.75 -52.98
N GLN A 96 37.15 26.90 -52.75
CA GLN A 96 38.16 25.98 -53.26
C GLN A 96 38.02 24.58 -52.67
N SER A 97 37.41 24.48 -51.48
CA SER A 97 37.23 23.19 -50.81
C SER A 97 35.85 22.58 -51.00
N PHE A 98 34.88 23.39 -51.42
CA PHE A 98 33.51 22.91 -51.63
C PHE A 98 33.06 22.80 -53.08
N ILE A 99 33.97 23.11 -54.01
CA ILE A 99 33.67 23.03 -55.45
C ILE A 99 34.88 22.49 -56.20
N GLN A 100 36.04 23.08 -55.96
CA GLN A 100 37.27 22.65 -56.62
C GLN A 100 37.82 21.35 -56.01
N GLN A 101 38.07 21.36 -54.71
CA GLN A 101 38.61 20.20 -54.01
C GLN A 101 37.57 19.23 -53.45
N LYS A 102 36.32 19.33 -53.92
CA LYS A 102 35.27 18.44 -53.45
C LYS A 102 35.42 17.08 -54.14
N ALA A 103 36.65 16.79 -54.54
CA ALA A 103 37.03 15.54 -55.23
C ALA A 103 38.49 15.22 -54.92
N ASN A 104 39.25 16.24 -54.51
CA ASN A 104 40.66 16.08 -54.17
C ASN A 104 40.85 15.68 -52.71
N LEU A 105 39.89 16.06 -51.88
CA LEU A 105 39.92 15.73 -50.45
C LEU A 105 39.56 14.25 -50.26
N LEU A 106 38.79 13.74 -51.21
CA LEU A 106 38.32 12.35 -51.19
C LEU A 106 39.26 11.37 -51.91
N SER A 107 40.56 11.52 -51.69
CA SER A 107 41.54 10.63 -52.30
C SER A 107 41.66 9.35 -51.47
N SER A 108 41.99 8.24 -52.13
CA SER A 108 42.11 6.95 -51.45
C SER A 108 43.20 6.86 -50.38
N SER A 109 44.08 7.84 -50.33
CA SER A 109 45.15 7.85 -49.32
C SER A 109 44.77 8.75 -48.15
N ASN A 110 43.95 9.75 -48.43
CA ASN A 110 43.49 10.70 -47.42
C ASN A 110 42.30 10.13 -46.65
N PHE A 111 41.38 9.51 -47.40
CA PHE A 111 40.18 8.91 -46.82
C PHE A 111 40.50 7.81 -45.82
N GLU A 112 41.40 6.89 -46.20
CA GLU A 112 41.78 5.79 -45.35
C GLU A 112 42.52 6.24 -44.09
N ALA A 113 43.30 7.30 -44.21
CA ALA A 113 44.05 7.83 -43.08
C ALA A 113 43.10 8.55 -42.11
N THR A 114 42.06 9.16 -42.66
CA THR A 114 41.05 9.86 -41.86
C THR A 114 40.12 8.87 -41.18
N LYS A 115 39.65 7.89 -41.93
CA LYS A 115 38.75 6.85 -41.44
C LYS A 115 39.39 6.14 -40.23
N LYS A 116 40.68 5.88 -40.35
CA LYS A 116 41.44 5.22 -39.28
C LYS A 116 41.52 6.10 -38.03
N SER A 117 41.42 7.41 -38.21
CA SER A 117 41.48 8.37 -37.11
C SER A 117 40.15 8.58 -36.40
N VAL A 118 39.05 8.57 -37.15
CA VAL A 118 37.73 8.76 -36.56
C VAL A 118 37.30 7.47 -35.87
N LEU A 119 37.92 6.36 -36.25
CA LEU A 119 37.60 5.07 -35.65
C LEU A 119 38.23 5.00 -34.27
N LYS A 120 39.46 5.47 -34.14
CA LYS A 120 40.14 5.48 -32.85
C LYS A 120 39.54 6.59 -31.99
N GLN A 121 38.94 7.57 -32.68
CA GLN A 121 38.31 8.72 -32.05
C GLN A 121 36.99 8.31 -31.40
N VAL A 122 36.13 7.67 -32.18
CA VAL A 122 34.83 7.22 -31.69
C VAL A 122 34.98 6.09 -30.67
N GLN A 123 36.01 5.26 -30.84
CA GLN A 123 36.26 4.16 -29.92
C GLN A 123 36.68 4.69 -28.56
N ASP A 124 37.57 5.68 -28.57
CA ASP A 124 38.07 6.30 -27.34
C ASP A 124 36.94 6.93 -26.54
N PHE A 125 35.96 7.47 -27.26
CA PHE A 125 34.78 8.11 -26.69
C PHE A 125 33.94 7.10 -25.91
N GLU A 126 33.64 6.00 -26.56
CA GLU A 126 32.84 4.92 -25.98
C GLU A 126 33.56 4.24 -24.81
N ASP A 127 34.88 4.19 -24.87
CA ASP A 127 35.69 3.55 -23.84
C ASP A 127 35.92 4.42 -22.58
N ASN A 128 35.93 5.74 -22.74
CA ASN A 128 36.22 6.61 -21.59
C ASN A 128 35.30 7.80 -21.25
N ASP A 129 34.69 8.44 -22.24
CA ASP A 129 33.82 9.57 -21.95
C ASP A 129 32.43 9.12 -21.53
N HIS A 130 32.34 8.64 -20.30
CA HIS A 130 31.11 8.12 -19.73
C HIS A 130 29.94 9.10 -19.62
N PRO A 131 30.19 10.33 -19.13
CA PRO A 131 29.05 11.27 -19.04
C PRO A 131 28.42 11.62 -20.39
N ASN A 132 29.25 11.86 -21.41
CA ASN A 132 28.72 12.19 -22.74
C ASN A 132 28.18 10.95 -23.44
N ARG A 133 28.83 9.82 -23.16
CA ARG A 133 28.44 8.52 -23.69
C ARG A 133 27.01 8.24 -23.20
N VAL A 134 26.77 8.46 -21.92
CA VAL A 134 25.46 8.26 -21.32
C VAL A 134 24.45 9.24 -21.91
N LEU A 135 24.84 10.50 -22.05
CA LEU A 135 23.93 11.50 -22.61
C LEU A 135 23.56 11.18 -24.05
N GLU A 136 24.51 10.60 -24.79
CA GLU A 136 24.27 10.23 -26.18
C GLU A 136 23.27 9.07 -26.23
N HIS A 137 23.44 8.08 -25.36
CA HIS A 137 22.51 6.94 -25.28
C HIS A 137 21.13 7.38 -24.81
N LEU A 138 21.07 8.48 -24.06
CA LEU A 138 19.80 9.00 -23.57
C LEU A 138 18.96 9.39 -24.78
N HIS A 139 19.60 10.07 -25.75
CA HIS A 139 18.94 10.50 -26.99
C HIS A 139 18.57 9.27 -27.81
N SER A 140 19.45 8.29 -27.76
CA SER A 140 19.25 7.04 -28.48
C SER A 140 18.00 6.30 -28.05
N THR A 141 17.76 6.17 -26.74
CA THR A 141 16.57 5.47 -26.29
C THR A 141 15.34 6.35 -26.27
N ALA A 142 15.51 7.60 -25.87
CA ALA A 142 14.40 8.54 -25.81
C ALA A 142 13.73 8.76 -27.16
N PHE A 143 14.54 8.79 -28.21
CA PHE A 143 14.05 9.01 -29.57
C PHE A 143 14.29 7.82 -30.51
N GLN A 144 14.31 6.61 -29.95
CA GLN A 144 14.53 5.40 -30.75
C GLN A 144 13.72 5.31 -32.03
N ASN A 145 14.36 4.81 -33.10
CA ASN A 145 13.75 4.65 -34.43
C ASN A 145 13.15 5.95 -34.93
N THR A 146 13.89 7.02 -34.68
CA THR A 146 13.50 8.37 -35.03
C THR A 146 14.81 9.12 -35.27
N PRO A 147 14.80 10.20 -36.08
CA PRO A 147 15.99 11.00 -36.40
C PRO A 147 16.92 11.39 -35.25
N LEU A 148 16.37 11.91 -34.15
CA LEU A 148 17.20 12.34 -33.02
C LEU A 148 17.94 11.24 -32.26
N SER A 149 17.66 9.97 -32.58
CA SER A 149 18.31 8.86 -31.90
C SER A 149 19.73 8.61 -32.36
N LEU A 150 20.03 9.00 -33.60
CA LEU A 150 21.36 8.79 -34.16
C LEU A 150 22.44 9.65 -33.49
N PRO A 151 23.52 9.02 -33.01
CA PRO A 151 24.60 9.76 -32.36
C PRO A 151 25.41 10.56 -33.39
N THR A 152 25.83 11.78 -32.98
CA THR A 152 26.58 12.69 -33.83
C THR A 152 27.90 12.17 -34.38
N ARG A 153 28.64 11.42 -33.57
CA ARG A 153 29.92 10.87 -33.99
C ARG A 153 29.76 9.59 -34.80
N GLY A 154 28.54 9.07 -34.84
CA GLY A 154 28.27 7.83 -35.56
C GLY A 154 28.70 6.62 -34.77
N THR A 155 28.23 5.44 -35.18
CA THR A 155 28.57 4.20 -34.48
C THR A 155 29.75 3.50 -35.16
N LEU A 156 30.54 2.76 -34.39
CA LEU A 156 31.70 2.05 -34.94
C LEU A 156 31.40 1.16 -36.12
N GLU A 157 30.27 0.45 -36.08
CA GLU A 157 29.91 -0.45 -37.16
C GLU A 157 29.48 0.22 -38.46
N SER A 158 28.83 1.36 -38.35
CA SER A 158 28.39 2.08 -39.54
C SER A 158 29.56 2.87 -40.13
N LEU A 159 30.52 3.21 -39.27
CA LEU A 159 31.70 3.96 -39.69
C LEU A 159 32.69 3.12 -40.50
N GLU A 160 33.06 1.96 -39.98
CA GLU A 160 34.01 1.09 -40.66
C GLU A 160 33.52 0.49 -41.98
N ASN A 161 32.21 0.59 -42.22
CA ASN A 161 31.63 0.07 -43.46
C ASN A 161 31.29 1.22 -44.41
N LEU A 162 31.78 2.40 -44.09
CA LEU A 162 31.53 3.61 -44.89
C LEU A 162 32.58 3.75 -45.99
N VAL A 163 32.14 4.20 -47.17
CA VAL A 163 33.04 4.41 -48.31
C VAL A 163 32.93 5.82 -48.90
N VAL A 164 33.87 6.15 -49.78
CA VAL A 164 33.91 7.47 -50.44
C VAL A 164 32.59 7.82 -51.11
N ALA A 165 31.92 6.80 -51.66
CA ALA A 165 30.64 7.00 -52.33
C ALA A 165 29.55 7.51 -51.40
N ASP A 166 29.58 7.05 -50.14
CA ASP A 166 28.59 7.46 -49.12
C ASP A 166 28.75 8.94 -48.80
N LEU A 167 29.99 9.41 -48.77
CA LEU A 167 30.29 10.82 -48.51
C LEU A 167 29.66 11.64 -49.63
N GLU A 168 29.96 11.26 -50.86
CA GLU A 168 29.45 11.93 -52.06
C GLU A 168 27.93 11.96 -52.10
N SER A 169 27.31 10.81 -51.86
CA SER A 169 25.86 10.67 -51.87
C SER A 169 25.21 11.63 -50.88
N PHE A 170 25.82 11.76 -49.70
CA PHE A 170 25.31 12.66 -48.66
C PHE A 170 25.53 14.11 -49.08
N ALA A 171 26.75 14.41 -49.54
CA ALA A 171 27.11 15.74 -49.97
C ALA A 171 26.23 16.27 -51.11
N ASN A 172 25.88 15.38 -52.04
CA ASN A 172 25.04 15.76 -53.18
C ASN A 172 23.56 15.86 -52.84
N ASN A 173 23.20 15.44 -51.64
CA ASN A 173 21.81 15.49 -51.20
C ASN A 173 21.54 16.50 -50.09
N HIS A 174 22.58 16.94 -49.39
CA HIS A 174 22.42 17.89 -48.29
C HIS A 174 23.24 19.16 -48.37
N PHE A 175 24.43 19.09 -48.97
CA PHE A 175 25.29 20.26 -49.12
C PHE A 175 24.77 21.14 -50.26
N LEU A 176 23.45 21.25 -50.35
CA LEU A 176 22.79 22.04 -51.38
C LEU A 176 22.72 23.51 -50.99
N ASN A 177 22.25 24.33 -51.93
CA ASN A 177 22.13 25.76 -51.71
C ASN A 177 20.92 26.12 -50.86
N SER A 178 19.78 25.48 -51.14
CA SER A 178 18.56 25.74 -50.39
C SER A 178 18.61 25.18 -48.96
N ASN A 179 19.66 24.42 -48.68
CA ASN A 179 19.85 23.83 -47.35
C ASN A 179 21.19 24.34 -46.80
N ALA A 180 21.44 25.63 -46.98
CA ALA A 180 22.68 26.24 -46.51
C ALA A 180 22.51 27.70 -46.15
N VAL A 181 23.46 28.20 -45.37
CA VAL A 181 23.49 29.59 -44.93
C VAL A 181 24.95 29.95 -44.71
N VAL A 182 25.40 31.02 -45.35
CA VAL A 182 26.77 31.48 -45.17
C VAL A 182 26.78 32.45 -44.00
N VAL A 183 27.59 32.13 -43.00
CA VAL A 183 27.68 32.95 -41.79
C VAL A 183 29.03 33.62 -41.63
N GLY A 184 28.99 34.85 -41.12
CA GLY A 184 30.20 35.61 -40.89
C GLY A 184 30.12 36.34 -39.56
N THR A 185 31.08 36.08 -38.69
CA THR A 185 31.14 36.72 -37.39
C THR A 185 32.53 37.25 -37.15
N GLY A 186 32.67 38.19 -36.22
CA GLY A 186 33.96 38.77 -35.93
C GLY A 186 33.87 40.27 -35.84
N ASN A 187 34.21 40.96 -36.92
CA ASN A 187 34.15 42.42 -36.96
C ASN A 187 33.73 42.93 -38.34
N ILE A 188 33.86 42.07 -39.34
CA ILE A 188 33.51 42.41 -40.71
C ILE A 188 32.04 42.81 -40.89
N LYS A 189 31.80 43.76 -41.77
CA LYS A 189 30.46 44.27 -42.05
C LYS A 189 29.65 43.31 -42.92
N HIS A 190 28.34 43.47 -42.86
CA HIS A 190 27.41 42.64 -43.65
C HIS A 190 27.58 42.96 -45.13
N GLU A 191 27.67 44.26 -45.42
CA GLU A 191 27.85 44.74 -46.79
C GLU A 191 29.24 44.41 -47.31
N ASP A 192 30.19 44.23 -46.39
CA ASP A 192 31.57 43.90 -46.73
C ASP A 192 31.66 42.45 -47.23
N LEU A 193 30.88 41.57 -46.61
CA LEU A 193 30.87 40.15 -46.96
C LEU A 193 29.96 39.80 -48.14
N VAL A 194 28.73 40.30 -48.13
CA VAL A 194 27.76 40.03 -49.19
C VAL A 194 28.26 40.41 -50.59
N ASN A 195 29.14 41.41 -50.66
CA ASN A 195 29.69 41.86 -51.94
C ASN A 195 30.65 40.84 -52.51
N SER A 196 31.53 40.32 -51.66
CA SER A 196 32.52 39.32 -52.07
C SER A 196 31.84 38.02 -52.49
N ILE A 197 30.63 37.80 -51.97
CA ILE A 197 29.84 36.61 -52.28
C ILE A 197 29.05 36.80 -53.56
N GLU A 198 28.38 37.94 -53.68
CA GLU A 198 27.58 38.25 -54.86
C GLU A 198 28.47 38.59 -56.05
N SER A 199 29.78 38.67 -55.80
CA SER A 199 30.77 38.95 -56.84
C SER A 199 30.94 37.71 -57.71
N LYS A 200 31.27 36.60 -57.06
CA LYS A 200 31.45 35.31 -57.74
C LYS A 200 30.09 34.66 -57.90
N ASN A 201 29.64 34.51 -59.15
CA ASN A 201 28.35 33.90 -59.43
C ASN A 201 28.40 32.37 -59.31
N LEU A 202 27.84 31.68 -60.29
CA LEU A 202 27.79 30.21 -60.33
C LEU A 202 26.97 29.64 -59.18
N SER A 203 25.82 29.08 -59.51
CA SER A 203 24.90 28.49 -58.52
C SER A 203 25.37 27.15 -57.98
N LEU A 204 25.65 26.21 -58.88
CA LEU A 204 26.11 24.85 -58.54
C LEU A 204 25.03 24.08 -57.75
N GLN A 205 24.25 23.28 -58.47
CA GLN A 205 23.18 22.46 -57.90
C GLN A 205 22.09 23.29 -57.22
N THR A 206 21.54 24.25 -57.97
CA THR A 206 20.48 25.12 -57.47
C THR A 206 19.12 24.52 -57.78
N GLY A 207 18.12 24.86 -56.97
CA GLY A 207 16.78 24.35 -57.17
C GLY A 207 16.58 22.95 -56.61
N THR A 208 17.69 22.29 -56.27
CA THR A 208 17.66 20.93 -55.71
C THR A 208 17.35 21.00 -54.21
N LYS A 209 16.46 20.12 -53.76
CA LYS A 209 16.07 20.06 -52.36
C LYS A 209 16.47 18.73 -51.72
N PRO A 210 16.76 18.73 -50.40
CA PRO A 210 17.16 17.52 -49.69
C PRO A 210 15.96 16.59 -49.48
N VAL A 211 16.24 15.32 -49.20
CA VAL A 211 15.17 14.33 -49.00
C VAL A 211 14.41 14.56 -47.69
N LEU A 212 13.16 14.10 -47.64
CA LEU A 212 12.31 14.24 -46.46
C LEU A 212 12.31 12.96 -45.63
N LYS A 213 11.69 13.01 -44.45
CA LYS A 213 11.63 11.86 -43.54
C LYS A 213 10.37 11.81 -42.68
N LYS A 214 10.47 11.22 -41.49
CA LYS A 214 9.36 11.12 -40.54
C LYS A 214 9.68 11.92 -39.26
N LYS A 215 8.65 12.53 -38.68
CA LYS A 215 8.79 13.35 -37.47
C LYS A 215 9.30 12.62 -36.23
N ALA A 216 10.15 13.31 -35.47
CA ALA A 216 10.75 12.77 -34.26
C ALA A 216 9.71 12.63 -33.15
N ALA A 217 9.86 11.59 -32.33
CA ALA A 217 8.95 11.32 -31.23
C ALA A 217 9.65 10.76 -29.99
N PHE A 218 9.19 11.22 -28.83
CA PHE A 218 9.72 10.78 -27.55
C PHE A 218 9.02 9.49 -27.10
N LEU A 219 9.82 8.53 -26.65
CA LEU A 219 9.28 7.27 -26.16
C LEU A 219 9.86 6.99 -24.77
N GLY A 220 8.99 6.94 -23.76
CA GLY A 220 9.42 6.67 -22.40
C GLY A 220 10.09 5.31 -22.37
N SER A 221 11.38 5.28 -22.02
CA SER A 221 12.12 4.02 -22.01
C SER A 221 13.46 4.19 -21.32
N GLU A 222 14.29 3.15 -21.39
CA GLU A 222 15.59 3.19 -20.74
C GLU A 222 16.60 2.26 -21.39
N VAL A 223 17.88 2.56 -21.17
CA VAL A 223 18.99 1.73 -21.66
C VAL A 223 19.97 1.69 -20.49
N ARG A 224 20.26 0.50 -19.99
CA ARG A 224 21.17 0.37 -18.87
C ARG A 224 22.45 -0.31 -19.29
N LEU A 225 23.55 0.46 -19.26
CA LEU A 225 24.86 -0.02 -19.67
C LEU A 225 25.70 -0.38 -18.44
N ARG A 226 25.21 -1.32 -17.63
CA ARG A 226 25.91 -1.70 -16.42
C ARG A 226 27.35 -2.13 -16.67
N ASP A 227 28.24 -1.65 -15.81
CA ASP A 227 29.65 -1.98 -15.89
C ASP A 227 30.20 -1.81 -14.46
N ASP A 228 30.30 -2.92 -13.74
CA ASP A 228 30.78 -2.90 -12.36
C ASP A 228 32.26 -2.59 -12.21
N THR A 229 33.01 -2.56 -13.30
CA THR A 229 34.44 -2.26 -13.22
C THR A 229 34.74 -0.78 -13.15
N LEU A 230 33.75 0.04 -13.50
CA LEU A 230 33.90 1.50 -13.45
C LEU A 230 33.78 1.95 -11.98
N PRO A 231 34.58 2.95 -11.57
CA PRO A 231 34.54 3.42 -10.18
C PRO A 231 33.31 4.25 -9.77
N LYS A 232 32.45 4.60 -10.72
CA LYS A 232 31.25 5.40 -10.41
C LYS A 232 30.02 4.95 -11.19
N ALA A 233 28.93 5.69 -11.01
CA ALA A 233 27.68 5.46 -11.72
C ALA A 233 27.35 6.80 -12.36
N TRP A 234 27.06 6.79 -13.65
CA TRP A 234 26.73 8.00 -14.39
C TRP A 234 25.35 7.81 -14.93
N ILE A 235 24.43 8.71 -14.60
CA ILE A 235 23.07 8.55 -15.09
C ILE A 235 22.54 9.86 -15.67
N SER A 236 21.58 9.74 -16.57
CA SER A 236 20.93 10.89 -17.18
C SER A 236 19.47 10.48 -17.26
N LEU A 237 18.58 11.39 -16.91
CA LEU A 237 17.16 11.10 -16.89
C LEU A 237 16.47 12.34 -17.42
N ALA A 238 15.45 12.17 -18.25
CA ALA A 238 14.76 13.32 -18.81
C ALA A 238 13.36 13.04 -19.31
N VAL A 239 12.60 14.11 -19.50
CA VAL A 239 11.24 14.01 -20.04
C VAL A 239 11.28 14.71 -21.40
N GLU A 240 10.20 14.61 -22.18
CA GLU A 240 10.19 15.29 -23.48
C GLU A 240 10.21 16.79 -23.21
N GLY A 241 11.26 17.45 -23.69
CA GLY A 241 11.41 18.88 -23.50
C GLY A 241 10.74 19.74 -24.57
N GLU A 242 11.34 20.90 -24.83
CA GLU A 242 10.81 21.85 -25.80
C GLU A 242 11.65 22.02 -27.06
N PRO A 243 11.00 22.08 -28.23
CA PRO A 243 11.76 22.26 -29.47
C PRO A 243 12.09 23.74 -29.60
N VAL A 244 13.07 24.09 -30.43
CA VAL A 244 13.40 25.50 -30.63
C VAL A 244 12.18 26.13 -31.32
N ASN A 245 11.88 27.37 -30.98
CA ASN A 245 10.73 28.08 -31.55
C ASN A 245 9.43 27.62 -30.88
N SER A 246 9.54 27.32 -29.60
CA SER A 246 8.41 26.90 -28.79
C SER A 246 8.12 28.03 -27.81
N PRO A 247 6.83 28.29 -27.53
CA PRO A 247 6.42 29.36 -26.61
C PRO A 247 7.06 29.19 -25.22
N ASN A 248 7.26 27.94 -24.82
CA ASN A 248 7.86 27.64 -23.52
C ASN A 248 9.36 27.38 -23.57
N TYR A 249 10.00 27.78 -24.67
CA TYR A 249 11.44 27.59 -24.83
C TYR A 249 12.20 28.15 -23.63
N PHE A 250 11.80 29.33 -23.18
CA PHE A 250 12.45 29.98 -22.05
C PHE A 250 11.97 29.50 -20.69
N VAL A 251 10.68 29.18 -20.58
CA VAL A 251 10.12 28.69 -19.33
C VAL A 251 10.86 27.39 -18.94
N ALA A 252 11.13 26.57 -19.94
CA ALA A 252 11.82 25.30 -19.75
C ALA A 252 13.26 25.52 -19.30
N LYS A 253 13.95 26.43 -19.97
CA LYS A 253 15.34 26.73 -19.63
C LYS A 253 15.47 27.35 -18.24
N LEU A 254 14.45 28.08 -17.83
CA LEU A 254 14.44 28.72 -16.52
C LEU A 254 14.25 27.61 -15.48
N ALA A 255 13.30 26.71 -15.75
CA ALA A 255 13.00 25.58 -14.87
C ALA A 255 14.25 24.75 -14.57
N ALA A 256 15.12 24.61 -15.57
CA ALA A 256 16.35 23.85 -15.40
C ALA A 256 17.36 24.63 -14.57
N GLN A 257 17.27 25.95 -14.62
CA GLN A 257 18.18 26.81 -13.88
C GLN A 257 17.87 26.77 -12.37
N ILE A 258 16.60 26.55 -12.05
CA ILE A 258 16.18 26.47 -10.65
C ILE A 258 16.98 25.39 -9.91
N PHE A 259 17.18 24.24 -10.56
CA PHE A 259 17.94 23.15 -9.95
C PHE A 259 19.42 23.23 -10.30
N GLY A 260 19.70 23.90 -11.41
CA GLY A 260 21.06 24.13 -11.87
C GLY A 260 22.05 22.99 -11.90
N SER A 261 23.31 23.31 -11.66
CA SER A 261 24.35 22.30 -11.66
C SER A 261 25.07 22.34 -10.33
N TYR A 262 25.79 21.26 -10.02
CA TYR A 262 26.46 21.15 -8.74
C TYR A 262 27.77 20.37 -8.82
N ASN A 263 28.68 20.70 -7.92
CA ASN A 263 29.99 20.05 -7.85
C ASN A 263 30.34 20.02 -6.36
N ALA A 264 30.23 18.83 -5.77
CA ALA A 264 30.50 18.61 -4.36
C ALA A 264 31.86 19.03 -3.85
N PHE A 265 32.83 19.17 -4.75
CA PHE A 265 34.17 19.54 -4.30
C PHE A 265 34.46 21.06 -4.28
N GLU A 266 33.61 21.82 -4.96
CA GLU A 266 33.74 23.27 -5.03
C GLU A 266 32.93 23.92 -3.90
N PRO A 267 33.62 24.47 -2.89
CA PRO A 267 33.02 25.14 -1.73
C PRO A 267 31.82 26.04 -2.06
N ALA A 268 31.97 26.87 -3.08
CA ALA A 268 30.92 27.80 -3.50
C ALA A 268 29.69 27.11 -4.05
N SER A 269 29.89 25.96 -4.69
CA SER A 269 28.76 25.22 -5.28
C SER A 269 27.83 24.66 -4.20
N ARG A 270 28.42 24.30 -3.07
CA ARG A 270 27.68 23.74 -1.94
C ARG A 270 26.82 24.81 -1.25
N LEU A 271 27.02 26.07 -1.61
CA LEU A 271 26.29 27.17 -0.98
C LEU A 271 25.14 27.77 -1.80
N GLN A 272 24.94 27.27 -3.01
CA GLN A 272 23.87 27.79 -3.86
C GLN A 272 22.46 27.72 -3.28
N GLY A 273 21.62 28.64 -3.73
CA GLY A 273 20.23 28.71 -3.28
C GLY A 273 19.36 27.67 -3.97
N ILE A 274 19.71 26.41 -3.76
CA ILE A 274 18.97 25.29 -4.34
C ILE A 274 18.54 24.37 -3.20
N LYS A 275 17.23 24.24 -3.02
CA LYS A 275 16.67 23.40 -1.96
C LYS A 275 17.13 21.95 -1.98
N LEU A 276 17.31 21.41 -3.19
CA LEU A 276 17.75 20.04 -3.37
C LEU A 276 19.07 19.75 -2.64
N LEU A 277 19.91 20.78 -2.49
CA LEU A 277 21.22 20.61 -1.86
C LEU A 277 21.17 20.24 -0.39
N ASP A 278 20.07 20.59 0.29
CA ASP A 278 19.91 20.25 1.71
C ASP A 278 19.81 18.73 1.84
N ASN A 279 19.11 18.11 0.89
CA ASN A 279 18.90 16.67 0.89
C ASN A 279 20.11 15.85 0.47
N ILE A 280 20.76 16.25 -0.62
CA ILE A 280 21.88 15.47 -1.13
C ILE A 280 23.22 15.60 -0.43
N GLN A 281 23.43 16.66 0.34
CA GLN A 281 24.71 16.84 1.01
C GLN A 281 24.89 16.09 2.33
N GLU A 282 23.79 15.75 2.99
CA GLU A 282 23.87 15.03 4.26
C GLU A 282 24.68 13.75 4.17
N TYR A 283 24.34 12.88 3.21
CA TYR A 283 25.05 11.62 3.00
C TYR A 283 25.89 11.64 1.72
N GLN A 284 25.98 12.82 1.11
CA GLN A 284 26.73 13.03 -0.12
C GLN A 284 26.32 12.05 -1.22
N LEU A 285 25.10 12.24 -1.67
CA LEU A 285 24.47 11.42 -2.70
C LEU A 285 25.09 11.47 -4.09
N CYS A 286 25.99 12.41 -4.32
CA CYS A 286 26.65 12.49 -5.64
C CYS A 286 27.83 13.44 -5.65
N ASP A 287 28.69 13.25 -6.64
CA ASP A 287 29.85 14.11 -6.82
C ASP A 287 29.42 15.34 -7.62
N ASN A 288 28.48 15.13 -8.54
CA ASN A 288 27.98 16.24 -9.35
C ASN A 288 26.71 15.91 -10.12
N PHE A 289 26.02 16.96 -10.52
CA PHE A 289 24.81 16.84 -11.30
C PHE A 289 24.64 18.15 -12.07
N ASN A 290 23.83 18.12 -13.11
CA ASN A 290 23.57 19.30 -13.90
C ASN A 290 22.29 19.10 -14.68
N HIS A 291 21.40 20.08 -14.59
CA HIS A 291 20.14 20.04 -15.31
C HIS A 291 20.33 20.73 -16.67
N PHE A 292 19.45 20.39 -17.60
CA PHE A 292 19.54 20.95 -18.94
C PHE A 292 18.20 20.96 -19.63
N SER A 293 18.08 21.84 -20.62
CA SER A 293 16.88 21.93 -21.44
C SER A 293 17.39 21.97 -22.87
N LEU A 294 17.59 20.77 -23.41
CA LEU A 294 18.07 20.58 -24.77
C LEU A 294 16.92 20.78 -25.75
N SER A 295 17.14 21.65 -26.73
CA SER A 295 16.13 21.94 -27.73
C SER A 295 16.65 21.69 -29.14
N TYR A 296 15.80 21.06 -29.95
CA TYR A 296 16.13 20.75 -31.34
C TYR A 296 14.97 21.21 -32.21
N LYS A 297 15.07 20.93 -33.51
CA LYS A 297 14.04 21.33 -34.46
C LYS A 297 12.66 20.73 -34.16
N ASP A 298 12.58 19.41 -34.03
CA ASP A 298 11.31 18.74 -33.78
C ASP A 298 10.95 18.48 -32.32
N SER A 299 11.95 18.38 -31.46
CA SER A 299 11.69 18.10 -30.05
C SER A 299 12.84 18.52 -29.16
N GLY A 300 12.85 18.01 -27.93
CA GLY A 300 13.90 18.33 -26.97
C GLY A 300 13.81 17.44 -25.75
N LEU A 301 14.78 17.62 -24.85
CA LEU A 301 14.86 16.85 -23.62
C LEU A 301 15.09 17.76 -22.41
N TRP A 302 14.29 17.57 -21.37
CA TRP A 302 14.44 18.34 -20.14
C TRP A 302 14.68 17.34 -19.01
N GLY A 303 15.81 17.46 -18.32
CA GLY A 303 16.12 16.55 -17.24
C GLY A 303 17.47 16.86 -16.63
N PHE A 304 18.14 15.85 -16.11
CA PHE A 304 19.44 16.09 -15.50
C PHE A 304 20.37 14.91 -15.72
N SER A 305 21.64 15.12 -15.41
CA SER A 305 22.66 14.09 -15.50
C SER A 305 23.41 14.15 -14.19
N THR A 306 23.96 13.02 -13.76
CA THR A 306 24.67 13.02 -12.51
C THR A 306 25.72 11.93 -12.46
N ALA A 307 26.72 12.12 -11.60
CA ALA A 307 27.79 11.17 -11.39
C ALA A 307 27.92 10.94 -9.88
N THR A 308 28.13 9.69 -9.48
CA THR A 308 28.26 9.37 -8.05
C THR A 308 29.07 8.13 -7.67
N ARG A 309 29.70 8.19 -6.50
CA ARG A 309 30.47 7.07 -5.97
C ARG A 309 29.69 6.42 -4.81
N ASN A 310 28.55 7.02 -4.48
CA ASN A 310 27.71 6.51 -3.40
C ASN A 310 26.76 5.53 -4.10
N VAL A 311 27.29 4.35 -4.38
CA VAL A 311 26.55 3.34 -5.11
C VAL A 311 25.42 2.61 -4.39
N THR A 312 25.34 2.76 -3.07
CA THR A 312 24.28 2.11 -2.31
C THR A 312 23.13 3.05 -1.96
N MET A 313 23.21 4.29 -2.43
CA MET A 313 22.18 5.28 -2.15
C MET A 313 21.68 6.02 -3.38
N ILE A 314 21.92 5.42 -4.55
CA ILE A 314 21.48 6.00 -5.81
C ILE A 314 19.98 6.23 -5.78
N ASP A 315 19.23 5.37 -5.09
CA ASP A 315 17.78 5.53 -5.03
C ASP A 315 17.37 6.81 -4.32
N ASP A 316 18.18 7.26 -3.35
CA ASP A 316 17.87 8.50 -2.64
C ASP A 316 18.18 9.71 -3.51
N LEU A 317 19.24 9.58 -4.33
CA LEU A 317 19.63 10.65 -5.24
C LEU A 317 18.46 10.91 -6.19
N ILE A 318 17.99 9.85 -6.84
CA ILE A 318 16.89 9.93 -7.79
C ILE A 318 15.59 10.40 -7.14
N HIS A 319 15.31 9.87 -5.95
CA HIS A 319 14.10 10.20 -5.20
C HIS A 319 14.04 11.68 -4.78
N PHE A 320 15.11 12.19 -4.18
CA PHE A 320 15.12 13.59 -3.77
C PHE A 320 15.04 14.55 -4.95
N THR A 321 15.75 14.21 -6.03
CA THR A 321 15.75 15.02 -7.25
C THR A 321 14.35 15.09 -7.87
N LEU A 322 13.68 13.94 -7.95
CA LEU A 322 12.34 13.92 -8.52
C LEU A 322 11.27 14.57 -7.63
N LYS A 323 11.49 14.55 -6.31
CA LYS A 323 10.56 15.20 -5.39
C LYS A 323 10.67 16.73 -5.59
N GLN A 324 11.89 17.22 -5.78
CA GLN A 324 12.08 18.64 -6.03
C GLN A 324 11.36 19.03 -7.33
N TRP A 325 11.54 18.25 -8.41
CA TRP A 325 10.87 18.56 -9.67
C TRP A 325 9.36 18.56 -9.52
N ASN A 326 8.83 17.77 -8.58
CA ASN A 326 7.38 17.73 -8.34
C ASN A 326 6.92 19.12 -7.92
N ARG A 327 7.79 19.80 -7.17
CA ARG A 327 7.49 21.12 -6.67
C ARG A 327 7.12 22.15 -7.74
N LEU A 328 7.74 22.04 -8.92
CA LEU A 328 7.49 22.97 -10.02
C LEU A 328 6.01 23.06 -10.41
N THR A 329 5.27 21.99 -10.17
CA THR A 329 3.85 21.97 -10.51
C THR A 329 2.98 22.49 -9.38
N ILE A 330 3.44 22.31 -8.15
CA ILE A 330 2.64 22.69 -7.01
C ILE A 330 3.10 23.76 -6.03
N SER A 331 4.40 23.91 -5.82
CA SER A 331 4.87 24.87 -4.82
C SER A 331 6.14 25.67 -5.07
N VAL A 332 6.56 25.81 -6.33
CA VAL A 332 7.77 26.60 -6.59
C VAL A 332 7.50 28.04 -6.09
N THR A 333 8.50 28.64 -5.43
CA THR A 333 8.35 29.98 -4.88
C THR A 333 8.82 31.10 -5.80
N ASP A 334 8.34 32.31 -5.51
CA ASP A 334 8.70 33.53 -6.27
C ASP A 334 10.20 33.72 -6.29
N THR A 335 10.82 33.64 -5.13
CA THR A 335 12.26 33.83 -5.06
C THR A 335 13.10 32.80 -5.80
N GLU A 336 12.58 31.57 -5.95
CA GLU A 336 13.30 30.53 -6.70
C GLU A 336 13.28 30.93 -8.17
N VAL A 337 12.11 31.37 -8.63
CA VAL A 337 11.94 31.82 -10.01
C VAL A 337 12.84 33.02 -10.29
N GLU A 338 12.83 34.00 -9.39
CA GLU A 338 13.66 35.20 -9.53
C GLU A 338 15.13 34.87 -9.54
N ARG A 339 15.56 33.91 -8.71
CA ARG A 339 16.97 33.53 -8.68
C ARG A 339 17.33 32.94 -10.03
N ALA A 340 16.40 32.17 -10.61
CA ALA A 340 16.63 31.51 -11.89
C ALA A 340 16.76 32.52 -13.02
N LYS A 341 15.89 33.53 -13.03
CA LYS A 341 15.94 34.57 -14.05
C LYS A 341 17.33 35.21 -14.10
N SER A 342 17.80 35.66 -12.95
CA SER A 342 19.11 36.29 -12.87
C SER A 342 20.23 35.39 -13.36
N LEU A 343 20.20 34.12 -12.95
CA LEU A 343 21.24 33.18 -13.35
C LEU A 343 21.13 32.73 -14.80
N LEU A 344 19.91 32.72 -15.34
CA LEU A 344 19.67 32.32 -16.73
C LEU A 344 20.25 33.41 -17.64
N LYS A 345 20.08 34.68 -17.25
CA LYS A 345 20.59 35.81 -18.01
C LYS A 345 22.10 35.76 -18.04
N LEU A 346 22.70 35.52 -16.88
CA LEU A 346 24.15 35.45 -16.76
C LEU A 346 24.74 34.36 -17.64
N GLN A 347 24.09 33.20 -17.67
CA GLN A 347 24.61 32.10 -18.48
C GLN A 347 24.32 32.29 -19.96
N LEU A 348 23.15 32.82 -20.27
CA LEU A 348 22.75 33.06 -21.65
C LEU A 348 23.63 34.17 -22.24
N GLY A 349 24.05 35.09 -21.37
CA GLY A 349 24.92 36.17 -21.79
C GLY A 349 26.29 35.60 -22.09
N GLN A 350 26.88 34.90 -21.12
CA GLN A 350 28.20 34.29 -21.28
C GLN A 350 28.33 33.39 -22.51
N LEU A 351 27.21 32.90 -23.01
CA LEU A 351 27.22 32.04 -24.20
C LEU A 351 27.18 32.88 -25.47
N TYR A 352 26.13 33.70 -25.59
CA TYR A 352 25.94 34.56 -26.74
C TYR A 352 27.05 35.58 -26.96
N GLU A 353 27.68 36.03 -25.88
CA GLU A 353 28.76 37.01 -26.01
C GLU A 353 30.08 36.61 -25.37
N SER A 354 30.77 35.69 -26.03
CA SER A 354 32.08 35.23 -25.60
C SER A 354 33.10 35.94 -26.49
N GLY A 355 34.37 35.85 -26.12
CA GLY A 355 35.41 36.49 -26.91
C GLY A 355 35.91 35.60 -28.04
N ASN A 356 35.03 34.71 -28.51
CA ASN A 356 35.37 33.77 -29.59
C ASN A 356 34.29 33.76 -30.67
N PRO A 357 34.62 34.27 -31.87
CA PRO A 357 33.74 34.34 -33.02
C PRO A 357 33.25 33.00 -33.57
N VAL A 358 34.03 31.93 -33.38
CA VAL A 358 33.62 30.61 -33.87
C VAL A 358 32.37 30.12 -33.14
N ASN A 359 32.23 30.49 -31.87
CA ASN A 359 31.06 30.10 -31.08
C ASN A 359 29.89 30.92 -31.57
N ASP A 360 30.14 32.20 -31.85
CA ASP A 360 29.11 33.12 -32.33
C ASP A 360 28.53 32.63 -33.65
N ALA A 361 29.39 32.13 -34.52
CA ALA A 361 28.97 31.61 -35.83
C ALA A 361 28.01 30.44 -35.68
N ASN A 362 28.37 29.49 -34.82
CA ASN A 362 27.53 28.32 -34.58
C ASN A 362 26.17 28.70 -34.00
N LEU A 363 26.18 29.66 -33.07
CA LEU A 363 24.94 30.12 -32.44
C LEU A 363 24.04 30.86 -33.44
N LEU A 364 24.66 31.70 -34.26
CA LEU A 364 23.95 32.47 -35.27
C LEU A 364 23.43 31.52 -36.35
N GLY A 365 24.34 30.72 -36.90
CA GLY A 365 23.99 29.79 -37.96
C GLY A 365 22.84 28.86 -37.61
N ALA A 366 22.93 28.20 -36.46
CA ALA A 366 21.91 27.27 -36.00
C ALA A 366 20.54 27.92 -35.85
N GLU A 367 20.51 29.17 -35.41
CA GLU A 367 19.25 29.88 -35.23
C GLU A 367 18.58 30.31 -36.52
N VAL A 368 19.33 30.94 -37.41
CA VAL A 368 18.79 31.41 -38.69
C VAL A 368 18.32 30.28 -39.61
N LEU A 369 18.92 29.09 -39.45
CA LEU A 369 18.54 27.93 -40.25
C LEU A 369 17.15 27.40 -39.89
N ILE A 370 16.76 27.59 -38.63
CA ILE A 370 15.46 27.11 -38.14
C ILE A 370 14.32 28.13 -38.19
N LYS A 371 14.57 29.35 -37.73
CA LYS A 371 13.54 30.38 -37.70
C LYS A 371 13.74 31.52 -38.70
N GLY A 372 14.80 31.44 -39.50
CA GLY A 372 15.08 32.47 -40.49
C GLY A 372 15.59 33.78 -39.91
N SER A 373 15.89 33.79 -38.62
CA SER A 373 16.40 34.99 -37.93
C SER A 373 16.94 34.63 -36.55
N LYS A 374 17.57 35.61 -35.91
CA LYS A 374 18.12 35.41 -34.57
C LYS A 374 17.51 36.40 -33.58
N LEU A 375 17.08 35.88 -32.44
CA LEU A 375 16.49 36.71 -31.39
C LEU A 375 17.66 37.37 -30.67
N SER A 376 17.61 38.70 -30.56
CA SER A 376 18.67 39.46 -29.90
C SER A 376 18.73 39.16 -28.40
N LEU A 377 19.93 39.19 -27.85
CA LEU A 377 20.14 38.91 -26.42
C LEU A 377 19.25 39.78 -25.54
N GLY A 378 19.02 41.02 -25.98
CA GLY A 378 18.17 41.94 -25.24
C GLY A 378 16.71 41.54 -25.32
N GLU A 379 16.33 40.91 -26.43
CA GLU A 379 14.96 40.45 -26.62
C GLU A 379 14.67 39.25 -25.72
N ALA A 380 15.68 38.41 -25.54
CA ALA A 380 15.56 37.22 -24.70
C ALA A 380 15.26 37.63 -23.26
N PHE A 381 16.07 38.55 -22.74
CA PHE A 381 15.92 39.05 -21.37
C PHE A 381 14.53 39.58 -21.12
N LYS A 382 13.91 40.17 -22.14
CA LYS A 382 12.55 40.68 -21.96
C LYS A 382 11.59 39.52 -21.73
N LYS A 383 11.80 38.43 -22.47
CA LYS A 383 10.96 37.24 -22.35
C LYS A 383 11.21 36.53 -21.01
N ILE A 384 12.48 36.47 -20.62
CA ILE A 384 12.87 35.83 -19.37
C ILE A 384 12.25 36.54 -18.17
N ASP A 385 12.39 37.86 -18.11
CA ASP A 385 11.83 38.64 -17.00
C ASP A 385 10.31 38.58 -16.92
N ALA A 386 9.67 38.24 -18.03
CA ALA A 386 8.20 38.18 -18.09
C ALA A 386 7.59 36.88 -17.55
N ILE A 387 8.44 35.90 -17.25
CA ILE A 387 7.99 34.62 -16.73
C ILE A 387 7.54 34.71 -15.27
N THR A 388 6.35 34.18 -14.99
CA THR A 388 5.79 34.18 -13.64
C THR A 388 5.75 32.76 -13.08
N VAL A 389 5.49 32.66 -11.78
CA VAL A 389 5.39 31.36 -11.12
C VAL A 389 4.28 30.57 -11.79
N LYS A 390 3.21 31.27 -12.18
CA LYS A 390 2.09 30.62 -12.85
C LYS A 390 2.51 29.98 -14.16
N ASP A 391 3.48 30.58 -14.84
CA ASP A 391 3.95 30.04 -16.11
C ASP A 391 4.68 28.72 -15.87
N VAL A 392 5.65 28.74 -14.95
CA VAL A 392 6.43 27.56 -14.60
C VAL A 392 5.52 26.39 -14.18
N LYS A 393 4.50 26.70 -13.38
CA LYS A 393 3.56 25.68 -12.91
C LYS A 393 2.76 25.05 -14.05
N ALA A 394 2.31 25.89 -14.98
CA ALA A 394 1.53 25.42 -16.12
C ALA A 394 2.39 24.55 -17.02
N TRP A 395 3.66 24.93 -17.14
CA TRP A 395 4.61 24.19 -17.97
C TRP A 395 4.91 22.83 -17.34
N ALA A 396 5.29 22.85 -16.07
CA ALA A 396 5.61 21.64 -15.31
C ALA A 396 4.44 20.66 -15.26
N GLY A 397 3.24 21.20 -15.08
CA GLY A 397 2.05 20.37 -15.01
C GLY A 397 1.73 19.67 -16.32
N LYS A 398 2.42 20.07 -17.37
CA LYS A 398 2.21 19.52 -18.70
C LYS A 398 3.39 18.65 -19.13
N ARG A 399 4.59 19.07 -18.78
CA ARG A 399 5.81 18.35 -19.15
C ARG A 399 6.45 17.41 -18.12
N LEU A 400 6.28 17.71 -16.83
CA LEU A 400 6.88 16.90 -15.77
C LEU A 400 5.93 16.01 -14.97
N TRP A 401 4.76 16.54 -14.60
CA TRP A 401 3.80 15.82 -13.78
C TRP A 401 3.16 14.56 -14.37
N ASP A 402 3.50 13.42 -13.78
CA ASP A 402 2.98 12.11 -14.20
C ASP A 402 3.20 11.89 -15.69
N GLN A 403 4.43 12.12 -16.13
CA GLN A 403 4.81 11.97 -17.52
C GLN A 403 5.91 10.92 -17.63
N ASP A 404 5.96 10.24 -18.77
CA ASP A 404 6.97 9.22 -19.02
C ASP A 404 8.34 9.85 -18.98
N ILE A 405 9.34 9.04 -18.70
CA ILE A 405 10.72 9.52 -18.64
C ILE A 405 11.60 8.61 -19.48
N ALA A 406 12.83 9.06 -19.69
CA ALA A 406 13.80 8.30 -20.45
C ALA A 406 15.01 8.24 -19.54
N ILE A 407 15.61 7.06 -19.44
CA ILE A 407 16.77 6.87 -18.56
C ILE A 407 17.92 6.17 -19.28
N ALA A 408 19.15 6.53 -18.91
CA ALA A 408 20.33 5.93 -19.46
C ALA A 408 21.41 5.97 -18.39
N GLY A 409 22.22 4.93 -18.28
CA GLY A 409 23.26 4.94 -17.27
C GLY A 409 24.35 3.92 -17.52
N THR A 410 25.51 4.11 -16.89
CA THR A 410 26.61 3.18 -17.04
C THR A 410 27.39 3.14 -15.73
N GLY A 411 28.27 2.18 -15.57
CA GLY A 411 29.02 2.06 -14.34
C GLY A 411 28.27 1.18 -13.34
N GLN A 412 28.52 1.42 -12.06
CA GLN A 412 27.89 0.65 -10.99
C GLN A 412 26.44 1.09 -10.72
N ILE A 413 25.55 0.76 -11.64
CA ILE A 413 24.14 1.13 -11.53
C ILE A 413 23.20 0.04 -10.99
N GLU A 414 23.73 -0.89 -10.21
CA GLU A 414 22.88 -1.93 -9.63
C GLU A 414 21.84 -1.28 -8.69
N GLY A 415 22.26 -0.20 -8.03
CA GLY A 415 21.38 0.50 -7.12
C GLY A 415 20.32 1.39 -7.76
N LEU A 416 20.39 1.57 -9.07
CA LEU A 416 19.40 2.39 -9.77
C LEU A 416 18.20 1.47 -9.89
N LEU A 417 17.11 1.82 -9.22
CA LEU A 417 15.92 0.98 -9.25
C LEU A 417 15.23 0.86 -10.61
N ASP A 418 14.28 -0.05 -10.69
CA ASP A 418 13.51 -0.30 -11.91
C ASP A 418 12.80 0.94 -12.44
N TYR A 419 12.40 0.87 -13.70
CA TYR A 419 11.72 1.96 -14.37
C TYR A 419 10.50 2.47 -13.62
N MET A 420 9.55 1.59 -13.34
CA MET A 420 8.32 1.97 -12.65
C MET A 420 8.47 2.71 -11.32
N ARG A 421 9.54 2.41 -10.59
CA ARG A 421 9.81 3.07 -9.32
C ARG A 421 10.20 4.52 -9.57
N ILE A 422 11.00 4.72 -10.61
CA ILE A 422 11.44 6.07 -10.97
C ILE A 422 10.24 6.83 -11.52
N ARG A 423 9.51 6.18 -12.43
CA ARG A 423 8.34 6.78 -13.07
C ARG A 423 7.25 7.19 -12.07
N SER A 424 7.07 6.40 -11.02
CA SER A 424 6.06 6.71 -9.99
C SER A 424 6.39 8.02 -9.25
N ASP A 425 7.68 8.33 -9.14
CA ASP A 425 8.10 9.55 -8.47
C ASP A 425 7.86 10.84 -9.28
N MET A 426 7.29 10.72 -10.48
CA MET A 426 7.01 11.90 -11.29
C MET A 426 5.75 12.60 -10.80
N SER A 427 5.25 12.19 -9.65
CA SER A 427 4.06 12.79 -9.05
C SER A 427 3.98 12.50 -7.56
N MET A 428 2.91 12.97 -6.93
CA MET A 428 2.70 12.78 -5.50
C MET A 428 1.24 12.41 -5.21
N MET A 429 1.05 11.69 -4.11
CA MET A 429 -0.27 11.28 -3.66
C MET A 429 -0.95 12.53 -3.07
N ARG A 430 -2.26 12.61 -3.22
CA ARG A 430 -3.03 13.74 -2.69
C ARG A 430 -4.48 13.33 -2.44
N TRP A 431 -5.18 14.09 -1.60
CA TRP A 431 -6.58 13.79 -1.30
C TRP A 431 -7.50 14.24 -2.45
N LEU B 1 48.53 50.44 -8.47
CA LEU B 1 47.04 50.42 -8.55
C LEU B 1 46.59 50.86 -9.93
N THR B 2 46.95 50.06 -10.93
CA THR B 2 46.60 50.34 -12.32
C THR B 2 45.16 49.91 -12.57
N VAL B 3 44.29 50.86 -12.89
CA VAL B 3 42.87 50.55 -13.15
C VAL B 3 42.53 50.62 -14.63
N SER B 4 42.58 49.48 -15.30
CA SER B 4 42.27 49.38 -16.73
C SER B 4 40.77 49.13 -16.96
N ALA B 5 40.35 49.17 -18.21
CA ALA B 5 38.95 48.95 -18.58
C ALA B 5 38.77 49.00 -20.10
N ARG B 6 37.53 48.80 -20.55
CA ARG B 6 37.17 48.83 -21.97
C ARG B 6 35.68 48.58 -22.14
N ASP B 7 34.92 49.65 -22.35
CA ASP B 7 33.47 49.55 -22.51
C ASP B 7 33.04 48.88 -23.83
N ALA B 8 31.76 48.57 -23.92
CA ALA B 8 31.15 47.92 -25.09
C ALA B 8 29.62 47.90 -24.91
N PRO B 9 28.88 47.69 -26.02
CA PRO B 9 27.41 47.66 -25.97
C PRO B 9 26.81 46.31 -25.51
N THR B 10 27.63 45.45 -24.92
CA THR B 10 27.18 44.15 -24.46
C THR B 10 26.59 44.19 -23.04
N LYS B 11 25.86 43.14 -22.66
CA LYS B 11 25.21 43.07 -21.35
C LYS B 11 25.97 42.42 -20.19
N ILE B 12 27.07 41.74 -20.49
CA ILE B 12 27.85 41.06 -19.45
C ILE B 12 29.21 41.72 -19.23
N SER B 13 29.44 42.18 -18.00
CA SER B 13 30.71 42.81 -17.64
C SER B 13 31.53 41.82 -16.84
N THR B 14 32.83 42.08 -16.72
CA THR B 14 33.70 41.18 -15.97
C THR B 14 34.88 41.86 -15.28
N LEU B 15 34.69 42.12 -13.99
CA LEU B 15 35.72 42.76 -13.16
C LEU B 15 36.78 41.70 -12.85
N ALA B 16 38.03 42.13 -12.65
CA ALA B 16 39.11 41.20 -12.35
C ALA B 16 40.27 41.90 -11.65
N VAL B 17 40.70 41.34 -10.52
CA VAL B 17 41.79 41.91 -9.76
C VAL B 17 43.00 40.99 -9.80
N LYS B 18 43.90 41.24 -10.75
CA LYS B 18 45.11 40.44 -10.87
C LYS B 18 46.02 40.83 -9.71
N VAL B 19 46.70 39.85 -9.14
CA VAL B 19 47.59 40.11 -8.01
C VAL B 19 48.83 39.22 -8.12
N HIS B 20 49.99 39.84 -8.02
CA HIS B 20 51.24 39.11 -8.12
C HIS B 20 51.53 38.29 -6.87
N GLY B 21 50.86 37.14 -6.78
CA GLY B 21 51.03 36.27 -5.63
C GLY B 21 51.01 34.78 -5.93
N GLY B 22 51.35 34.40 -7.16
CA GLY B 22 51.38 33.00 -7.54
C GLY B 22 52.51 32.25 -6.85
N SER B 23 52.73 31.00 -7.28
CA SER B 23 53.78 30.18 -6.68
C SER B 23 55.18 30.77 -6.82
N ARG B 24 55.34 31.67 -7.80
CA ARG B 24 56.61 32.33 -8.06
C ARG B 24 57.12 33.05 -6.81
N TYR B 25 56.24 33.82 -6.18
CA TYR B 25 56.58 34.57 -4.98
C TYR B 25 55.94 33.92 -3.74
N ALA B 26 56.20 32.64 -3.51
CA ALA B 26 55.60 31.95 -2.37
C ALA B 26 56.59 31.60 -1.25
N THR B 27 56.31 32.11 -0.06
CA THR B 27 57.15 31.88 1.11
C THR B 27 57.29 30.40 1.51
N LYS B 28 56.17 29.69 1.53
CA LYS B 28 56.16 28.26 1.86
C LYS B 28 55.42 27.50 0.76
N ASP B 29 55.77 26.22 0.59
CA ASP B 29 55.17 25.38 -0.44
C ASP B 29 53.64 25.29 -0.41
N GLY B 30 53.03 25.73 -1.51
CA GLY B 30 51.58 25.69 -1.64
C GLY B 30 50.77 26.77 -0.94
N VAL B 31 51.43 27.65 -0.21
CA VAL B 31 50.73 28.72 0.50
C VAL B 31 49.91 29.60 -0.42
N ALA B 32 50.39 29.81 -1.63
CA ALA B 32 49.68 30.62 -2.60
C ALA B 32 48.41 29.87 -2.99
N HIS B 33 48.53 28.54 -3.06
CA HIS B 33 47.41 27.66 -3.40
C HIS B 33 46.33 27.80 -2.33
N LEU B 34 46.72 27.64 -1.07
CA LEU B 34 45.80 27.75 0.06
C LEU B 34 45.08 29.10 0.13
N LEU B 35 45.82 30.18 -0.16
CA LEU B 35 45.23 31.51 -0.11
C LEU B 35 44.23 31.67 -1.24
N ASN B 36 44.56 31.13 -2.41
CA ASN B 36 43.66 31.20 -3.56
C ASN B 36 42.38 30.43 -3.25
N ARG B 37 42.53 29.33 -2.52
CA ARG B 37 41.42 28.49 -2.11
C ARG B 37 40.63 29.17 -0.97
N PHE B 38 41.31 30.07 -0.25
CA PHE B 38 40.69 30.81 0.86
C PHE B 38 39.88 32.02 0.40
N ASN B 39 40.09 32.48 -0.83
CA ASN B 39 39.33 33.62 -1.34
C ASN B 39 37.86 33.29 -1.49
N PHE B 40 37.03 34.25 -1.11
CA PHE B 40 35.57 34.15 -1.18
C PHE B 40 34.95 33.35 -0.04
N GLN B 41 35.77 33.09 0.99
CA GLN B 41 35.30 32.42 2.18
C GLN B 41 34.64 33.54 3.00
N ASN B 42 34.69 33.45 4.32
CA ASN B 42 34.07 34.50 5.14
C ASN B 42 34.91 35.76 5.29
N THR B 43 34.23 36.91 5.18
CA THR B 43 34.88 38.21 5.40
C THR B 43 34.40 38.58 6.80
N ASN B 44 34.81 39.73 7.31
CA ASN B 44 34.39 40.15 8.64
C ASN B 44 32.97 40.70 8.69
N THR B 45 32.37 40.99 7.53
CA THR B 45 31.02 41.52 7.50
C THR B 45 30.03 40.70 6.66
N ARG B 46 30.56 39.84 5.81
CA ARG B 46 29.74 39.02 4.91
C ARG B 46 30.25 37.58 4.92
N SER B 47 29.35 36.63 5.11
CA SER B 47 29.74 35.21 5.12
C SER B 47 29.75 34.69 3.69
N ALA B 48 30.55 33.66 3.44
CA ALA B 48 30.66 33.04 2.12
C ALA B 48 29.27 32.69 1.61
N LEU B 49 28.42 32.21 2.52
CA LEU B 49 27.05 31.84 2.16
C LEU B 49 26.25 33.03 1.62
N LYS B 50 26.23 34.13 2.38
CA LYS B 50 25.50 35.34 1.98
C LYS B 50 25.99 35.93 0.66
N LEU B 51 27.31 35.92 0.47
CA LEU B 51 27.91 36.44 -0.75
C LEU B 51 27.31 35.74 -1.96
N VAL B 52 27.27 34.41 -1.90
CA VAL B 52 26.72 33.58 -2.95
C VAL B 52 25.23 33.82 -3.11
N ARG B 53 24.51 33.80 -2.01
CA ARG B 53 23.08 34.01 -2.07
C ARG B 53 22.71 35.37 -2.66
N GLU B 54 23.47 36.40 -2.30
CA GLU B 54 23.23 37.76 -2.82
C GLU B 54 23.58 37.87 -4.30
N SER B 55 24.79 37.44 -4.66
CA SER B 55 25.22 37.50 -6.04
C SER B 55 24.32 36.73 -6.99
N GLU B 56 23.76 35.62 -6.53
CA GLU B 56 22.87 34.81 -7.36
C GLU B 56 21.60 35.59 -7.70
N LEU B 57 21.04 36.28 -6.72
CA LEU B 57 19.83 37.08 -6.94
C LEU B 57 20.09 38.26 -7.88
N LEU B 58 21.31 38.79 -7.83
CA LEU B 58 21.69 39.92 -8.70
C LEU B 58 21.92 39.39 -10.12
N GLY B 59 22.70 38.32 -10.19
CA GLY B 59 23.00 37.71 -11.48
C GLY B 59 24.48 37.77 -11.79
N GLY B 60 25.31 37.26 -10.89
CA GLY B 60 26.74 37.28 -11.10
C GLY B 60 27.45 36.24 -10.25
N THR B 61 28.61 35.78 -10.72
CA THR B 61 29.39 34.78 -9.97
C THR B 61 30.83 35.25 -9.72
N PHE B 62 31.50 34.55 -8.81
CA PHE B 62 32.88 34.86 -8.47
C PHE B 62 33.75 33.66 -8.79
N LYS B 63 35.06 33.86 -8.80
CA LYS B 63 36.01 32.80 -9.11
C LYS B 63 37.43 33.30 -8.81
N SER B 64 38.26 32.43 -8.26
CA SER B 64 39.64 32.79 -7.91
C SER B 64 40.63 31.79 -8.48
N THR B 65 41.31 32.20 -9.56
CA THR B 65 42.29 31.36 -10.25
C THR B 65 43.73 31.56 -9.78
N LEU B 66 44.53 30.51 -9.88
CA LEU B 66 45.93 30.53 -9.48
C LEU B 66 46.85 30.27 -10.67
N ASP B 67 47.92 31.06 -10.76
CA ASP B 67 48.92 30.96 -11.82
C ASP B 67 50.26 30.66 -11.17
N ARG B 68 51.29 30.61 -11.99
CA ARG B 68 52.63 30.39 -11.47
C ARG B 68 53.12 31.77 -10.99
N GLU B 69 52.46 32.82 -11.47
CA GLU B 69 52.80 34.20 -11.12
C GLU B 69 51.66 34.99 -10.49
N TYR B 70 50.44 34.81 -10.99
CA TYR B 70 49.29 35.55 -10.49
C TYR B 70 48.31 34.79 -9.59
N ILE B 71 47.33 35.55 -9.08
CA ILE B 71 46.22 35.09 -8.25
C ILE B 71 45.15 36.09 -8.67
N THR B 72 44.28 35.66 -9.58
CA THR B 72 43.23 36.54 -10.09
C THR B 72 41.86 36.32 -9.45
N LEU B 73 41.27 37.41 -8.96
CA LEU B 73 39.94 37.36 -8.36
C LEU B 73 38.98 37.99 -9.35
N LYS B 74 38.45 37.16 -10.25
CA LYS B 74 37.52 37.61 -11.29
C LYS B 74 36.07 37.55 -10.85
N ALA B 75 35.22 38.37 -11.47
CA ALA B 75 33.80 38.43 -11.15
C ALA B 75 32.98 38.78 -12.38
N THR B 76 32.21 37.81 -12.88
CA THR B 76 31.38 37.98 -14.06
C THR B 76 29.97 38.34 -13.59
N PHE B 77 29.33 39.30 -14.26
CA PHE B 77 28.00 39.73 -13.85
C PHE B 77 27.27 40.58 -14.89
N LEU B 78 26.10 41.06 -14.52
CA LEU B 78 25.30 41.92 -15.40
C LEU B 78 25.83 43.35 -15.23
N LYS B 79 26.14 43.98 -16.37
CA LYS B 79 26.70 45.34 -16.46
C LYS B 79 26.40 46.39 -15.39
N ASP B 80 25.13 46.77 -15.24
CA ASP B 80 24.72 47.80 -14.28
C ASP B 80 24.95 47.57 -12.80
N ASP B 81 25.31 46.35 -12.40
CA ASP B 81 25.52 46.05 -10.98
C ASP B 81 26.98 46.19 -10.56
N LEU B 82 27.75 46.89 -11.37
CA LEU B 82 29.18 47.12 -11.16
C LEU B 82 29.68 47.43 -9.74
N PRO B 83 29.10 48.44 -9.06
CA PRO B 83 29.55 48.79 -7.70
C PRO B 83 29.59 47.63 -6.70
N TYR B 84 28.56 46.78 -6.71
CA TYR B 84 28.47 45.65 -5.80
C TYR B 84 29.69 44.74 -5.85
N TYR B 85 30.07 44.34 -7.06
CA TYR B 85 31.20 43.45 -7.26
C TYR B 85 32.55 44.09 -6.96
N VAL B 86 32.62 45.41 -7.10
CA VAL B 86 33.86 46.15 -6.81
C VAL B 86 34.09 46.06 -5.30
N ASN B 87 33.04 46.31 -4.53
CA ASN B 87 33.13 46.25 -3.07
C ASN B 87 33.28 44.83 -2.54
N ALA B 88 32.73 43.85 -3.26
CA ALA B 88 32.83 42.46 -2.85
C ALA B 88 34.30 42.05 -2.93
N LEU B 89 34.93 42.36 -4.06
CA LEU B 89 36.34 42.05 -4.28
C LEU B 89 37.21 42.81 -3.29
N ALA B 90 36.81 44.04 -2.98
CA ALA B 90 37.52 44.88 -2.03
C ALA B 90 37.50 44.20 -0.65
N ASP B 91 36.31 43.78 -0.25
CA ASP B 91 36.11 43.10 1.03
C ASP B 91 37.02 41.90 1.22
N VAL B 92 37.11 41.07 0.20
CA VAL B 92 37.94 39.86 0.25
C VAL B 92 39.41 40.20 0.47
N LEU B 93 39.91 41.14 -0.32
CA LEU B 93 41.31 41.57 -0.26
C LEU B 93 41.66 42.24 1.06
N TYR B 94 40.74 43.03 1.59
CA TYR B 94 40.98 43.76 2.83
C TYR B 94 40.66 43.05 4.14
N LYS B 95 39.58 42.25 4.17
CA LYS B 95 39.20 41.61 5.42
C LYS B 95 38.56 40.22 5.43
N THR B 96 39.28 39.20 4.95
CA THR B 96 38.74 37.84 5.01
C THR B 96 39.06 37.35 6.41
N ALA B 97 38.05 36.76 7.07
CA ALA B 97 38.17 36.28 8.44
C ALA B 97 39.31 35.31 8.78
N PHE B 98 39.55 34.34 7.90
CA PHE B 98 40.60 33.34 8.12
C PHE B 98 40.36 32.53 9.40
N LYS B 99 39.12 32.06 9.59
CA LYS B 99 38.78 31.27 10.78
C LYS B 99 39.42 29.88 10.69
N PRO B 100 39.94 29.35 11.81
CA PRO B 100 40.58 28.03 11.84
C PRO B 100 39.69 26.90 11.31
N HIS B 101 38.38 27.00 11.55
CA HIS B 101 37.47 25.97 11.10
C HIS B 101 37.21 26.03 9.61
N GLU B 102 37.40 27.22 9.02
CA GLU B 102 37.21 27.39 7.58
C GLU B 102 38.37 26.69 6.88
N LEU B 103 39.52 26.68 7.54
CA LEU B 103 40.70 26.05 7.00
C LEU B 103 40.45 24.54 6.90
N THR B 104 40.14 23.92 8.04
CA THR B 104 39.90 22.48 8.12
C THR B 104 38.67 21.93 7.39
N GLU B 105 37.61 22.71 7.33
CA GLU B 105 36.38 22.28 6.69
C GLU B 105 36.18 22.59 5.23
N SER B 106 36.79 23.65 4.72
CA SER B 106 36.61 24.03 3.32
C SER B 106 37.86 24.21 2.47
N VAL B 107 38.88 24.84 3.05
CA VAL B 107 40.12 25.12 2.34
C VAL B 107 40.99 23.89 2.10
N LEU B 108 41.33 23.18 3.17
CA LEU B 108 42.16 21.98 3.04
C LEU B 108 41.53 20.92 2.13
N PRO B 109 40.23 20.63 2.30
CA PRO B 109 39.58 19.62 1.44
C PRO B 109 39.62 20.02 -0.02
N ALA B 110 39.25 21.27 -0.31
CA ALA B 110 39.23 21.79 -1.67
C ALA B 110 40.63 21.74 -2.30
N ALA B 111 41.64 22.01 -1.50
CA ALA B 111 43.02 21.98 -1.96
C ALA B 111 43.51 20.55 -2.19
N ARG B 112 43.05 19.63 -1.33
CA ARG B 112 43.44 18.21 -1.44
C ARG B 112 42.88 17.63 -2.74
N TYR B 113 41.69 18.07 -3.12
CA TYR B 113 41.02 17.64 -4.34
C TYR B 113 41.78 18.19 -5.55
N ASP B 114 42.24 19.43 -5.45
CA ASP B 114 43.00 20.07 -6.53
C ASP B 114 44.27 19.25 -6.79
N TYR B 115 45.00 18.95 -5.73
CA TYR B 115 46.23 18.18 -5.84
C TYR B 115 45.96 16.78 -6.36
N ALA B 116 44.80 16.22 -6.02
CA ALA B 116 44.43 14.88 -6.44
C ALA B 116 44.18 14.80 -7.94
N VAL B 117 43.48 15.79 -8.48
CA VAL B 117 43.17 15.86 -9.91
C VAL B 117 44.46 15.97 -10.74
N ALA B 118 45.37 16.82 -10.27
CA ALA B 118 46.65 17.04 -10.94
C ALA B 118 47.63 15.88 -10.77
N GLU B 119 47.51 15.16 -9.67
CA GLU B 119 48.39 14.02 -9.38
C GLU B 119 48.16 12.85 -10.34
N GLN B 120 47.01 12.87 -11.03
CA GLN B 120 46.67 11.79 -11.95
C GLN B 120 46.88 12.08 -13.44
N CYS B 121 47.33 13.30 -13.76
CA CYS B 121 47.61 13.69 -15.15
C CYS B 121 49.13 13.76 -15.32
N PRO B 122 49.72 12.81 -16.07
CA PRO B 122 51.16 12.74 -16.33
C PRO B 122 51.82 13.95 -16.99
N VAL B 123 51.08 14.68 -17.82
CA VAL B 123 51.64 15.86 -18.48
C VAL B 123 51.90 16.96 -17.46
N LYS B 124 50.99 17.12 -16.50
CA LYS B 124 51.12 18.13 -15.46
C LYS B 124 52.22 17.78 -14.46
N SER B 125 52.42 16.48 -14.24
CA SER B 125 53.46 16.01 -13.33
C SER B 125 54.79 16.36 -13.98
N ALA B 126 54.81 16.30 -15.31
CA ALA B 126 55.98 16.60 -16.11
C ALA B 126 56.22 18.11 -16.12
N GLU B 127 55.18 18.87 -16.48
CA GLU B 127 55.26 20.33 -16.53
C GLU B 127 55.78 20.91 -15.22
N ASP B 128 55.44 20.26 -14.11
CA ASP B 128 55.91 20.71 -12.81
C ASP B 128 57.38 20.39 -12.67
N GLN B 129 57.77 19.19 -13.09
CA GLN B 129 59.17 18.75 -13.02
C GLN B 129 60.04 19.61 -13.91
N LEU B 130 59.47 20.09 -15.01
CA LEU B 130 60.18 20.94 -15.95
C LEU B 130 60.57 22.26 -15.27
N TYR B 131 59.60 22.92 -14.67
CA TYR B 131 59.85 24.19 -13.96
C TYR B 131 60.84 24.04 -12.82
N ALA B 132 60.69 22.98 -12.04
CA ALA B 132 61.56 22.72 -10.89
C ALA B 132 63.04 22.54 -11.23
N ILE B 133 63.33 22.03 -12.42
CA ILE B 133 64.72 21.83 -12.82
C ILE B 133 65.32 23.03 -13.57
N THR B 134 64.51 23.70 -14.40
CA THR B 134 65.00 24.87 -15.12
C THR B 134 65.25 25.97 -14.10
N PHE B 135 64.18 26.49 -13.50
CA PHE B 135 64.26 27.53 -12.48
C PHE B 135 64.24 26.79 -11.14
N ARG B 136 65.43 26.45 -10.63
CA ARG B 136 65.54 25.70 -9.39
C ARG B 136 64.92 26.22 -8.09
N LYS B 137 64.24 27.38 -8.12
CA LYS B 137 63.62 27.92 -6.92
C LYS B 137 62.76 29.15 -7.11
N GLY B 138 62.68 29.66 -8.33
CA GLY B 138 61.88 30.84 -8.60
C GLY B 138 60.49 30.46 -9.07
N LEU B 139 60.37 30.19 -10.36
CA LEU B 139 59.12 29.77 -10.98
C LEU B 139 59.08 28.26 -10.86
N GLY B 140 60.14 27.69 -10.30
CA GLY B 140 60.23 26.26 -10.11
C GLY B 140 59.63 25.83 -8.78
N ASN B 141 58.91 26.75 -8.15
CA ASN B 141 58.26 26.49 -6.88
C ASN B 141 56.99 25.69 -7.15
N PRO B 142 56.67 24.74 -6.25
CA PRO B 142 55.48 23.89 -6.35
C PRO B 142 54.23 24.75 -6.48
N LEU B 143 53.43 24.48 -7.50
CA LEU B 143 52.21 25.23 -7.74
C LEU B 143 51.13 24.96 -6.68
N LEU B 144 50.87 23.69 -6.40
CA LEU B 144 49.84 23.31 -5.44
C LEU B 144 50.38 22.78 -4.12
N TYR B 145 49.56 22.84 -3.08
CA TYR B 145 49.91 22.37 -1.74
C TYR B 145 49.84 20.84 -1.63
N ASP B 146 50.86 20.24 -1.03
CA ASP B 146 50.89 18.79 -0.85
C ASP B 146 51.36 18.33 0.53
N GLY B 147 51.53 19.30 1.44
CA GLY B 147 51.94 18.99 2.79
C GLY B 147 53.36 18.62 3.12
N VAL B 148 54.31 18.74 2.18
CA VAL B 148 55.70 18.39 2.48
C VAL B 148 56.28 19.25 3.59
N GLU B 149 55.89 20.53 3.62
CA GLU B 149 56.34 21.41 4.70
C GLU B 149 55.10 22.05 5.35
N ARG B 150 55.14 22.16 6.67
CA ARG B 150 54.04 22.71 7.47
C ARG B 150 53.58 24.08 6.96
N VAL B 151 52.27 24.31 7.05
CA VAL B 151 51.66 25.58 6.65
C VAL B 151 50.49 25.80 7.60
N SER B 152 50.68 26.68 8.58
CA SER B 152 49.64 26.99 9.55
C SER B 152 48.72 28.06 9.01
N LEU B 153 47.67 28.37 9.76
CA LEU B 153 46.69 29.38 9.39
C LEU B 153 47.40 30.73 9.35
N GLN B 154 48.38 30.89 10.23
CA GLN B 154 49.17 32.11 10.33
C GLN B 154 49.99 32.37 9.07
N ASP B 155 50.64 31.32 8.56
CA ASP B 155 51.44 31.43 7.34
C ASP B 155 50.59 31.92 6.16
N ILE B 156 49.34 31.48 6.10
CA ILE B 156 48.42 31.89 5.03
C ILE B 156 48.05 33.35 5.24
N LYS B 157 47.98 33.76 6.51
CA LYS B 157 47.64 35.12 6.86
C LYS B 157 48.80 36.06 6.53
N ASP B 158 50.00 35.66 6.92
CA ASP B 158 51.21 36.44 6.66
C ASP B 158 51.39 36.66 5.17
N PHE B 159 51.20 35.60 4.38
CA PHE B 159 51.34 35.68 2.93
C PHE B 159 50.31 36.61 2.31
N ALA B 160 49.12 36.64 2.88
CA ALA B 160 48.06 37.51 2.36
C ALA B 160 48.44 38.97 2.63
N ASP B 161 49.16 39.19 3.73
CA ASP B 161 49.61 40.52 4.12
C ASP B 161 50.62 41.08 3.11
N LYS B 162 51.55 40.23 2.70
CA LYS B 162 52.58 40.61 1.74
C LYS B 162 52.01 40.86 0.35
N VAL B 163 51.30 39.87 -0.16
CA VAL B 163 50.71 39.89 -1.50
C VAL B 163 49.54 40.84 -1.76
N TYR B 164 48.64 41.01 -0.78
CA TYR B 164 47.49 41.90 -0.96
C TYR B 164 47.77 43.34 -0.57
N THR B 165 48.38 44.08 -1.51
CA THR B 165 48.73 45.49 -1.31
C THR B 165 48.48 46.27 -2.60
N LYS B 166 48.26 47.58 -2.48
CA LYS B 166 48.00 48.43 -3.65
C LYS B 166 49.13 48.46 -4.67
N GLU B 167 50.36 48.33 -4.20
CA GLU B 167 51.52 48.34 -5.08
C GLU B 167 51.83 46.97 -5.70
N ASN B 168 50.99 45.98 -5.43
CA ASN B 168 51.22 44.64 -5.96
C ASN B 168 50.02 44.06 -6.70
N LEU B 169 49.00 44.87 -6.92
CA LEU B 169 47.80 44.42 -7.62
C LEU B 169 47.37 45.37 -8.72
N GLU B 170 46.49 44.89 -9.60
CA GLU B 170 45.99 45.68 -10.72
C GLU B 170 44.53 45.36 -11.01
N VAL B 171 43.67 46.37 -10.94
CA VAL B 171 42.25 46.19 -11.24
C VAL B 171 42.11 46.21 -12.76
N SER B 172 41.26 45.34 -13.29
CA SER B 172 41.05 45.26 -14.74
C SER B 172 39.63 44.81 -15.06
N GLY B 173 38.79 45.75 -15.45
CA GLY B 173 37.41 45.42 -15.77
C GLY B 173 37.11 45.43 -17.25
N GLU B 174 36.76 44.27 -17.79
CA GLU B 174 36.41 44.14 -19.20
C GLU B 174 34.92 44.47 -19.37
N ASN B 175 34.61 45.25 -20.40
CA ASN B 175 33.24 45.67 -20.70
C ASN B 175 32.69 46.58 -19.61
N VAL B 176 33.54 47.49 -19.14
CA VAL B 176 33.20 48.43 -18.08
C VAL B 176 33.63 49.85 -18.44
N VAL B 177 32.83 50.84 -18.02
CA VAL B 177 33.15 52.24 -18.26
C VAL B 177 34.24 52.68 -17.29
N GLU B 178 35.43 52.92 -17.83
CA GLU B 178 36.61 53.33 -17.05
C GLU B 178 36.33 54.47 -16.06
N ALA B 179 35.42 55.36 -16.45
CA ALA B 179 35.04 56.50 -15.62
C ALA B 179 34.50 56.05 -14.27
N ASP B 180 33.42 55.28 -14.30
CA ASP B 180 32.79 54.76 -13.09
C ASP B 180 33.67 53.78 -12.34
N LEU B 181 34.44 52.97 -13.08
CA LEU B 181 35.32 51.98 -12.46
C LEU B 181 36.35 52.64 -11.56
N LYS B 182 37.10 53.60 -12.09
CA LYS B 182 38.12 54.30 -11.31
C LYS B 182 37.50 54.97 -10.09
N ARG B 183 36.30 55.53 -10.30
CA ARG B 183 35.54 56.20 -9.26
C ARG B 183 35.22 55.25 -8.11
N PHE B 184 34.62 54.10 -8.43
CA PHE B 184 34.25 53.10 -7.43
C PHE B 184 35.43 52.45 -6.73
N VAL B 185 36.51 52.24 -7.46
CA VAL B 185 37.73 51.63 -6.89
C VAL B 185 38.29 52.52 -5.78
N ASP B 186 38.35 53.82 -6.03
CA ASP B 186 38.86 54.79 -5.07
C ASP B 186 37.84 55.08 -3.97
N GLU B 187 36.57 54.83 -4.27
CA GLU B 187 35.48 55.04 -3.33
C GLU B 187 35.24 53.79 -2.47
N SER B 188 36.08 52.77 -2.66
CA SER B 188 35.96 51.52 -1.93
C SER B 188 37.10 51.31 -0.92
N LEU B 189 37.32 50.06 -0.55
CA LEU B 189 38.38 49.70 0.40
C LEU B 189 39.71 49.38 -0.30
N LEU B 190 39.71 49.43 -1.62
CA LEU B 190 40.92 49.17 -2.40
C LEU B 190 42.00 50.19 -2.05
N SER B 191 41.60 51.46 -2.02
CA SER B 191 42.51 52.58 -1.71
C SER B 191 42.96 52.59 -0.25
N THR B 192 42.26 51.84 0.60
CA THR B 192 42.58 51.77 2.02
C THR B 192 43.62 50.67 2.28
N LEU B 193 43.84 49.81 1.30
CA LEU B 193 44.82 48.73 1.42
C LEU B 193 46.23 49.29 1.57
N PRO B 194 46.98 48.80 2.56
CA PRO B 194 48.34 49.28 2.79
C PRO B 194 49.27 48.93 1.62
N ALA B 195 49.47 49.90 0.73
CA ALA B 195 50.32 49.73 -0.45
C ALA B 195 51.77 49.40 -0.09
N GLY B 196 52.15 48.14 -0.26
CA GLY B 196 53.50 47.72 0.06
C GLY B 196 54.43 47.82 -1.14
N LYS B 197 55.12 46.73 -1.44
CA LYS B 197 56.04 46.67 -2.56
C LYS B 197 55.56 45.70 -3.63
N SER B 198 56.17 45.79 -4.81
CA SER B 198 55.85 44.92 -5.93
C SER B 198 57.02 43.96 -6.09
N LEU B 199 56.76 42.66 -6.10
CA LEU B 199 57.84 41.68 -6.24
C LEU B 199 58.13 41.29 -7.68
N VAL B 200 57.67 42.13 -8.62
CA VAL B 200 57.89 41.87 -10.05
C VAL B 200 59.31 42.29 -10.42
N SER B 201 60.27 41.40 -10.17
CA SER B 201 61.67 41.68 -10.48
C SER B 201 61.92 41.58 -11.98
N LYS B 202 62.66 42.55 -12.52
CA LYS B 202 62.98 42.59 -13.95
C LYS B 202 64.14 41.66 -14.32
N SER B 203 65.08 41.48 -13.39
CA SER B 203 66.24 40.62 -13.61
C SER B 203 65.84 39.22 -14.04
N GLU B 204 66.40 38.76 -15.15
CA GLU B 204 66.12 37.44 -15.69
C GLU B 204 66.38 36.33 -14.68
N PRO B 205 65.46 35.36 -14.56
CA PRO B 205 65.59 34.24 -13.63
C PRO B 205 66.82 33.42 -13.97
N LYS B 206 67.58 33.01 -12.96
CA LYS B 206 68.78 32.22 -13.22
C LYS B 206 68.42 30.77 -13.55
N PHE B 207 68.11 30.52 -14.82
CA PHE B 207 67.75 29.19 -15.27
C PHE B 207 68.94 28.28 -15.56
N PHE B 208 68.70 26.98 -15.47
CA PHE B 208 69.72 25.98 -15.73
C PHE B 208 69.42 25.21 -17.01
N LEU B 209 70.45 24.55 -17.56
CA LEU B 209 70.31 23.78 -18.80
C LEU B 209 70.99 22.43 -18.69
N GLY B 210 70.55 21.49 -19.53
CA GLY B 210 71.11 20.15 -19.53
C GLY B 210 70.72 19.36 -18.30
N GLU B 211 69.56 19.67 -17.74
CA GLU B 211 69.04 19.00 -16.55
C GLU B 211 67.93 18.02 -16.93
N GLU B 212 67.91 16.86 -16.26
CA GLU B 212 66.90 15.85 -16.52
C GLU B 212 66.38 15.16 -15.26
N ASN B 213 65.11 14.76 -15.30
CA ASN B 213 64.49 14.07 -14.17
C ASN B 213 63.56 12.96 -14.65
N ARG B 214 63.59 11.83 -13.95
CA ARG B 214 62.76 10.66 -14.30
C ARG B 214 61.83 10.27 -13.17
N VAL B 215 60.53 10.23 -13.45
CA VAL B 215 59.52 9.85 -12.45
C VAL B 215 58.68 8.64 -12.88
N ARG B 216 58.71 7.61 -12.05
CA ARG B 216 57.96 6.39 -12.27
C ARG B 216 56.47 6.70 -12.07
N PHE B 217 55.64 6.29 -13.02
CA PHE B 217 54.21 6.57 -12.96
C PHE B 217 53.38 5.47 -13.61
N ILE B 218 52.25 5.14 -12.98
CA ILE B 218 51.34 4.13 -13.50
C ILE B 218 50.27 4.79 -14.39
N GLY B 219 50.34 4.50 -15.68
CA GLY B 219 49.40 5.06 -16.63
C GLY B 219 50.11 5.39 -17.92
N ASP B 220 49.68 6.45 -18.60
CA ASP B 220 50.30 6.87 -19.86
C ASP B 220 51.72 7.40 -19.64
N SER B 221 52.61 7.09 -20.58
CA SER B 221 53.99 7.57 -20.50
C SER B 221 54.10 8.91 -21.21
N VAL B 222 54.96 9.78 -20.69
CA VAL B 222 55.14 11.09 -21.29
C VAL B 222 56.58 11.59 -21.16
N ALA B 223 57.15 11.96 -22.31
CA ALA B 223 58.50 12.49 -22.38
C ALA B 223 58.35 13.94 -22.78
N ALA B 224 58.99 14.84 -22.04
CA ALA B 224 58.88 16.25 -22.33
C ALA B 224 60.19 17.03 -22.25
N ILE B 225 60.27 18.11 -23.04
CA ILE B 225 61.45 18.96 -23.04
C ILE B 225 61.07 20.40 -22.69
N GLY B 226 61.94 21.06 -21.94
CA GLY B 226 61.69 22.44 -21.55
C GLY B 226 62.86 23.35 -21.84
N ILE B 227 62.57 24.49 -22.48
CA ILE B 227 63.61 25.45 -22.86
C ILE B 227 63.36 26.87 -22.32
N PRO B 228 64.31 27.39 -21.52
CA PRO B 228 64.24 28.74 -20.93
C PRO B 228 64.47 29.78 -22.02
N VAL B 229 63.49 30.64 -22.26
CA VAL B 229 63.63 31.66 -23.30
C VAL B 229 63.99 33.05 -22.78
N ASN B 230 64.50 33.90 -23.67
CA ASN B 230 64.89 35.26 -23.34
C ASN B 230 63.70 36.21 -23.39
N LYS B 231 63.89 37.42 -22.87
CA LYS B 231 62.85 38.43 -22.85
C LYS B 231 62.54 38.95 -24.25
N ALA B 232 63.50 38.84 -25.17
CA ALA B 232 63.34 39.30 -26.54
C ALA B 232 63.30 38.15 -27.54
N SER B 233 63.86 37.01 -27.15
CA SER B 233 63.91 35.83 -28.01
C SER B 233 62.69 34.91 -27.84
N LEU B 234 61.62 35.44 -27.25
CA LEU B 234 60.41 34.65 -27.02
C LEU B 234 59.41 34.63 -28.19
N ALA B 235 59.49 35.62 -29.07
CA ALA B 235 58.60 35.69 -30.21
C ALA B 235 58.84 34.58 -31.23
N GLN B 236 60.08 34.10 -31.32
CA GLN B 236 60.40 33.03 -32.26
C GLN B 236 59.87 31.70 -31.72
N TYR B 237 60.05 31.47 -30.42
CA TYR B 237 59.57 30.25 -29.78
C TYR B 237 58.05 30.17 -29.86
N GLU B 238 57.40 31.33 -29.90
CA GLU B 238 55.94 31.39 -29.99
C GLU B 238 55.50 30.82 -31.32
N VAL B 239 56.20 31.17 -32.40
CA VAL B 239 55.87 30.67 -33.73
C VAL B 239 56.24 29.19 -33.83
N LEU B 240 57.28 28.82 -33.09
CA LEU B 240 57.77 27.44 -33.04
C LEU B 240 56.68 26.54 -32.46
N ALA B 241 56.10 27.00 -31.36
CA ALA B 241 55.04 26.27 -30.67
C ALA B 241 53.82 26.10 -31.59
N ASN B 242 53.45 27.17 -32.28
CA ASN B 242 52.32 27.12 -33.19
C ASN B 242 52.65 26.38 -34.48
N TYR B 243 53.94 26.25 -34.76
CA TYR B 243 54.42 25.53 -35.94
C TYR B 243 54.31 24.04 -35.64
N LEU B 244 54.81 23.65 -34.47
CA LEU B 244 54.78 22.25 -34.04
C LEU B 244 53.35 21.75 -33.78
N THR B 245 52.43 22.70 -33.55
CA THR B 245 51.03 22.37 -33.30
C THR B 245 50.18 22.84 -34.48
N SER B 246 50.62 22.48 -35.69
CA SER B 246 49.90 22.86 -36.91
C SER B 246 50.13 21.86 -38.03
N ALA B 247 49.30 21.95 -39.07
CA ALA B 247 49.38 21.06 -40.22
C ALA B 247 50.62 21.29 -41.10
N LEU B 248 51.36 22.36 -40.80
CA LEU B 248 52.56 22.70 -41.55
C LEU B 248 53.70 21.76 -41.20
N SER B 249 53.90 21.50 -39.91
CA SER B 249 54.94 20.61 -39.46
C SER B 249 54.53 19.16 -39.67
N GLU B 250 55.46 18.35 -40.16
CA GLU B 250 55.19 16.94 -40.41
C GLU B 250 55.12 16.19 -39.08
N LEU B 251 55.90 16.66 -38.11
CA LEU B 251 55.94 16.04 -36.80
C LEU B 251 54.90 16.57 -35.79
N SER B 252 53.79 17.10 -36.31
CA SER B 252 52.72 17.62 -35.46
C SER B 252 51.93 16.47 -34.86
N GLY B 253 51.80 15.38 -35.62
CA GLY B 253 51.06 14.22 -35.17
C GLY B 253 51.90 13.28 -34.31
N LEU B 254 53.12 13.71 -33.99
CA LEU B 254 54.03 12.92 -33.16
C LEU B 254 54.12 13.44 -31.73
N ILE B 255 53.50 14.59 -31.48
CA ILE B 255 53.50 15.20 -30.15
C ILE B 255 52.07 15.43 -29.66
N SER B 256 51.94 15.56 -28.34
CA SER B 256 50.63 15.81 -27.74
C SER B 256 50.35 17.30 -27.63
N SER B 257 51.36 18.06 -27.20
CA SER B 257 51.21 19.50 -27.05
C SER B 257 52.55 20.24 -27.01
N ALA B 258 52.49 21.53 -27.36
CA ALA B 258 53.66 22.40 -27.37
C ALA B 258 53.19 23.83 -27.15
N LYS B 259 53.81 24.52 -26.20
CA LYS B 259 53.42 25.90 -25.90
C LYS B 259 54.54 26.73 -25.27
N LEU B 260 54.30 28.03 -25.22
CA LEU B 260 55.24 28.99 -24.63
C LEU B 260 54.56 29.76 -23.51
N ASP B 261 55.06 29.57 -22.30
CA ASP B 261 54.52 30.26 -21.14
C ASP B 261 55.17 31.63 -21.01
N LYS B 262 54.43 32.66 -21.37
CA LYS B 262 54.89 34.04 -21.33
C LYS B 262 54.70 34.67 -19.95
N PHE B 263 55.79 35.18 -19.40
CA PHE B 263 55.75 35.84 -18.09
C PHE B 263 56.09 37.32 -18.24
N THR B 264 56.55 37.93 -17.15
CA THR B 264 56.93 39.33 -17.15
C THR B 264 58.43 39.52 -17.26
N ASP B 265 59.18 38.46 -16.96
CA ASP B 265 60.65 38.51 -17.00
C ASP B 265 61.28 37.33 -17.76
N GLY B 266 60.61 36.87 -18.81
CA GLY B 266 61.13 35.75 -19.58
C GLY B 266 60.03 34.79 -20.00
N GLY B 267 60.36 33.50 -19.99
CA GLY B 267 59.39 32.49 -20.37
C GLY B 267 59.92 31.07 -20.35
N LEU B 268 59.07 30.13 -20.78
CA LEU B 268 59.45 28.72 -20.82
C LEU B 268 58.71 28.02 -21.95
N PHE B 269 59.47 27.33 -22.79
CA PHE B 269 58.90 26.58 -23.92
C PHE B 269 58.78 25.13 -23.51
N THR B 270 57.60 24.54 -23.77
CA THR B 270 57.36 23.14 -23.42
C THR B 270 56.87 22.30 -24.59
N LEU B 271 57.33 21.05 -24.63
CA LEU B 271 56.95 20.09 -25.65
C LEU B 271 56.60 18.78 -24.97
N PHE B 272 55.38 18.30 -25.22
CA PHE B 272 54.90 17.06 -24.61
C PHE B 272 54.58 15.91 -25.55
N VAL B 273 55.19 14.75 -25.28
CA VAL B 273 54.97 13.54 -26.06
C VAL B 273 54.32 12.54 -25.09
N ARG B 274 53.04 12.26 -25.29
CA ARG B 274 52.29 11.34 -24.44
C ARG B 274 51.60 10.21 -25.21
N ASP B 275 51.72 9.00 -24.69
CA ASP B 275 51.11 7.82 -25.29
C ASP B 275 51.07 6.65 -24.30
N GLN B 276 50.23 5.67 -24.59
CA GLN B 276 50.07 4.49 -23.73
C GLN B 276 51.34 3.70 -23.50
N ASP B 277 51.93 3.15 -24.56
CA ASP B 277 53.16 2.37 -24.42
C ASP B 277 54.43 3.20 -24.60
N SER B 278 55.46 2.81 -23.86
CA SER B 278 56.76 3.48 -23.87
C SER B 278 57.49 3.49 -25.22
N ALA B 279 57.28 2.45 -26.03
CA ALA B 279 57.93 2.35 -27.33
C ALA B 279 57.59 3.52 -28.26
N VAL B 280 56.31 3.88 -28.32
CA VAL B 280 55.88 4.99 -29.17
C VAL B 280 56.34 6.34 -28.63
N VAL B 281 56.52 6.42 -27.32
CA VAL B 281 56.96 7.65 -26.67
C VAL B 281 58.45 7.87 -26.96
N SER B 282 59.22 6.80 -26.91
CA SER B 282 60.66 6.86 -27.16
C SER B 282 60.98 7.30 -28.59
N SER B 283 60.37 6.62 -29.56
CA SER B 283 60.58 6.94 -30.97
C SER B 283 60.14 8.34 -31.36
N ASN B 284 58.94 8.72 -30.94
CA ASN B 284 58.40 10.05 -31.27
C ASN B 284 59.19 11.23 -30.74
N ILE B 285 59.80 11.11 -29.57
CA ILE B 285 60.58 12.21 -29.03
C ILE B 285 62.00 12.21 -29.57
N LYS B 286 62.54 11.01 -29.78
CA LYS B 286 63.90 10.84 -30.31
C LYS B 286 63.97 11.43 -31.72
N LYS B 287 62.86 11.38 -32.43
CA LYS B 287 62.73 11.91 -33.78
C LYS B 287 62.66 13.44 -33.72
N ILE B 288 61.89 13.97 -32.77
CA ILE B 288 61.73 15.41 -32.59
C ILE B 288 63.07 16.09 -32.29
N VAL B 289 63.81 15.54 -31.34
CA VAL B 289 65.10 16.08 -30.95
C VAL B 289 66.08 16.08 -32.13
N ALA B 290 65.97 15.07 -32.98
CA ALA B 290 66.83 14.96 -34.16
C ALA B 290 66.43 15.97 -35.24
N ASP B 291 65.14 16.09 -35.50
CA ASP B 291 64.64 17.01 -36.51
C ASP B 291 64.78 18.48 -36.11
N LEU B 292 64.73 18.74 -34.81
CA LEU B 292 64.87 20.11 -34.31
C LEU B 292 66.32 20.52 -34.18
N LYS B 293 67.21 19.53 -34.02
CA LYS B 293 68.65 19.80 -33.91
C LYS B 293 69.13 20.30 -35.27
N LYS B 294 68.53 19.77 -36.32
CA LYS B 294 68.82 20.16 -37.69
C LYS B 294 67.65 21.09 -38.04
N GLY B 295 67.40 22.02 -37.11
CA GLY B 295 66.31 22.98 -37.22
C GLY B 295 66.07 23.71 -38.53
N LYS B 296 64.83 24.15 -38.70
CA LYS B 296 64.39 24.87 -39.89
C LYS B 296 63.07 25.56 -39.58
N ASP B 297 62.68 26.50 -40.44
CA ASP B 297 61.43 27.22 -40.26
C ASP B 297 61.02 27.92 -41.55
N LEU B 298 61.78 28.94 -41.93
CA LEU B 298 61.53 29.75 -43.14
C LEU B 298 60.28 30.63 -43.04
N SER B 299 59.73 30.71 -41.82
CA SER B 299 58.55 31.51 -41.49
C SER B 299 57.30 31.33 -42.35
N PRO B 300 56.86 30.08 -42.56
CA PRO B 300 55.65 29.84 -43.37
C PRO B 300 54.43 30.13 -42.50
N ALA B 301 54.59 29.88 -41.21
CA ALA B 301 53.53 30.08 -40.22
C ALA B 301 53.63 31.45 -39.56
N ILE B 302 54.19 32.41 -40.27
CA ILE B 302 54.35 33.77 -39.74
C ILE B 302 53.00 34.46 -39.57
N ASN B 303 52.05 34.12 -40.45
CA ASN B 303 50.72 34.69 -40.41
C ASN B 303 49.80 33.84 -39.53
N TYR B 304 50.14 32.56 -39.41
CA TYR B 304 49.37 31.63 -38.59
C TYR B 304 49.64 31.87 -37.11
N THR B 305 50.91 32.01 -36.75
CA THR B 305 51.30 32.25 -35.37
C THR B 305 50.83 33.63 -34.91
N LYS B 306 50.59 34.51 -35.88
CA LYS B 306 50.12 35.86 -35.60
C LYS B 306 48.58 35.84 -35.51
N LEU B 307 47.99 34.85 -36.17
CA LEU B 307 46.54 34.67 -36.19
C LEU B 307 46.09 34.01 -34.89
N LYS B 308 46.84 32.98 -34.48
CA LYS B 308 46.55 32.22 -33.27
C LYS B 308 46.85 33.05 -32.02
N ASN B 309 47.81 33.96 -32.13
CA ASN B 309 48.18 34.81 -31.01
C ASN B 309 47.26 36.02 -30.92
N ALA B 310 46.25 36.07 -31.78
CA ALA B 310 45.30 37.16 -31.82
C ALA B 310 43.93 36.72 -31.30
N VAL B 311 43.66 35.41 -31.34
CA VAL B 311 42.39 34.86 -30.86
C VAL B 311 42.28 34.94 -29.34
N GLN B 312 43.38 35.27 -28.69
CA GLN B 312 43.44 35.40 -27.24
C GLN B 312 43.02 36.83 -26.88
N ASN B 313 41.71 37.07 -26.90
CA ASN B 313 41.13 38.39 -26.60
C ASN B 313 41.24 38.86 -25.14
N GLU B 314 41.48 37.93 -24.22
CA GLU B 314 41.61 38.29 -22.81
C GLU B 314 43.02 38.84 -22.54
N SER B 315 43.92 38.61 -23.49
CA SER B 315 45.30 39.06 -23.39
C SER B 315 45.58 40.33 -24.20
N VAL B 316 44.63 41.27 -24.20
CA VAL B 316 44.81 42.52 -24.92
C VAL B 316 45.62 43.48 -24.03
N SER B 317 46.87 43.08 -23.81
CA SER B 317 47.84 43.81 -22.99
C SER B 317 49.16 43.04 -23.10
N SER B 318 49.24 42.21 -24.15
CA SER B 318 50.39 41.37 -24.44
C SER B 318 51.67 42.15 -24.74
N PRO B 319 52.85 41.53 -24.54
CA PRO B 319 54.17 42.11 -24.77
C PRO B 319 54.43 42.55 -26.22
N ILE B 320 55.50 42.03 -26.83
CA ILE B 320 55.85 42.38 -28.20
C ILE B 320 54.89 41.75 -29.21
N GLU B 321 54.63 42.45 -30.29
CA GLU B 321 53.69 41.97 -31.32
C GLU B 321 54.37 41.81 -32.68
N LEU B 322 55.11 42.83 -33.11
CA LEU B 322 55.79 42.82 -34.42
C LEU B 322 57.19 42.18 -34.42
N ASN B 323 57.54 41.49 -33.33
CA ASN B 323 58.83 40.84 -33.22
C ASN B 323 58.81 39.55 -34.05
N PHE B 324 57.61 39.10 -34.40
CA PHE B 324 57.41 37.89 -35.20
C PHE B 324 57.97 38.11 -36.60
N ASP B 325 57.64 39.25 -37.19
CA ASP B 325 58.08 39.61 -38.53
C ASP B 325 59.55 40.03 -38.54
N ALA B 326 60.39 39.19 -37.93
CA ALA B 326 61.83 39.45 -37.85
C ALA B 326 62.61 38.17 -38.08
N VAL B 327 62.81 37.39 -37.01
CA VAL B 327 63.54 36.13 -37.10
C VAL B 327 62.69 35.06 -37.77
N LYS B 328 63.34 34.21 -38.56
CA LYS B 328 62.63 33.14 -39.27
C LYS B 328 63.39 31.82 -39.26
N ASP B 329 64.38 31.70 -38.39
CA ASP B 329 65.17 30.47 -38.30
C ASP B 329 65.30 29.97 -36.88
N PHE B 330 65.27 28.65 -36.72
CA PHE B 330 65.39 28.03 -35.40
C PHE B 330 66.27 26.79 -35.38
N LYS B 331 67.08 26.69 -34.33
CA LYS B 331 67.99 25.58 -34.10
C LYS B 331 67.46 24.77 -32.90
N LEU B 332 68.35 24.37 -32.00
CA LEU B 332 67.99 23.64 -30.80
C LEU B 332 69.23 23.41 -29.95
N GLY B 333 69.49 24.36 -29.06
CA GLY B 333 70.66 24.25 -28.20
C GLY B 333 70.40 23.26 -27.08
N LYS B 334 70.87 23.61 -25.88
CA LYS B 334 70.65 22.75 -24.72
C LYS B 334 69.26 22.99 -24.16
N PHE B 335 68.65 21.92 -23.66
CA PHE B 335 67.32 21.98 -23.07
C PHE B 335 67.24 21.09 -21.83
N ASN B 336 66.02 20.93 -21.31
CA ASN B 336 65.80 20.11 -20.14
C ASN B 336 64.81 18.99 -20.49
N TYR B 337 65.06 17.82 -19.94
CA TYR B 337 64.23 16.65 -20.22
C TYR B 337 63.65 15.96 -18.99
N VAL B 338 62.45 15.42 -19.15
CA VAL B 338 61.76 14.69 -18.08
C VAL B 338 61.03 13.47 -18.61
N ALA B 339 61.30 12.33 -17.99
CA ALA B 339 60.67 11.08 -18.36
C ALA B 339 59.68 10.70 -17.28
N VAL B 340 58.41 10.56 -17.67
CA VAL B 340 57.34 10.21 -16.74
C VAL B 340 56.57 9.00 -17.28
N GLY B 341 56.48 7.96 -16.45
CA GLY B 341 55.77 6.76 -16.84
C GLY B 341 56.61 5.52 -16.77
N ASP B 342 56.65 4.78 -17.87
CA ASP B 342 57.43 3.55 -17.97
C ASP B 342 58.90 3.94 -18.13
N VAL B 343 59.48 4.43 -17.04
CA VAL B 343 60.87 4.89 -16.98
C VAL B 343 61.93 3.96 -17.55
N SER B 344 61.90 2.68 -17.16
CA SER B 344 62.88 1.71 -17.61
C SER B 344 62.86 1.47 -19.13
N ASN B 345 61.85 2.01 -19.81
CA ASN B 345 61.73 1.86 -21.26
C ASN B 345 61.60 3.23 -21.92
N LEU B 346 62.24 4.23 -21.32
CA LEU B 346 62.19 5.59 -21.83
C LEU B 346 63.62 6.12 -22.08
N PRO B 347 63.77 6.98 -23.10
CA PRO B 347 65.07 7.56 -23.46
C PRO B 347 65.67 8.42 -22.37
N TYR B 348 66.98 8.62 -22.46
CA TYR B 348 67.70 9.47 -21.51
C TYR B 348 68.13 10.72 -22.26
N LEU B 349 68.69 11.68 -21.53
CA LEU B 349 69.15 12.92 -22.13
C LEU B 349 70.28 12.66 -23.13
N ASP B 350 71.04 11.59 -22.88
CA ASP B 350 72.17 11.18 -23.71
C ASP B 350 71.78 10.82 -25.14
N GLU B 351 71.01 9.74 -25.27
CA GLU B 351 70.58 9.23 -26.57
C GLU B 351 69.61 10.11 -27.38
N LEU B 352 69.49 11.38 -26.99
CA LEU B 352 68.61 12.30 -27.71
C LEU B 352 69.40 13.17 -28.69
N MET C 1 18.53 10.59 3.73
CA MET C 1 17.87 9.45 3.04
C MET C 1 16.36 9.56 3.25
N ALA C 2 15.59 8.81 2.47
CA ALA C 2 14.13 8.83 2.58
C ALA C 2 13.69 8.44 4.00
N PHE C 3 12.60 9.03 4.47
CA PHE C 3 12.08 8.76 5.80
C PHE C 3 11.79 7.27 6.05
N ARG C 4 11.27 6.58 5.03
CA ARG C 4 10.95 5.16 5.14
C ARG C 4 12.19 4.34 5.52
N LYS C 5 13.37 4.88 5.23
CA LYS C 5 14.64 4.23 5.55
C LYS C 5 15.26 4.71 6.87
N SER C 6 15.05 5.99 7.21
CA SER C 6 15.64 6.55 8.43
C SER C 6 14.90 6.24 9.73
N ASN C 7 13.56 6.22 9.67
CA ASN C 7 12.76 5.94 10.86
C ASN C 7 12.97 4.51 11.35
N VAL C 8 13.12 4.36 12.66
CA VAL C 8 13.34 3.05 13.28
C VAL C 8 12.26 1.97 12.98
N TYR C 9 10.99 2.37 12.97
CA TYR C 9 9.91 1.43 12.70
C TYR C 9 9.66 1.23 11.22
N LEU C 10 9.65 2.32 10.46
CA LEU C 10 9.41 2.23 9.03
C LEU C 10 10.50 1.49 8.26
N SER C 11 11.74 1.57 8.73
CA SER C 11 12.83 0.90 8.04
C SER C 11 12.61 -0.62 8.02
N LEU C 12 11.98 -1.15 9.07
CA LEU C 12 11.68 -2.58 9.13
C LEU C 12 10.71 -2.86 8.01
N VAL C 13 9.68 -2.02 7.93
CA VAL C 13 8.67 -2.18 6.89
C VAL C 13 9.30 -2.06 5.51
N ASN C 14 10.22 -1.11 5.36
CA ASN C 14 10.88 -0.89 4.08
C ASN C 14 11.75 -2.07 3.66
N SER C 15 12.56 -2.57 4.59
CA SER C 15 13.44 -3.67 4.24
C SER C 15 12.71 -4.99 4.01
N TYR C 16 11.54 -5.17 4.63
CA TYR C 16 10.80 -6.40 4.44
C TYR C 16 9.71 -6.38 3.38
N ILE C 17 9.13 -5.21 3.12
CA ILE C 17 8.01 -5.12 2.17
C ILE C 17 8.13 -4.16 1.00
N ILE C 18 9.04 -3.20 1.09
CA ILE C 18 9.16 -2.20 0.03
C ILE C 18 10.38 -2.37 -0.88
N ASP C 19 11.58 -2.23 -0.32
CA ASP C 19 12.81 -2.34 -1.09
C ASP C 19 13.44 -3.73 -1.13
N SER C 20 12.84 -4.68 -0.42
CA SER C 20 13.35 -6.06 -0.37
C SER C 20 13.62 -6.58 -1.80
N PRO C 21 14.88 -6.89 -2.11
CA PRO C 21 15.27 -7.38 -3.46
C PRO C 21 14.78 -8.80 -3.73
N GLN C 22 13.86 -8.94 -4.67
CA GLN C 22 13.32 -10.25 -5.01
C GLN C 22 13.89 -10.76 -6.34
N PRO C 23 14.11 -12.08 -6.46
CA PRO C 23 14.63 -12.64 -7.72
C PRO C 23 13.53 -12.38 -8.73
N SER C 24 13.89 -11.83 -9.88
CA SER C 24 12.93 -11.49 -10.93
C SER C 24 12.02 -12.58 -11.42
N SER C 25 12.50 -13.83 -11.32
CA SER C 25 11.74 -14.95 -11.84
C SER C 25 10.83 -15.77 -10.93
N ILE C 26 10.65 -15.39 -9.68
CA ILE C 26 9.76 -16.19 -8.84
C ILE C 26 8.35 -16.25 -9.43
N ASN C 27 7.74 -17.43 -9.40
CA ASN C 27 6.41 -17.62 -9.96
C ASN C 27 5.32 -17.57 -8.88
N TYR C 28 4.07 -17.76 -9.28
CA TYR C 28 2.95 -17.71 -8.35
C TYR C 28 3.01 -18.68 -7.17
N TRP C 29 3.91 -19.66 -7.23
CA TRP C 29 4.08 -20.61 -6.12
C TRP C 29 4.69 -19.88 -4.93
N TRP C 30 5.32 -18.73 -5.20
CA TRP C 30 5.91 -17.93 -4.13
C TRP C 30 4.90 -16.98 -3.48
N ASN C 31 3.63 -17.08 -3.88
CA ASN C 31 2.59 -16.24 -3.29
C ASN C 31 1.92 -16.89 -2.06
N MET C 32 2.20 -18.16 -1.81
CA MET C 32 1.60 -18.88 -0.67
C MET C 32 1.92 -18.31 0.70
N GLY C 33 3.15 -17.83 0.88
CA GLY C 33 3.55 -17.26 2.17
C GLY C 33 2.71 -16.09 2.66
N SER C 34 2.41 -15.15 1.76
CA SER C 34 1.60 -14.00 2.10
C SER C 34 0.19 -14.51 2.44
N LEU C 35 -0.27 -15.51 1.67
CA LEU C 35 -1.58 -16.12 1.88
C LEU C 35 -1.67 -16.77 3.27
N LEU C 36 -0.54 -17.28 3.76
CA LEU C 36 -0.50 -17.87 5.09
C LEU C 36 -0.58 -16.80 6.19
N GLY C 37 0.01 -15.64 5.93
CA GLY C 37 -0.04 -14.56 6.90
C GLY C 37 -1.48 -14.06 6.96
N LEU C 38 -2.10 -13.97 5.79
CA LEU C 38 -3.49 -13.52 5.68
C LEU C 38 -4.38 -14.50 6.45
N CYS C 39 -4.13 -15.81 6.30
CA CYS C 39 -4.90 -16.85 6.99
C CYS C 39 -4.77 -16.70 8.50
N LEU C 40 -3.55 -16.41 8.95
CA LEU C 40 -3.29 -16.26 10.38
C LEU C 40 -4.14 -15.09 10.90
N VAL C 41 -4.16 -13.99 10.14
CA VAL C 41 -4.95 -12.82 10.53
C VAL C 41 -6.45 -13.15 10.56
N ILE C 42 -6.98 -13.77 9.52
CA ILE C 42 -8.39 -14.14 9.50
C ILE C 42 -8.77 -15.02 10.69
N GLN C 43 -7.91 -15.95 11.09
CA GLN C 43 -8.22 -16.84 12.22
C GLN C 43 -8.22 -16.09 13.53
N ILE C 44 -7.26 -15.20 13.70
CA ILE C 44 -7.17 -14.45 14.93
C ILE C 44 -8.32 -13.44 15.12
N VAL C 45 -8.59 -12.66 14.08
CA VAL C 45 -9.65 -11.66 14.16
C VAL C 45 -11.02 -12.31 14.40
N THR C 46 -11.39 -13.31 13.60
CA THR C 46 -12.68 -14.00 13.76
C THR C 46 -12.80 -14.74 15.09
N GLY C 47 -11.69 -15.25 15.59
CA GLY C 47 -11.71 -15.96 16.86
C GLY C 47 -11.91 -15.05 18.06
N ILE C 48 -11.32 -13.87 18.01
CA ILE C 48 -11.46 -12.92 19.11
C ILE C 48 -12.89 -12.42 19.19
N PHE C 49 -13.49 -12.10 18.04
CA PHE C 49 -14.87 -11.61 18.02
C PHE C 49 -15.84 -12.69 18.48
N MET C 50 -15.54 -13.94 18.18
CA MET C 50 -16.41 -15.04 18.63
C MET C 50 -16.21 -15.30 20.12
N ALA C 51 -14.97 -15.15 20.59
CA ALA C 51 -14.62 -15.38 22.00
C ALA C 51 -15.48 -14.50 22.90
N MET C 52 -15.88 -13.37 22.36
CA MET C 52 -16.72 -12.42 23.06
C MET C 52 -18.09 -13.01 23.38
N HIS C 53 -18.50 -14.04 22.65
CA HIS C 53 -19.81 -14.66 22.86
C HIS C 53 -19.73 -16.14 23.24
N TYR C 54 -18.52 -16.64 23.48
CA TYR C 54 -18.32 -18.05 23.79
C TYR C 54 -18.15 -18.40 25.27
N SER C 55 -18.73 -19.52 25.67
CA SER C 55 -18.62 -20.01 27.05
C SER C 55 -17.93 -21.36 26.97
N SER C 56 -16.83 -21.48 27.70
CA SER C 56 -16.05 -22.70 27.70
C SER C 56 -16.55 -23.84 28.60
N ASN C 57 -17.47 -23.57 29.53
CA ASN C 57 -18.02 -24.63 30.40
C ASN C 57 -18.58 -25.72 29.54
N ILE C 58 -18.28 -26.96 29.92
CA ILE C 58 -18.73 -28.12 29.16
C ILE C 58 -20.23 -28.21 28.99
N GLU C 59 -20.98 -27.59 29.90
CA GLU C 59 -22.44 -27.60 29.82
C GLU C 59 -22.96 -26.53 28.87
N LEU C 60 -22.15 -25.51 28.60
CA LEU C 60 -22.57 -24.40 27.75
C LEU C 60 -21.84 -24.23 26.44
N ALA C 61 -20.70 -24.90 26.27
CA ALA C 61 -19.89 -24.74 25.06
C ALA C 61 -20.62 -24.92 23.75
N PHE C 62 -21.30 -26.06 23.59
CA PHE C 62 -22.04 -26.35 22.35
C PHE C 62 -23.16 -25.33 22.10
N SER C 63 -23.93 -25.02 23.14
CA SER C 63 -25.03 -24.07 22.99
C SER C 63 -24.51 -22.66 22.74
N SER C 64 -23.34 -22.32 23.28
CA SER C 64 -22.79 -20.99 23.09
C SER C 64 -22.39 -20.83 21.64
N VAL C 65 -22.00 -21.92 20.97
CA VAL C 65 -21.64 -21.84 19.56
C VAL C 65 -22.93 -21.74 18.73
N GLU C 66 -23.99 -22.43 19.18
CA GLU C 66 -25.29 -22.34 18.50
C GLU C 66 -25.82 -20.90 18.64
N HIS C 67 -25.53 -20.28 19.79
CA HIS C 67 -25.91 -18.90 20.09
C HIS C 67 -25.19 -17.93 19.14
N ILE C 68 -23.93 -18.26 18.81
CA ILE C 68 -23.17 -17.43 17.89
C ILE C 68 -23.79 -17.60 16.52
N MET C 69 -24.21 -18.82 16.20
CA MET C 69 -24.81 -19.12 14.90
C MET C 69 -26.19 -18.48 14.71
N ARG C 70 -26.99 -18.44 15.77
CA ARG C 70 -28.35 -17.93 15.69
C ARG C 70 -28.65 -16.50 16.13
N ASP C 71 -28.11 -16.11 17.28
CA ASP C 71 -28.37 -14.79 17.87
C ASP C 71 -27.39 -13.65 17.63
N VAL C 72 -26.12 -13.96 17.37
CA VAL C 72 -25.11 -12.94 17.15
C VAL C 72 -25.22 -12.39 15.73
N HIS C 73 -25.35 -11.08 15.58
CA HIS C 73 -25.46 -10.50 14.23
C HIS C 73 -24.22 -10.82 13.42
N ASN C 74 -24.42 -11.53 12.32
CA ASN C 74 -23.34 -11.95 11.43
C ASN C 74 -22.51 -13.07 12.08
N GLY C 75 -23.05 -13.65 13.17
CA GLY C 75 -22.37 -14.71 13.87
C GLY C 75 -22.02 -15.93 13.03
N TYR C 76 -22.96 -16.36 12.18
CA TYR C 76 -22.73 -17.50 11.33
C TYR C 76 -21.59 -17.24 10.36
N ILE C 77 -21.41 -15.98 9.96
CA ILE C 77 -20.34 -15.58 9.05
C ILE C 77 -19.00 -15.72 9.77
N LEU C 78 -18.96 -15.30 11.03
CA LEU C 78 -17.74 -15.39 11.80
C LEU C 78 -17.34 -16.86 12.02
N ARG C 79 -18.31 -17.69 12.41
CA ARG C 79 -18.02 -19.09 12.68
C ARG C 79 -17.64 -19.83 11.41
N TYR C 80 -18.41 -19.61 10.32
CA TYR C 80 -18.10 -20.28 9.06
C TYR C 80 -16.76 -19.82 8.47
N LEU C 81 -16.38 -18.56 8.70
CA LEU C 81 -15.10 -18.04 8.22
C LEU C 81 -13.97 -18.74 8.98
N HIS C 82 -14.13 -18.78 10.30
CA HIS C 82 -13.16 -19.42 11.18
C HIS C 82 -12.98 -20.91 10.86
N ALA C 83 -14.08 -21.64 10.71
CA ALA C 83 -14.03 -23.08 10.42
C ALA C 83 -13.49 -23.38 9.05
N ASN C 84 -14.04 -22.73 8.03
CA ASN C 84 -13.57 -22.94 6.67
C ASN C 84 -12.17 -22.36 6.47
N GLY C 85 -11.88 -21.29 7.20
CA GLY C 85 -10.57 -20.66 7.13
C GLY C 85 -9.48 -21.58 7.65
N ALA C 86 -9.78 -22.36 8.69
CA ALA C 86 -8.82 -23.30 9.25
C ALA C 86 -8.44 -24.31 8.15
N SER C 87 -9.43 -24.77 7.40
CA SER C 87 -9.20 -25.72 6.31
C SER C 87 -8.38 -25.10 5.21
N PHE C 88 -8.68 -23.85 4.89
CA PHE C 88 -7.97 -23.15 3.83
C PHE C 88 -6.52 -22.90 4.26
N PHE C 89 -6.33 -22.72 5.56
CA PHE C 89 -5.03 -22.48 6.17
C PHE C 89 -4.16 -23.74 5.90
N PHE C 90 -4.75 -24.93 6.04
CA PHE C 90 -4.03 -26.18 5.78
C PHE C 90 -3.78 -26.45 4.31
N MET C 91 -4.76 -26.15 3.46
CA MET C 91 -4.59 -26.36 2.02
C MET C 91 -3.37 -25.53 1.57
N VAL C 92 -3.33 -24.27 1.99
CA VAL C 92 -2.25 -23.37 1.60
C VAL C 92 -0.90 -23.77 2.21
N MET C 93 -0.92 -24.23 3.46
CA MET C 93 0.31 -24.68 4.11
C MET C 93 0.93 -25.90 3.39
N PHE C 94 0.09 -26.85 2.94
CA PHE C 94 0.57 -28.02 2.22
C PHE C 94 1.22 -27.58 0.90
N MET C 95 0.60 -26.61 0.23
CA MET C 95 1.12 -26.09 -1.03
C MET C 95 2.44 -25.37 -0.79
N HIS C 96 2.51 -24.60 0.28
CA HIS C 96 3.71 -23.86 0.67
C HIS C 96 4.83 -24.86 0.96
N MET C 97 4.51 -25.95 1.66
CA MET C 97 5.48 -26.99 1.97
C MET C 97 5.89 -27.78 0.71
N ALA C 98 4.91 -28.13 -0.11
CA ALA C 98 5.16 -28.87 -1.35
C ALA C 98 6.07 -28.07 -2.29
N LYS C 99 5.87 -26.76 -2.32
CA LYS C 99 6.66 -25.84 -3.13
C LYS C 99 8.12 -25.92 -2.65
N GLY C 100 8.29 -25.95 -1.33
CA GLY C 100 9.63 -26.01 -0.74
C GLY C 100 10.34 -27.28 -1.10
N LEU C 101 9.57 -28.37 -1.07
CA LEU C 101 10.04 -29.72 -1.39
C LEU C 101 10.51 -29.81 -2.82
N TYR C 102 9.68 -29.30 -3.73
CA TYR C 102 9.98 -29.31 -5.14
C TYR C 102 11.16 -28.47 -5.57
N TYR C 103 11.27 -27.25 -5.02
CA TYR C 103 12.32 -26.33 -5.39
C TYR C 103 13.59 -26.36 -4.54
N GLY C 104 13.68 -27.33 -3.64
CA GLY C 104 14.85 -27.45 -2.80
C GLY C 104 15.05 -26.27 -1.85
N SER C 105 13.93 -25.70 -1.39
CA SER C 105 13.97 -24.55 -0.50
C SER C 105 14.53 -24.89 0.87
N TYR C 106 14.44 -26.17 1.25
CA TYR C 106 14.95 -26.66 2.54
C TYR C 106 16.47 -26.73 2.54
N ARG C 107 17.08 -26.62 1.38
CA ARG C 107 18.53 -26.70 1.26
C ARG C 107 19.29 -25.54 1.85
N SER C 108 20.58 -25.77 2.08
CA SER C 108 21.51 -24.77 2.57
C SER C 108 21.50 -23.64 1.53
N PRO C 109 21.54 -22.37 1.98
CA PRO C 109 21.59 -21.86 3.34
C PRO C 109 20.24 -21.58 4.02
N ARG C 110 19.20 -22.29 3.62
CA ARG C 110 17.88 -22.07 4.20
C ARG C 110 17.37 -23.16 5.13
N VAL C 111 18.30 -23.93 5.70
CA VAL C 111 17.94 -25.02 6.60
C VAL C 111 17.16 -24.50 7.81
N THR C 112 17.68 -23.48 8.47
CA THR C 112 17.03 -22.86 9.63
C THR C 112 15.60 -22.42 9.27
N LEU C 113 15.46 -21.81 8.10
CA LEU C 113 14.17 -21.36 7.62
C LEU C 113 13.20 -22.54 7.58
N TRP C 114 13.65 -23.66 7.02
CA TRP C 114 12.87 -24.89 6.90
C TRP C 114 12.54 -25.51 8.27
N ASN C 115 13.51 -25.53 9.18
CA ASN C 115 13.28 -26.11 10.50
C ASN C 115 12.25 -25.34 11.30
N VAL C 116 12.28 -24.01 11.19
CA VAL C 116 11.32 -23.17 11.89
C VAL C 116 9.93 -23.44 11.29
N GLY C 117 9.89 -23.65 9.99
CA GLY C 117 8.64 -23.95 9.32
C GLY C 117 8.02 -25.24 9.83
N VAL C 118 8.85 -26.23 10.12
CA VAL C 118 8.34 -27.51 10.63
C VAL C 118 7.70 -27.30 12.01
N ILE C 119 8.33 -26.45 12.83
CA ILE C 119 7.79 -26.15 14.14
C ILE C 119 6.41 -25.47 14.03
N ILE C 120 6.29 -24.50 13.12
CA ILE C 120 5.06 -23.78 12.88
C ILE C 120 3.95 -24.78 12.49
N PHE C 121 4.29 -25.72 11.61
CA PHE C 121 3.37 -26.76 11.16
C PHE C 121 2.83 -27.57 12.35
N THR C 122 3.72 -27.99 13.24
CA THR C 122 3.32 -28.75 14.42
C THR C 122 2.38 -27.90 15.28
N LEU C 123 2.75 -26.63 15.52
CA LEU C 123 1.95 -25.72 16.34
C LEU C 123 0.56 -25.45 15.75
N THR C 124 0.51 -25.36 14.42
CA THR C 124 -0.73 -25.09 13.70
C THR C 124 -1.67 -26.27 13.85
N ILE C 125 -1.12 -27.48 13.74
CA ILE C 125 -1.91 -28.70 13.89
C ILE C 125 -2.45 -28.74 15.33
N ALA C 126 -1.60 -28.44 16.30
CA ALA C 126 -2.05 -28.45 17.70
C ALA C 126 -3.13 -27.38 17.97
N THR C 127 -2.97 -26.22 17.34
CA THR C 127 -3.93 -25.12 17.51
C THR C 127 -5.30 -25.50 16.97
N ALA C 128 -5.35 -26.12 15.80
CA ALA C 128 -6.61 -26.50 15.17
C ALA C 128 -7.33 -27.59 15.99
N PHE C 129 -6.56 -28.50 16.56
CA PHE C 129 -7.13 -29.55 17.38
C PHE C 129 -7.79 -28.93 18.63
N LEU C 130 -7.09 -28.01 19.29
CA LEU C 130 -7.62 -27.33 20.46
C LEU C 130 -8.92 -26.58 20.13
N GLY C 131 -8.98 -25.97 18.96
CA GLY C 131 -10.18 -25.24 18.55
C GLY C 131 -11.34 -26.17 18.29
N TYR C 132 -11.05 -27.27 17.60
CA TYR C 132 -12.05 -28.25 17.27
C TYR C 132 -12.74 -28.77 18.54
N CYS C 133 -11.98 -28.94 19.62
CA CYS C 133 -12.51 -29.41 20.90
C CYS C 133 -13.45 -28.40 21.56
N CYS C 134 -13.29 -27.12 21.25
CA CYS C 134 -14.10 -26.06 21.85
C CYS C 134 -15.58 -26.07 21.49
N VAL C 135 -15.90 -26.63 20.34
CA VAL C 135 -17.27 -26.74 19.85
C VAL C 135 -18.05 -27.71 20.76
N TYR C 136 -17.31 -28.70 21.25
CA TYR C 136 -17.81 -29.78 22.08
C TYR C 136 -18.93 -30.60 21.47
N GLY C 137 -18.76 -30.93 20.21
CA GLY C 137 -19.71 -31.79 19.52
C GLY C 137 -19.21 -33.22 19.76
N GLN C 138 -19.75 -34.21 19.05
CA GLN C 138 -19.32 -35.59 19.25
C GLN C 138 -17.87 -35.78 18.81
N MET C 139 -17.51 -35.25 17.64
CA MET C 139 -16.16 -35.35 17.14
C MET C 139 -15.17 -34.61 18.07
N SER C 140 -15.65 -33.56 18.74
CA SER C 140 -14.80 -32.81 19.65
C SER C 140 -14.38 -33.69 20.85
N HIS C 141 -15.38 -34.28 21.49
CA HIS C 141 -15.13 -35.11 22.66
C HIS C 141 -14.19 -36.29 22.39
N TRP C 142 -14.46 -37.04 21.33
CA TRP C 142 -13.65 -38.19 21.00
C TRP C 142 -12.30 -37.83 20.43
N GLY C 143 -12.24 -36.69 19.72
CA GLY C 143 -10.97 -36.22 19.20
C GLY C 143 -10.10 -35.89 20.42
N ALA C 144 -10.67 -35.15 21.37
CA ALA C 144 -9.92 -34.79 22.58
C ALA C 144 -9.48 -36.03 23.34
N THR C 145 -10.36 -37.04 23.38
CA THR C 145 -10.07 -38.28 24.09
C THR C 145 -8.93 -39.05 23.43
N VAL C 146 -9.07 -39.31 22.14
CA VAL C 146 -8.08 -40.05 21.38
C VAL C 146 -6.70 -39.37 21.37
N ILE C 147 -6.69 -38.08 21.08
CA ILE C 147 -5.45 -37.32 21.01
C ILE C 147 -4.73 -37.11 22.34
N THR C 148 -5.46 -36.91 23.42
CA THR C 148 -4.79 -36.75 24.70
C THR C 148 -4.22 -38.13 25.08
N ASN C 149 -4.90 -39.18 24.65
CA ASN C 149 -4.45 -40.54 24.93
C ASN C 149 -3.16 -40.92 24.20
N LEU C 150 -2.81 -40.18 23.16
CA LEU C 150 -1.58 -40.43 22.41
C LEU C 150 -0.39 -40.50 23.39
N PHE C 151 -0.48 -39.73 24.46
CA PHE C 151 0.56 -39.63 25.46
C PHE C 151 0.59 -40.79 26.45
N SER C 152 -0.47 -41.60 26.47
CA SER C 152 -0.48 -42.74 27.38
C SER C 152 0.55 -43.79 26.92
N ALA C 153 0.97 -43.71 25.66
CA ALA C 153 1.95 -44.63 25.11
C ALA C 153 3.33 -44.43 25.70
N ILE C 154 3.53 -43.32 26.42
CA ILE C 154 4.82 -43.06 27.04
C ILE C 154 4.95 -43.99 28.23
N PRO C 155 6.02 -44.79 28.25
CA PRO C 155 6.24 -45.74 29.35
C PRO C 155 6.36 -45.08 30.73
N PHE C 156 5.79 -45.75 31.74
CA PHE C 156 5.82 -45.31 33.13
C PHE C 156 4.90 -44.14 33.50
N VAL C 157 5.22 -42.95 33.02
CA VAL C 157 4.45 -41.76 33.33
C VAL C 157 3.31 -41.35 32.37
N GLY C 158 3.14 -42.10 31.28
CA GLY C 158 2.13 -41.78 30.29
C GLY C 158 0.71 -41.55 30.77
N ASN C 159 0.20 -42.42 31.64
CA ASN C 159 -1.16 -42.28 32.14
C ASN C 159 -1.28 -41.10 33.08
N ASP C 160 -0.16 -40.72 33.70
CA ASP C 160 -0.13 -39.60 34.60
C ASP C 160 -0.22 -38.29 33.82
N ILE C 161 0.45 -38.27 32.66
CA ILE C 161 0.43 -37.10 31.80
C ILE C 161 -1.00 -36.85 31.32
N VAL C 162 -1.68 -37.92 30.96
CA VAL C 162 -3.04 -37.88 30.47
C VAL C 162 -4.03 -37.37 31.53
N SER C 163 -3.92 -37.86 32.75
CA SER C 163 -4.82 -37.43 33.81
C SER C 163 -4.55 -35.96 34.13
N TRP C 164 -3.29 -35.56 33.97
CA TRP C 164 -2.88 -34.19 34.20
C TRP C 164 -3.45 -33.30 33.07
N LEU C 165 -3.35 -33.76 31.82
CA LEU C 165 -3.88 -33.00 30.68
C LEU C 165 -5.40 -32.87 30.82
N TRP C 166 -6.06 -33.93 31.25
CA TRP C 166 -7.52 -33.93 31.43
C TRP C 166 -7.99 -33.12 32.62
N GLY C 167 -7.20 -33.12 33.69
CA GLY C 167 -7.59 -32.41 34.88
C GLY C 167 -8.60 -33.25 35.65
N GLY C 168 -8.63 -34.55 35.37
CA GLY C 168 -9.55 -35.44 36.04
C GLY C 168 -9.54 -36.87 35.52
N PHE C 169 -10.64 -37.59 35.76
CA PHE C 169 -10.80 -38.99 35.36
C PHE C 169 -11.04 -39.19 33.86
N SER C 170 -11.55 -38.16 33.20
CA SER C 170 -11.82 -38.22 31.77
C SER C 170 -11.98 -36.82 31.20
N VAL C 171 -12.20 -36.73 29.89
CA VAL C 171 -12.40 -35.45 29.24
C VAL C 171 -13.68 -34.88 29.81
N SER C 172 -13.53 -33.81 30.59
CA SER C 172 -14.64 -33.16 31.26
C SER C 172 -14.52 -31.63 31.21
N ASN C 173 -15.24 -30.95 32.11
CA ASN C 173 -15.23 -29.50 32.17
C ASN C 173 -13.81 -28.89 32.25
N PRO C 174 -12.97 -29.36 33.19
CA PRO C 174 -11.60 -28.85 33.32
C PRO C 174 -10.85 -28.93 31.99
N THR C 175 -11.12 -30.01 31.26
CA THR C 175 -10.46 -30.24 29.98
C THR C 175 -10.81 -29.21 28.90
N ILE C 176 -12.10 -28.98 28.71
CA ILE C 176 -12.57 -28.03 27.71
C ILE C 176 -12.22 -26.59 28.05
N GLN C 177 -12.28 -26.24 29.32
CA GLN C 177 -11.92 -24.89 29.72
C GLN C 177 -10.44 -24.62 29.49
N ARG C 178 -9.56 -25.59 29.77
CA ARG C 178 -8.14 -25.37 29.56
C ARG C 178 -7.77 -25.40 28.07
N PHE C 179 -8.52 -26.18 27.28
CA PHE C 179 -8.28 -26.26 25.85
C PHE C 179 -8.67 -24.95 25.17
N PHE C 180 -9.70 -24.27 25.69
CA PHE C 180 -10.08 -22.98 25.12
C PHE C 180 -8.99 -21.94 25.47
N ALA C 181 -8.54 -21.96 26.71
CA ALA C 181 -7.50 -21.03 27.14
C ALA C 181 -6.25 -21.21 26.29
N LEU C 182 -5.87 -22.47 26.06
CA LEU C 182 -4.70 -22.80 25.25
C LEU C 182 -4.93 -22.48 23.76
N HIS C 183 -6.16 -22.63 23.29
CA HIS C 183 -6.45 -22.34 21.89
C HIS C 183 -6.28 -20.86 21.60
N TYR C 184 -6.54 -20.04 22.60
CA TYR C 184 -6.41 -18.60 22.48
C TYR C 184 -4.92 -18.22 22.48
N LEU C 185 -4.12 -18.92 23.29
CA LEU C 185 -2.67 -18.64 23.42
C LEU C 185 -1.79 -19.01 22.22
N VAL C 186 -1.87 -20.26 21.78
CA VAL C 186 -0.99 -20.72 20.71
C VAL C 186 -0.89 -19.86 19.44
N PRO C 187 -2.02 -19.33 18.92
CA PRO C 187 -1.94 -18.48 17.73
C PRO C 187 -0.91 -17.34 17.88
N PHE C 188 -0.78 -16.80 19.08
CA PHE C 188 0.21 -15.74 19.33
C PHE C 188 1.64 -16.28 19.34
N ILE C 189 1.82 -17.52 19.76
CA ILE C 189 3.16 -18.13 19.74
C ILE C 189 3.50 -18.42 18.26
N ILE C 190 2.49 -18.79 17.48
CA ILE C 190 2.68 -19.04 16.06
C ILE C 190 3.11 -17.73 15.39
N ALA C 191 2.49 -16.62 15.79
CA ALA C 191 2.81 -15.29 15.25
C ALA C 191 4.29 -14.97 15.52
N ALA C 192 4.77 -15.30 16.71
CA ALA C 192 6.16 -15.05 17.07
C ALA C 192 7.10 -15.94 16.25
N MET C 193 6.67 -17.16 15.97
CA MET C 193 7.44 -18.11 15.19
C MET C 193 7.48 -17.66 13.72
N VAL C 194 6.40 -17.03 13.25
CA VAL C 194 6.36 -16.52 11.89
C VAL C 194 7.39 -15.40 11.72
N ILE C 195 7.57 -14.58 12.75
CA ILE C 195 8.53 -13.49 12.71
C ILE C 195 9.95 -14.07 12.62
N MET C 196 10.21 -15.14 13.38
CA MET C 196 11.51 -15.81 13.35
C MET C 196 11.72 -16.45 11.97
N HIS C 197 10.61 -16.90 11.37
CA HIS C 197 10.62 -17.50 10.04
C HIS C 197 11.00 -16.40 9.03
N LEU C 198 10.40 -15.22 9.16
CA LEU C 198 10.70 -14.12 8.25
C LEU C 198 12.12 -13.58 8.45
N MET C 199 12.63 -13.65 9.68
CA MET C 199 13.97 -13.19 9.97
C MET C 199 14.99 -14.05 9.22
N ALA C 200 14.77 -15.38 9.22
CA ALA C 200 15.70 -16.30 8.55
C ALA C 200 15.59 -16.15 7.04
N LEU C 201 14.39 -15.82 6.57
CA LEU C 201 14.14 -15.62 5.15
C LEU C 201 14.87 -14.38 4.63
N HIS C 202 14.86 -13.33 5.45
CA HIS C 202 15.49 -12.04 5.12
C HIS C 202 17.00 -12.08 4.91
N ILE C 203 17.72 -12.85 5.73
CA ILE C 203 19.17 -12.89 5.57
C ILE C 203 19.67 -13.52 4.27
N HIS C 204 18.91 -14.44 3.70
CA HIS C 204 19.33 -15.07 2.45
C HIS C 204 18.40 -14.79 1.28
N GLY C 205 17.23 -14.24 1.57
CA GLY C 205 16.26 -13.96 0.54
C GLY C 205 15.63 -15.23 0.01
N SER C 206 14.62 -15.05 -0.83
CA SER C 206 13.92 -16.15 -1.43
C SER C 206 14.79 -16.82 -2.48
N SER C 207 14.43 -18.06 -2.78
CA SER C 207 15.09 -18.83 -3.82
C SER C 207 14.24 -18.55 -5.06
N ASN C 208 14.48 -19.26 -6.15
CA ASN C 208 13.70 -19.07 -7.37
C ASN C 208 13.53 -20.41 -8.11
N PRO C 209 12.62 -20.46 -9.11
CA PRO C 209 12.39 -21.70 -9.85
C PRO C 209 13.57 -22.34 -10.59
N LEU C 210 14.61 -21.58 -10.91
CA LEU C 210 15.76 -22.13 -11.58
C LEU C 210 16.73 -22.82 -10.61
N GLY C 211 16.58 -22.52 -9.32
CA GLY C 211 17.43 -23.12 -8.30
C GLY C 211 18.82 -22.53 -8.19
N ILE C 212 19.08 -21.50 -8.98
CA ILE C 212 20.38 -20.85 -8.96
C ILE C 212 20.29 -19.46 -8.31
N THR C 213 21.42 -18.76 -8.25
CA THR C 213 21.50 -17.44 -7.66
C THR C 213 20.55 -16.41 -8.26
N GLY C 214 20.02 -15.55 -7.38
CA GLY C 214 19.11 -14.50 -7.80
C GLY C 214 19.81 -13.15 -7.71
N ASN C 215 21.07 -13.16 -7.30
CA ASN C 215 21.86 -11.95 -7.12
C ASN C 215 22.16 -11.08 -8.33
N LEU C 216 22.03 -11.61 -9.53
CA LEU C 216 22.33 -10.86 -10.75
C LEU C 216 21.17 -10.04 -11.31
N ASP C 217 19.96 -10.32 -10.82
CA ASP C 217 18.78 -9.62 -11.31
C ASP C 217 17.65 -9.55 -10.30
N ARG C 218 17.65 -8.53 -9.44
CA ARG C 218 16.57 -8.39 -8.46
C ARG C 218 15.67 -7.22 -8.81
N ILE C 219 14.43 -7.30 -8.37
CA ILE C 219 13.45 -6.22 -8.55
C ILE C 219 12.80 -6.04 -7.17
N PRO C 220 12.53 -4.78 -6.79
CA PRO C 220 11.92 -4.42 -5.51
C PRO C 220 10.60 -5.11 -5.22
N MET C 221 10.38 -5.44 -3.95
CA MET C 221 9.14 -6.07 -3.54
C MET C 221 8.03 -5.09 -3.88
N HIS C 222 8.21 -3.83 -3.50
CA HIS C 222 7.17 -2.86 -3.76
C HIS C 222 6.88 -2.55 -5.19
N SER C 223 5.58 -2.73 -5.43
CA SER C 223 4.87 -2.57 -6.66
C SER C 223 4.72 -3.95 -7.27
N TYR C 224 5.81 -4.50 -7.80
CA TYR C 224 5.77 -5.79 -8.48
C TYR C 224 5.09 -6.93 -7.75
N PHE C 225 5.65 -7.33 -6.61
CA PHE C 225 5.10 -8.43 -5.86
C PHE C 225 3.96 -8.07 -4.91
N ILE C 226 3.85 -6.78 -4.59
CA ILE C 226 2.75 -6.33 -3.75
C ILE C 226 1.48 -6.53 -4.57
N PHE C 227 1.48 -6.05 -5.81
CA PHE C 227 0.32 -6.21 -6.68
C PHE C 227 0.16 -7.62 -7.19
N LYS C 228 1.26 -8.34 -7.36
CA LYS C 228 1.18 -9.73 -7.79
C LYS C 228 0.54 -10.55 -6.63
N ASP C 229 0.87 -10.20 -5.38
CA ASP C 229 0.28 -10.88 -4.22
C ASP C 229 -1.22 -10.62 -4.17
N LEU C 230 -1.60 -9.39 -4.53
CA LEU C 230 -3.00 -8.97 -4.54
C LEU C 230 -3.87 -9.89 -5.40
N VAL C 231 -3.32 -10.32 -6.53
CA VAL C 231 -4.02 -11.21 -7.45
C VAL C 231 -4.45 -12.51 -6.78
N THR C 232 -3.54 -13.15 -6.03
CA THR C 232 -3.88 -14.40 -5.36
C THR C 232 -4.68 -14.19 -4.09
N VAL C 233 -4.54 -13.02 -3.48
CA VAL C 233 -5.28 -12.68 -2.28
C VAL C 233 -6.78 -12.64 -2.61
N PHE C 234 -7.12 -12.03 -3.75
CA PHE C 234 -8.51 -11.94 -4.17
C PHE C 234 -9.05 -13.29 -4.61
N LEU C 235 -8.23 -14.06 -5.35
CA LEU C 235 -8.66 -15.38 -5.79
C LEU C 235 -8.90 -16.25 -4.57
N PHE C 236 -8.04 -16.12 -3.56
CA PHE C 236 -8.18 -16.88 -2.33
C PHE C 236 -9.49 -16.48 -1.64
N MET C 237 -9.75 -15.18 -1.52
CA MET C 237 -10.97 -14.72 -0.87
C MET C 237 -12.23 -15.16 -1.61
N LEU C 238 -12.20 -15.11 -2.94
CA LEU C 238 -13.33 -15.53 -3.77
C LEU C 238 -13.73 -16.98 -3.46
N ILE C 239 -12.73 -17.87 -3.50
CA ILE C 239 -12.98 -19.28 -3.23
C ILE C 239 -13.44 -19.50 -1.78
N LEU C 240 -12.79 -18.85 -0.83
CA LEU C 240 -13.18 -19.00 0.56
C LEU C 240 -14.64 -18.56 0.73
N ALA C 241 -15.00 -17.48 0.01
CA ALA C 241 -16.35 -16.92 0.04
C ALA C 241 -17.37 -17.93 -0.49
N LEU C 242 -17.03 -18.62 -1.59
CA LEU C 242 -17.93 -19.64 -2.15
C LEU C 242 -18.28 -20.69 -1.12
N PHE C 243 -17.29 -21.10 -0.32
CA PHE C 243 -17.56 -22.09 0.73
C PHE C 243 -18.34 -21.48 1.88
N VAL C 244 -17.89 -20.32 2.39
CA VAL C 244 -18.54 -19.69 3.53
C VAL C 244 -20.02 -19.39 3.33
N PHE C 245 -20.37 -18.89 2.15
CA PHE C 245 -21.75 -18.54 1.84
C PHE C 245 -22.57 -19.65 1.15
N TYR C 246 -21.95 -20.40 0.27
CA TYR C 246 -22.68 -21.43 -0.46
C TYR C 246 -22.55 -22.88 -0.03
N SER C 247 -21.47 -23.23 0.67
CA SER C 247 -21.28 -24.62 1.10
C SER C 247 -20.41 -24.67 2.35
N PRO C 248 -20.86 -24.00 3.42
CA PRO C 248 -20.20 -23.88 4.73
C PRO C 248 -19.90 -25.15 5.55
N ASN C 249 -20.60 -26.25 5.27
CA ASN C 249 -20.38 -27.47 6.04
C ASN C 249 -19.82 -28.64 5.27
N THR C 250 -19.47 -28.42 4.02
CA THR C 250 -18.93 -29.46 3.18
C THR C 250 -17.57 -30.02 3.64
N LEU C 251 -16.78 -29.18 4.31
CA LEU C 251 -15.47 -29.60 4.80
C LEU C 251 -15.48 -30.02 6.26
N GLY C 252 -16.67 -30.17 6.83
CA GLY C 252 -16.77 -30.56 8.23
C GLY C 252 -17.42 -31.91 8.38
N HIS C 253 -17.74 -32.25 9.62
CA HIS C 253 -18.34 -33.54 9.92
C HIS C 253 -19.69 -33.33 10.63
N PRO C 254 -20.75 -33.93 10.08
CA PRO C 254 -22.11 -33.85 10.62
C PRO C 254 -22.21 -34.25 12.09
N ASP C 255 -21.34 -35.13 12.55
CA ASP C 255 -21.40 -35.54 13.95
C ASP C 255 -21.06 -34.43 14.91
N ASN C 256 -20.45 -33.36 14.41
CA ASN C 256 -20.11 -32.26 15.31
C ASN C 256 -21.26 -31.30 15.54
N TYR C 257 -22.43 -31.67 15.00
CA TYR C 257 -23.65 -30.91 15.21
C TYR C 257 -24.49 -31.70 16.23
N ILE C 258 -23.84 -32.61 16.94
CA ILE C 258 -24.47 -33.42 18.00
C ILE C 258 -23.61 -33.16 19.23
N PRO C 259 -24.24 -32.79 20.36
CA PRO C 259 -23.45 -32.54 21.57
C PRO C 259 -22.68 -33.77 21.98
N GLY C 260 -21.47 -33.57 22.51
CA GLY C 260 -20.63 -34.67 22.93
C GLY C 260 -21.29 -35.56 23.96
N ASN C 261 -21.13 -36.87 23.80
CA ASN C 261 -21.70 -37.85 24.72
C ASN C 261 -20.60 -38.80 25.18
N PRO C 262 -20.19 -38.71 26.45
CA PRO C 262 -19.14 -39.54 27.05
C PRO C 262 -19.39 -41.05 27.03
N LEU C 263 -20.62 -41.47 26.75
CA LEU C 263 -20.95 -42.90 26.75
C LEU C 263 -21.11 -43.54 25.37
N VAL C 264 -21.02 -42.74 24.32
CA VAL C 264 -21.21 -43.26 22.97
C VAL C 264 -20.27 -42.66 21.95
N THR C 265 -19.52 -43.52 21.26
CA THR C 265 -18.63 -43.08 20.20
C THR C 265 -19.33 -43.48 18.91
N PRO C 266 -19.70 -42.51 18.08
CA PRO C 266 -20.38 -42.77 16.81
C PRO C 266 -19.56 -43.71 15.94
N ALA C 267 -20.24 -44.58 15.19
CA ALA C 267 -19.57 -45.51 14.30
C ALA C 267 -19.05 -44.72 13.11
N SER C 268 -19.57 -43.52 12.93
CA SER C 268 -19.19 -42.67 11.81
C SER C 268 -18.02 -41.71 12.06
N ILE C 269 -17.39 -41.85 13.22
CA ILE C 269 -16.24 -41.03 13.58
C ILE C 269 -15.16 -41.04 12.52
N VAL C 270 -14.78 -39.84 12.07
CA VAL C 270 -13.73 -39.66 11.09
C VAL C 270 -12.97 -38.36 11.44
N PRO C 271 -11.64 -38.38 11.43
CA PRO C 271 -10.88 -37.18 11.74
C PRO C 271 -11.09 -36.10 10.67
N GLU C 272 -10.73 -34.88 11.04
CA GLU C 272 -10.80 -33.74 10.13
C GLU C 272 -9.94 -34.11 8.91
N TRP C 273 -10.37 -33.70 7.71
CA TRP C 273 -9.65 -34.03 6.49
C TRP C 273 -8.15 -33.78 6.42
N TYR C 274 -7.69 -32.68 7.00
CA TYR C 274 -6.26 -32.33 6.95
C TYR C 274 -5.40 -33.20 7.85
N LEU C 275 -6.03 -33.99 8.70
CA LEU C 275 -5.34 -34.89 9.60
C LEU C 275 -5.39 -36.35 9.13
N LEU C 276 -6.14 -36.63 8.07
CA LEU C 276 -6.29 -38.00 7.55
C LEU C 276 -5.03 -38.77 7.15
N PRO C 277 -4.08 -38.13 6.45
CA PRO C 277 -2.87 -38.87 6.06
C PRO C 277 -2.07 -39.37 7.27
N PHE C 278 -2.04 -38.57 8.33
CA PHE C 278 -1.30 -38.91 9.53
C PHE C 278 -2.01 -39.97 10.31
N TYR C 279 -3.34 -39.88 10.30
CA TYR C 279 -4.20 -40.83 10.97
C TYR C 279 -4.03 -42.21 10.33
N ALA C 280 -4.01 -42.23 9.00
CA ALA C 280 -3.83 -43.47 8.25
C ALA C 280 -2.50 -44.12 8.62
N ILE C 281 -1.45 -43.30 8.76
CA ILE C 281 -0.14 -43.80 9.09
C ILE C 281 -0.18 -44.51 10.44
N LEU C 282 -0.77 -43.87 11.44
CA LEU C 282 -0.88 -44.48 12.76
C LEU C 282 -1.69 -45.77 12.74
N ARG C 283 -2.81 -45.76 12.02
CA ARG C 283 -3.71 -46.91 11.91
C ARG C 283 -3.05 -48.13 11.26
N SER C 284 -2.07 -47.89 10.40
CA SER C 284 -1.35 -48.96 9.72
C SER C 284 -0.42 -49.79 10.60
N ILE C 285 -0.12 -49.30 11.80
CA ILE C 285 0.76 -50.05 12.70
C ILE C 285 -0.10 -50.71 13.77
N PRO C 286 -0.22 -52.04 13.74
CA PRO C 286 -1.02 -52.79 14.72
C PRO C 286 -0.46 -52.84 16.15
N ASP C 287 0.23 -51.78 16.55
CA ASP C 287 0.80 -51.70 17.90
C ASP C 287 0.58 -50.28 18.40
N LYS C 288 0.14 -50.16 19.65
CA LYS C 288 -0.13 -48.88 20.28
C LYS C 288 1.06 -47.92 20.28
N LEU C 289 2.15 -48.32 20.94
CA LEU C 289 3.34 -47.50 21.03
C LEU C 289 3.94 -47.16 19.67
N LEU C 290 4.15 -48.17 18.84
CA LEU C 290 4.75 -47.97 17.53
C LEU C 290 3.87 -47.17 16.60
N GLY C 291 2.55 -47.26 16.81
CA GLY C 291 1.62 -46.50 16.00
C GLY C 291 1.83 -45.01 16.21
N VAL C 292 1.86 -44.58 17.47
CA VAL C 292 2.06 -43.17 17.78
C VAL C 292 3.47 -42.68 17.45
N ILE C 293 4.48 -43.55 17.59
CA ILE C 293 5.87 -43.16 17.29
C ILE C 293 6.04 -42.93 15.79
N THR C 294 5.51 -43.86 14.98
CA THR C 294 5.61 -43.77 13.54
C THR C 294 4.86 -42.54 13.00
N MET C 295 3.73 -42.21 13.62
CA MET C 295 2.96 -41.06 13.17
C MET C 295 3.73 -39.75 13.40
N PHE C 296 4.31 -39.61 14.60
CA PHE C 296 5.10 -38.43 14.91
C PHE C 296 6.34 -38.35 14.03
N ALA C 297 6.90 -39.52 13.71
CA ALA C 297 8.10 -39.59 12.88
C ALA C 297 7.78 -39.13 11.46
N ALA C 298 6.53 -39.28 11.05
CA ALA C 298 6.09 -38.88 9.72
C ALA C 298 6.22 -37.36 9.57
N ILE C 299 6.15 -36.64 10.68
CA ILE C 299 6.31 -35.19 10.66
C ILE C 299 7.80 -34.83 10.81
N LEU C 300 8.48 -35.42 11.79
CA LEU C 300 9.89 -35.14 12.03
C LEU C 300 10.82 -35.51 10.88
N VAL C 301 10.42 -36.47 10.05
CA VAL C 301 11.27 -36.89 8.95
C VAL C 301 11.54 -35.77 7.94
N LEU C 302 10.70 -34.73 7.98
CA LEU C 302 10.85 -33.57 7.10
C LEU C 302 12.18 -32.86 7.40
N LEU C 303 12.69 -33.05 8.61
CA LEU C 303 13.93 -32.44 9.06
C LEU C 303 15.19 -33.06 8.43
N VAL C 304 15.01 -34.26 7.89
CA VAL C 304 16.08 -35.05 7.28
C VAL C 304 16.47 -34.68 5.85
N LEU C 305 15.53 -34.08 5.13
CA LEU C 305 15.73 -33.72 3.73
C LEU C 305 16.99 -32.94 3.34
N PRO C 306 17.45 -32.00 4.17
CA PRO C 306 18.67 -31.27 3.78
C PRO C 306 19.89 -32.19 3.68
N PHE C 307 19.86 -33.29 4.44
CA PHE C 307 20.95 -34.25 4.48
C PHE C 307 20.82 -35.40 3.47
N THR C 308 19.60 -35.85 3.20
CA THR C 308 19.40 -36.95 2.25
C THR C 308 19.34 -36.51 0.79
N ASP C 309 19.18 -35.22 0.55
CA ASP C 309 19.18 -34.75 -0.82
C ASP C 309 20.67 -34.57 -1.16
N ARG C 310 21.19 -35.51 -1.94
CA ARG C 310 22.62 -35.53 -2.31
C ARG C 310 22.97 -34.73 -3.55
N SER C 311 21.95 -34.28 -4.28
CA SER C 311 22.16 -33.52 -5.49
C SER C 311 23.10 -32.35 -5.34
N VAL C 312 23.66 -31.92 -6.46
CA VAL C 312 24.59 -30.82 -6.49
C VAL C 312 23.87 -29.54 -6.98
N VAL C 313 22.61 -29.70 -7.39
CA VAL C 313 21.77 -28.59 -7.85
C VAL C 313 20.50 -28.50 -7.00
N ARG C 314 20.04 -27.28 -6.76
CA ARG C 314 18.85 -27.04 -5.94
C ARG C 314 17.58 -27.09 -6.78
N GLY C 315 16.62 -27.90 -6.33
CA GLY C 315 15.35 -27.98 -7.03
C GLY C 315 15.20 -29.05 -8.09
N ASN C 316 13.94 -29.34 -8.42
CA ASN C 316 13.64 -30.38 -9.39
C ASN C 316 13.34 -29.91 -10.81
N THR C 317 13.42 -28.62 -11.10
CA THR C 317 13.10 -28.12 -12.44
C THR C 317 13.78 -28.80 -13.62
N PHE C 318 15.05 -29.14 -13.46
CA PHE C 318 15.80 -29.79 -14.53
C PHE C 318 16.16 -31.23 -14.17
N LYS C 319 15.29 -31.90 -13.41
CA LYS C 319 15.55 -33.28 -12.99
C LYS C 319 14.39 -34.20 -13.29
N VAL C 320 14.54 -34.99 -14.35
CA VAL C 320 13.52 -35.93 -14.81
C VAL C 320 13.07 -36.98 -13.79
N LEU C 321 14.01 -37.65 -13.15
CA LEU C 321 13.67 -38.68 -12.17
C LEU C 321 13.07 -38.11 -10.89
N SER C 322 13.65 -37.02 -10.41
CA SER C 322 13.16 -36.35 -9.20
C SER C 322 11.76 -35.78 -9.38
N LYS C 323 11.45 -35.26 -10.56
CA LYS C 323 10.12 -34.73 -10.80
C LYS C 323 9.09 -35.84 -10.72
N PHE C 324 9.41 -36.96 -11.35
CA PHE C 324 8.54 -38.12 -11.37
C PHE C 324 8.24 -38.63 -9.96
N PHE C 325 9.30 -38.88 -9.19
CA PHE C 325 9.11 -39.37 -7.84
C PHE C 325 8.48 -38.35 -6.88
N PHE C 326 8.62 -37.06 -7.20
CA PHE C 326 8.02 -36.04 -6.36
C PHE C 326 6.50 -36.21 -6.45
N PHE C 327 6.02 -36.38 -7.69
CA PHE C 327 4.59 -36.57 -7.90
C PHE C 327 4.10 -37.92 -7.38
N ILE C 328 5.00 -38.89 -7.28
CA ILE C 328 4.63 -40.19 -6.71
C ILE C 328 4.35 -39.88 -5.24
N PHE C 329 5.22 -39.09 -4.63
CA PHE C 329 5.08 -38.69 -3.23
C PHE C 329 3.78 -37.93 -2.94
N VAL C 330 3.47 -36.96 -3.80
CA VAL C 330 2.26 -36.15 -3.64
C VAL C 330 1.00 -37.00 -3.69
N PHE C 331 0.86 -37.80 -4.75
CA PHE C 331 -0.31 -38.64 -4.90
C PHE C 331 -0.35 -39.77 -3.88
N ASN C 332 0.82 -40.17 -3.38
CA ASN C 332 0.85 -41.20 -2.35
C ASN C 332 0.28 -40.61 -1.06
N PHE C 333 0.51 -39.31 -0.87
CA PHE C 333 0.03 -38.57 0.31
C PHE C 333 -1.51 -38.46 0.25
N VAL C 334 -2.02 -38.17 -0.93
CA VAL C 334 -3.47 -38.07 -1.14
C VAL C 334 -4.09 -39.46 -0.87
N LEU C 335 -3.40 -40.52 -1.28
CA LEU C 335 -3.90 -41.88 -1.06
C LEU C 335 -4.00 -42.15 0.45
N LEU C 336 -2.96 -41.78 1.17
CA LEU C 336 -2.95 -41.97 2.62
C LEU C 336 -4.20 -41.31 3.22
N GLY C 337 -4.57 -40.16 2.66
CA GLY C 337 -5.73 -39.43 3.12
C GLY C 337 -7.01 -40.16 2.77
N GLN C 338 -7.07 -40.72 1.58
CA GLN C 338 -8.25 -41.46 1.17
C GLN C 338 -8.39 -42.76 2.00
N ILE C 339 -7.26 -43.35 2.39
CA ILE C 339 -7.25 -44.55 3.22
C ILE C 339 -7.74 -44.17 4.61
N GLY C 340 -7.29 -43.02 5.11
CA GLY C 340 -7.73 -42.55 6.42
C GLY C 340 -9.25 -42.40 6.52
N ALA C 341 -9.87 -42.01 5.41
CA ALA C 341 -11.31 -41.84 5.36
C ALA C 341 -12.07 -43.16 5.17
N CYS C 342 -11.35 -44.26 5.01
CA CYS C 342 -11.97 -45.56 4.81
C CYS C 342 -12.01 -46.43 6.04
N HIS C 343 -12.79 -47.50 5.95
CA HIS C 343 -12.90 -48.45 7.06
C HIS C 343 -11.68 -49.34 7.16
N VAL C 344 -11.43 -49.83 8.37
CA VAL C 344 -10.29 -50.71 8.59
C VAL C 344 -10.74 -52.06 8.03
N GLU C 345 -10.66 -52.17 6.70
CA GLU C 345 -11.06 -53.37 5.99
C GLU C 345 -9.99 -53.83 5.01
N VAL C 346 -10.03 -55.12 4.69
CA VAL C 346 -9.07 -55.82 3.83
C VAL C 346 -8.20 -55.16 2.78
N PRO C 347 -8.79 -54.69 1.67
CA PRO C 347 -7.84 -54.09 0.74
C PRO C 347 -7.13 -52.85 1.32
N TYR C 348 -7.91 -52.04 2.04
CA TYR C 348 -7.43 -50.79 2.62
C TYR C 348 -6.27 -50.87 3.60
N VAL C 349 -6.33 -51.83 4.51
CA VAL C 349 -5.29 -52.02 5.53
C VAL C 349 -3.90 -52.23 4.91
N LEU C 350 -3.83 -53.08 3.89
CA LEU C 350 -2.56 -53.37 3.23
C LEU C 350 -2.10 -52.17 2.40
N MET C 351 -3.03 -51.53 1.70
CA MET C 351 -2.69 -50.37 0.88
C MET C 351 -2.11 -49.25 1.76
N GLY C 352 -2.69 -49.09 2.94
CA GLY C 352 -2.23 -48.07 3.86
C GLY C 352 -0.83 -48.37 4.36
N GLN C 353 -0.55 -49.65 4.59
CA GLN C 353 0.77 -50.05 5.06
C GLN C 353 1.83 -49.86 3.98
N ILE C 354 1.47 -50.09 2.72
CA ILE C 354 2.41 -49.91 1.63
C ILE C 354 2.63 -48.42 1.37
N ALA C 355 1.55 -47.63 1.41
CA ALA C 355 1.65 -46.18 1.22
C ALA C 355 2.50 -45.57 2.35
N THR C 356 2.34 -46.10 3.56
CA THR C 356 3.12 -45.60 4.69
C THR C 356 4.60 -45.85 4.39
N PHE C 357 4.93 -47.02 3.86
CA PHE C 357 6.30 -47.35 3.55
C PHE C 357 6.83 -46.38 2.50
N ILE C 358 6.05 -46.20 1.43
CA ILE C 358 6.44 -45.29 0.36
C ILE C 358 6.70 -43.87 0.90
N TYR C 359 5.89 -43.43 1.87
CA TYR C 359 6.03 -42.11 2.48
C TYR C 359 7.43 -41.93 3.09
N PHE C 360 7.83 -42.86 3.94
CA PHE C 360 9.14 -42.80 4.58
C PHE C 360 10.30 -43.10 3.61
N ALA C 361 10.07 -44.05 2.69
CA ALA C 361 11.08 -44.44 1.72
C ALA C 361 11.51 -43.27 0.83
N TYR C 362 10.57 -42.37 0.59
CA TYR C 362 10.82 -41.20 -0.23
C TYR C 362 11.98 -40.37 0.33
N PHE C 363 11.91 -40.02 1.61
CA PHE C 363 12.94 -39.21 2.25
C PHE C 363 14.23 -39.96 2.54
N LEU C 364 14.10 -41.18 3.03
CA LEU C 364 15.25 -41.99 3.42
C LEU C 364 15.95 -42.83 2.36
N ILE C 365 15.24 -43.20 1.30
CA ILE C 365 15.80 -44.06 0.27
C ILE C 365 15.77 -43.49 -1.15
N ILE C 366 14.57 -43.17 -1.63
CA ILE C 366 14.42 -42.65 -2.98
C ILE C 366 15.23 -41.40 -3.27
N VAL C 367 15.06 -40.33 -2.49
CA VAL C 367 15.78 -39.08 -2.73
C VAL C 367 17.32 -39.24 -2.75
N PRO C 368 17.90 -39.88 -1.73
CA PRO C 368 19.36 -40.02 -1.76
C PRO C 368 19.86 -40.89 -2.94
N VAL C 369 19.14 -41.95 -3.27
CA VAL C 369 19.54 -42.83 -4.37
C VAL C 369 19.40 -42.14 -5.72
N ILE C 370 18.23 -41.55 -5.95
CA ILE C 370 17.92 -40.86 -7.20
C ILE C 370 18.77 -39.62 -7.43
N SER C 371 19.00 -38.83 -6.38
CA SER C 371 19.80 -37.63 -6.52
C SER C 371 21.24 -37.99 -6.86
N THR C 372 21.73 -39.10 -6.30
CA THR C 372 23.09 -39.57 -6.59
C THR C 372 23.16 -40.00 -8.06
N ILE C 373 22.18 -40.77 -8.52
CA ILE C 373 22.15 -41.23 -9.90
C ILE C 373 22.11 -40.02 -10.84
N GLU C 374 21.24 -39.06 -10.55
CA GLU C 374 21.15 -37.87 -11.39
C GLU C 374 22.47 -37.09 -11.42
N ASN C 375 23.17 -37.05 -10.29
CA ASN C 375 24.48 -36.36 -10.26
C ASN C 375 25.40 -36.96 -11.30
N VAL C 376 25.51 -38.29 -11.28
CA VAL C 376 26.36 -39.03 -12.19
C VAL C 376 25.91 -38.91 -13.64
N LEU C 377 24.60 -38.96 -13.88
CA LEU C 377 24.07 -38.84 -15.24
C LEU C 377 24.44 -37.49 -15.85
N PHE C 378 24.37 -36.43 -15.05
CA PHE C 378 24.71 -35.08 -15.50
C PHE C 378 26.16 -35.01 -15.92
N TYR C 379 27.02 -35.73 -15.20
CA TYR C 379 28.45 -35.76 -15.48
C TYR C 379 28.88 -36.52 -16.75
N ILE C 380 28.55 -37.80 -16.83
CA ILE C 380 28.92 -38.64 -17.97
C ILE C 380 28.28 -38.23 -19.29
N GLY C 381 27.23 -37.42 -19.22
CA GLY C 381 26.56 -36.99 -20.43
C GLY C 381 27.25 -35.83 -21.14
N ARG C 382 28.36 -35.36 -20.56
CA ARG C 382 29.09 -34.24 -21.15
C ARG C 382 30.62 -34.35 -21.08
N VAL C 383 31.14 -35.18 -20.19
CA VAL C 383 32.58 -35.35 -20.07
C VAL C 383 33.06 -36.40 -21.08
N ASN C 384 33.97 -35.99 -21.95
CA ASN C 384 34.48 -36.88 -23.00
C ASN C 384 35.84 -37.52 -22.71
N LYS C 385 35.92 -38.23 -21.57
CA LYS C 385 37.14 -38.93 -21.16
C LYS C 385 36.94 -39.58 -19.78
N MET D 1 -17.89 -52.49 3.70
CA MET D 1 -18.90 -52.85 4.75
C MET D 1 -20.18 -53.22 4.00
N THR D 2 -21.01 -54.10 4.57
CA THR D 2 -22.26 -54.51 3.90
C THR D 2 -23.25 -53.38 3.68
N ALA D 3 -24.02 -53.47 2.61
CA ALA D 3 -25.02 -52.46 2.24
C ALA D 3 -26.02 -52.21 3.36
N ALA D 4 -26.41 -53.26 4.06
CA ALA D 4 -27.36 -53.15 5.16
C ALA D 4 -26.81 -52.27 6.27
N GLU D 5 -25.55 -52.55 6.66
CA GLU D 5 -24.89 -51.80 7.71
C GLU D 5 -24.65 -50.34 7.32
N HIS D 6 -24.35 -50.08 6.04
CA HIS D 6 -24.12 -48.72 5.56
C HIS D 6 -25.43 -47.95 5.48
N GLY D 7 -26.47 -48.63 5.03
CA GLY D 7 -27.77 -48.02 4.86
C GLY D 7 -27.92 -47.63 3.40
N LEU D 8 -29.15 -47.60 2.91
CA LEU D 8 -29.40 -47.25 1.52
C LEU D 8 -29.09 -45.78 1.25
N HIS D 9 -28.39 -45.53 0.16
CA HIS D 9 -28.04 -44.17 -0.23
C HIS D 9 -29.32 -43.41 -0.59
N ALA D 10 -29.53 -42.26 0.02
CA ALA D 10 -30.69 -41.45 -0.25
C ALA D 10 -30.51 -40.73 -1.58
N PRO D 11 -31.54 -40.75 -2.45
CA PRO D 11 -31.50 -40.11 -3.77
C PRO D 11 -31.66 -38.60 -3.65
N ALA D 12 -31.37 -37.89 -4.74
CA ALA D 12 -31.48 -36.43 -4.76
C ALA D 12 -32.79 -35.86 -5.28
N TYR D 13 -33.63 -35.38 -4.36
CA TYR D 13 -34.92 -34.77 -4.71
C TYR D 13 -34.70 -33.31 -5.12
N ALA D 14 -35.60 -32.78 -5.94
CA ALA D 14 -35.47 -31.40 -6.42
C ALA D 14 -36.03 -30.35 -5.45
N TRP D 15 -35.36 -30.16 -4.32
CA TRP D 15 -35.80 -29.19 -3.34
C TRP D 15 -35.76 -27.81 -3.95
N SER D 16 -36.79 -27.01 -3.66
CA SER D 16 -36.88 -25.67 -4.22
C SER D 16 -35.78 -24.74 -3.67
N HIS D 17 -35.23 -25.08 -2.51
CA HIS D 17 -34.16 -24.28 -1.93
C HIS D 17 -32.74 -24.68 -2.38
N ASN D 18 -32.64 -25.71 -3.23
CA ASN D 18 -31.34 -26.15 -3.77
C ASN D 18 -31.00 -25.15 -4.85
N GLY D 19 -29.74 -24.73 -4.90
CA GLY D 19 -29.35 -23.76 -5.90
C GLY D 19 -28.87 -22.50 -5.21
N PRO D 20 -27.79 -21.88 -5.71
CA PRO D 20 -27.21 -20.65 -5.13
C PRO D 20 -28.15 -19.46 -5.00
N PHE D 21 -29.07 -19.32 -5.96
CA PHE D 21 -30.00 -18.20 -5.96
C PHE D 21 -31.35 -18.49 -5.31
N GLU D 22 -31.52 -19.68 -4.76
CA GLU D 22 -32.81 -20.06 -4.17
C GLU D 22 -33.05 -19.91 -2.67
N THR D 23 -34.16 -19.28 -2.32
CA THR D 23 -34.55 -19.11 -0.92
C THR D 23 -35.43 -20.28 -0.53
N PHE D 24 -35.73 -20.40 0.76
CA PHE D 24 -36.63 -21.46 1.20
C PHE D 24 -38.03 -21.10 0.65
N ASP D 25 -38.92 -22.08 0.60
CA ASP D 25 -40.30 -21.83 0.20
C ASP D 25 -40.97 -21.67 1.56
N HIS D 26 -41.33 -20.44 1.89
CA HIS D 26 -41.94 -20.16 3.19
C HIS D 26 -43.31 -20.75 3.48
N ALA D 27 -44.07 -21.07 2.43
CA ALA D 27 -45.38 -21.69 2.61
C ALA D 27 -45.14 -23.11 3.11
N SER D 28 -44.13 -23.77 2.53
CA SER D 28 -43.77 -25.11 2.93
C SER D 28 -43.27 -25.09 4.38
N ILE D 29 -42.58 -24.02 4.77
CA ILE D 29 -42.09 -23.92 6.14
C ILE D 29 -43.31 -23.85 7.07
N ARG D 30 -44.26 -23.00 6.71
CA ARG D 30 -45.50 -22.82 7.48
C ARG D 30 -46.21 -24.16 7.68
N ARG D 31 -46.39 -24.91 6.60
CA ARG D 31 -47.04 -26.22 6.67
C ARG D 31 -46.21 -27.20 7.51
N GLY D 32 -44.88 -27.16 7.31
CA GLY D 32 -43.98 -28.04 8.04
C GLY D 32 -44.14 -27.91 9.53
N TYR D 33 -44.33 -26.67 9.99
CA TYR D 33 -44.52 -26.41 11.42
C TYR D 33 -45.76 -27.15 11.94
N GLN D 34 -46.85 -27.14 11.17
CA GLN D 34 -48.10 -27.80 11.56
C GLN D 34 -47.87 -29.31 11.71
N VAL D 35 -47.17 -29.88 10.75
CA VAL D 35 -46.86 -31.30 10.77
C VAL D 35 -46.03 -31.60 12.02
N TYR D 36 -45.09 -30.70 12.34
CA TYR D 36 -44.28 -30.89 13.52
C TYR D 36 -45.13 -30.85 14.79
N ARG D 37 -45.99 -29.84 14.87
CA ARG D 37 -46.86 -29.66 16.03
C ARG D 37 -47.85 -30.81 16.23
N GLU D 38 -48.52 -31.21 15.15
CA GLU D 38 -49.52 -32.28 15.22
C GLU D 38 -49.04 -33.73 15.21
N VAL D 39 -47.83 -33.97 14.73
CA VAL D 39 -47.30 -35.34 14.69
C VAL D 39 -46.03 -35.51 15.53
N CYS D 40 -44.93 -34.95 15.03
CA CYS D 40 -43.60 -35.05 15.64
C CYS D 40 -43.42 -34.60 17.09
N ALA D 41 -43.97 -33.43 17.44
CA ALA D 41 -43.85 -32.85 18.77
C ALA D 41 -44.21 -33.74 19.95
N ALA D 42 -44.91 -34.83 19.69
CA ALA D 42 -45.32 -35.75 20.73
C ALA D 42 -44.12 -36.53 21.30
N CYS D 43 -43.07 -36.66 20.49
CA CYS D 43 -41.87 -37.38 20.91
C CYS D 43 -40.57 -36.59 20.74
N HIS D 44 -40.58 -35.60 19.84
CA HIS D 44 -39.42 -34.79 19.52
C HIS D 44 -39.41 -33.35 20.03
N SER D 45 -38.34 -32.98 20.73
CA SER D 45 -38.18 -31.62 21.22
C SER D 45 -37.58 -30.79 20.10
N LEU D 46 -37.56 -29.47 20.29
CA LEU D 46 -37.03 -28.53 19.31
C LEU D 46 -36.48 -27.37 20.14
N ASP D 47 -35.62 -27.75 21.10
CA ASP D 47 -35.00 -26.86 22.08
C ASP D 47 -34.30 -25.58 21.67
N ARG D 48 -33.69 -25.57 20.49
CA ARG D 48 -32.94 -24.41 20.04
C ARG D 48 -33.75 -23.36 19.30
N VAL D 49 -35.03 -23.65 19.06
CA VAL D 49 -35.89 -22.70 18.34
C VAL D 49 -36.77 -21.84 19.26
N ALA D 50 -36.57 -20.53 19.22
CA ALA D 50 -37.35 -19.59 20.03
C ALA D 50 -38.54 -19.11 19.22
N TRP D 51 -39.68 -18.94 19.89
CA TRP D 51 -40.91 -18.48 19.25
C TRP D 51 -40.73 -17.30 18.31
N ARG D 52 -40.04 -16.27 18.79
CA ARG D 52 -39.79 -15.05 18.02
C ARG D 52 -39.20 -15.26 16.61
N THR D 53 -38.41 -16.32 16.43
CA THR D 53 -37.81 -16.58 15.11
C THR D 53 -38.84 -16.97 14.04
N LEU D 54 -40.02 -17.40 14.47
CA LEU D 54 -41.09 -17.77 13.55
C LEU D 54 -41.71 -16.53 12.89
N VAL D 55 -41.78 -15.44 13.65
CA VAL D 55 -42.35 -14.19 13.15
C VAL D 55 -41.65 -13.66 11.91
N GLY D 56 -42.42 -13.45 10.85
CA GLY D 56 -41.86 -12.94 9.62
C GLY D 56 -41.25 -14.02 8.76
N VAL D 57 -41.29 -15.25 9.23
CA VAL D 57 -40.74 -16.38 8.47
C VAL D 57 -41.85 -17.28 7.97
N SER D 58 -42.67 -17.77 8.90
CA SER D 58 -43.76 -18.66 8.57
C SER D 58 -45.10 -18.23 9.19
N HIS D 59 -45.04 -17.39 10.21
CA HIS D 59 -46.23 -16.91 10.90
C HIS D 59 -46.16 -15.41 11.20
N THR D 60 -47.29 -14.83 11.58
CA THR D 60 -47.36 -13.41 11.91
C THR D 60 -47.05 -13.23 13.39
N ASN D 61 -46.75 -12.00 13.78
CA ASN D 61 -46.44 -11.68 15.17
C ASN D 61 -47.58 -12.13 16.09
N GLU D 62 -48.82 -11.97 15.62
CA GLU D 62 -50.00 -12.34 16.38
C GLU D 62 -50.14 -13.85 16.54
N GLU D 63 -50.00 -14.59 15.44
CA GLU D 63 -50.11 -16.05 15.45
C GLU D 63 -49.12 -16.71 16.40
N VAL D 64 -47.88 -16.24 16.39
CA VAL D 64 -46.85 -16.79 17.25
C VAL D 64 -47.15 -16.51 18.71
N ARG D 65 -47.65 -15.32 19.01
CA ARG D 65 -47.98 -14.96 20.38
C ARG D 65 -49.05 -15.89 20.94
N ASN D 66 -50.06 -16.19 20.14
CA ASN D 66 -51.14 -17.08 20.56
C ASN D 66 -50.61 -18.48 20.83
N MET D 67 -49.73 -18.95 19.95
CA MET D 67 -49.12 -20.28 20.09
C MET D 67 -48.25 -20.41 21.33
N ALA D 68 -47.49 -19.36 21.64
CA ALA D 68 -46.62 -19.37 22.80
C ALA D 68 -47.40 -19.39 24.10
N GLU D 69 -48.50 -18.64 24.14
CA GLU D 69 -49.34 -18.55 25.32
C GLU D 69 -50.09 -19.83 25.68
N GLU D 70 -50.15 -20.77 24.75
CA GLU D 70 -50.80 -22.05 24.99
C GLU D 70 -49.95 -22.92 25.91
N PHE D 71 -48.70 -22.51 26.14
CA PHE D 71 -47.79 -23.25 27.01
C PHE D 71 -47.43 -22.47 28.26
N GLU D 72 -47.23 -23.19 29.35
CA GLU D 72 -46.87 -22.58 30.61
C GLU D 72 -45.40 -22.76 30.89
N TYR D 73 -44.77 -21.72 31.42
CA TYR D 73 -43.34 -21.75 31.74
C TYR D 73 -43.17 -21.27 33.17
N ASP D 74 -42.06 -21.67 33.79
CA ASP D 74 -41.76 -21.25 35.16
C ASP D 74 -41.54 -19.75 35.18
N ASP D 75 -42.11 -19.07 36.18
CA ASP D 75 -41.95 -17.63 36.31
C ASP D 75 -41.16 -17.38 37.57
N GLU D 76 -40.92 -16.11 37.86
CA GLU D 76 -40.19 -15.72 39.06
C GLU D 76 -41.11 -15.87 40.28
N PRO D 77 -40.58 -16.38 41.40
CA PRO D 77 -41.37 -16.57 42.61
C PRO D 77 -42.06 -15.30 43.10
N ASP D 78 -43.24 -15.46 43.71
CA ASP D 78 -44.02 -14.34 44.22
C ASP D 78 -43.37 -13.61 45.40
N GLU D 79 -44.06 -12.58 45.89
CA GLU D 79 -43.59 -11.77 47.01
C GLU D 79 -43.21 -12.61 48.23
N GLN D 80 -43.89 -13.74 48.41
CA GLN D 80 -43.65 -14.62 49.54
C GLN D 80 -42.66 -15.77 49.31
N GLY D 81 -42.19 -15.92 48.07
CA GLY D 81 -41.22 -16.96 47.78
C GLY D 81 -41.72 -18.26 47.16
N ASN D 82 -43.03 -18.48 47.13
CA ASN D 82 -43.59 -19.69 46.55
C ASN D 82 -43.53 -19.62 45.02
N PRO D 83 -43.25 -20.76 44.36
CA PRO D 83 -43.16 -20.80 42.90
C PRO D 83 -44.49 -20.54 42.19
N LYS D 84 -44.40 -20.11 40.93
CA LYS D 84 -45.59 -19.82 40.14
C LYS D 84 -45.32 -19.91 38.64
N LYS D 85 -46.34 -20.34 37.89
CA LYS D 85 -46.23 -20.49 36.45
C LYS D 85 -46.57 -19.20 35.69
N ARG D 86 -46.51 -19.28 34.37
CA ARG D 86 -46.77 -18.14 33.50
C ARG D 86 -46.95 -18.58 32.06
N PRO D 87 -47.87 -17.93 31.32
CA PRO D 87 -48.06 -18.31 29.91
C PRO D 87 -46.80 -17.93 29.13
N GLY D 88 -46.57 -18.58 28.00
CA GLY D 88 -45.38 -18.29 27.21
C GLY D 88 -45.36 -16.98 26.46
N LYS D 89 -44.16 -16.46 26.24
CA LYS D 89 -43.98 -15.21 25.49
C LYS D 89 -43.04 -15.46 24.32
N LEU D 90 -42.85 -14.46 23.45
CA LEU D 90 -42.00 -14.63 22.29
C LEU D 90 -40.53 -14.93 22.59
N SER D 91 -40.04 -14.49 23.74
CA SER D 91 -38.65 -14.72 24.13
C SER D 91 -38.36 -16.18 24.51
N ASP D 92 -39.41 -16.95 24.73
CA ASP D 92 -39.24 -18.35 25.12
C ASP D 92 -38.92 -19.29 23.96
N TYR D 93 -38.40 -20.46 24.32
CA TYR D 93 -38.04 -21.49 23.37
C TYR D 93 -39.14 -22.53 23.33
N ILE D 94 -39.44 -23.04 22.13
CA ILE D 94 -40.45 -24.07 21.92
C ILE D 94 -40.19 -25.21 22.92
N PRO D 95 -41.17 -25.48 23.79
CA PRO D 95 -41.06 -26.53 24.81
C PRO D 95 -41.09 -27.96 24.26
N GLY D 96 -40.40 -28.85 24.95
CA GLY D 96 -40.34 -30.24 24.54
C GLY D 96 -41.38 -31.09 25.25
N PRO D 97 -41.71 -32.27 24.69
CA PRO D 97 -42.69 -33.20 25.26
C PRO D 97 -42.28 -33.89 26.56
N TYR D 98 -40.98 -34.04 26.80
CA TYR D 98 -40.52 -34.72 28.01
C TYR D 98 -39.72 -33.82 28.94
N PRO D 99 -39.87 -34.02 30.27
CA PRO D 99 -39.17 -33.24 31.30
C PRO D 99 -37.68 -33.57 31.42
N ASN D 100 -37.31 -34.80 31.07
CA ASN D 100 -35.91 -35.24 31.13
C ASN D 100 -35.70 -36.48 30.26
N GLU D 101 -34.43 -36.84 30.07
CA GLU D 101 -34.06 -37.99 29.25
C GLU D 101 -34.72 -39.30 29.67
N GLN D 102 -34.70 -39.60 30.97
CA GLN D 102 -35.29 -40.83 31.52
C GLN D 102 -36.78 -40.99 31.18
N ALA D 103 -37.52 -39.88 31.21
CA ALA D 103 -38.94 -39.91 30.90
C ALA D 103 -39.18 -40.13 29.41
N ALA D 104 -38.24 -39.67 28.59
CA ALA D 104 -38.32 -39.83 27.14
C ALA D 104 -38.06 -41.26 26.71
N ARG D 105 -37.11 -41.92 27.38
CA ARG D 105 -36.77 -43.29 27.07
C ARG D 105 -37.92 -44.24 27.49
N ALA D 106 -38.51 -43.95 28.64
CA ALA D 106 -39.63 -44.74 29.17
C ALA D 106 -40.82 -44.76 28.21
N ALA D 107 -41.05 -43.63 27.54
CA ALA D 107 -42.15 -43.52 26.60
C ALA D 107 -41.83 -44.04 25.20
N ASN D 108 -40.63 -44.57 24.99
CA ASN D 108 -40.25 -45.06 23.66
C ASN D 108 -39.47 -46.36 23.66
N GLN D 109 -39.87 -47.30 24.52
CA GLN D 109 -39.23 -48.61 24.61
C GLN D 109 -37.74 -48.50 24.94
N GLY D 110 -37.36 -47.42 25.63
CA GLY D 110 -35.97 -47.24 26.00
C GLY D 110 -35.14 -46.45 24.99
N ALA D 111 -35.76 -46.03 23.90
CA ALA D 111 -35.08 -45.26 22.86
C ALA D 111 -35.20 -43.75 23.15
N LEU D 112 -34.28 -42.97 22.59
CA LEU D 112 -34.29 -41.53 22.82
C LEU D 112 -34.49 -40.74 21.53
N PRO D 113 -35.68 -40.14 21.36
CA PRO D 113 -35.95 -39.36 20.16
C PRO D 113 -35.06 -38.11 20.21
N PRO D 114 -34.14 -37.96 19.24
CA PRO D 114 -33.27 -36.79 19.26
C PRO D 114 -34.01 -35.48 19.02
N ASP D 115 -33.40 -34.39 19.48
CA ASP D 115 -33.93 -33.06 19.27
C ASP D 115 -33.77 -32.82 17.77
N LEU D 116 -34.71 -32.13 17.14
CA LEU D 116 -34.64 -31.91 15.71
C LEU D 116 -34.15 -30.54 15.24
N SER D 117 -33.68 -29.73 16.17
CA SER D 117 -33.20 -28.39 15.85
C SER D 117 -32.09 -28.35 14.82
N LEU D 118 -31.23 -29.36 14.86
CA LEU D 118 -30.09 -29.43 13.95
C LEU D 118 -30.07 -30.70 13.12
N ILE D 119 -31.08 -31.54 13.30
CA ILE D 119 -31.14 -32.83 12.60
C ILE D 119 -30.75 -32.81 11.13
N VAL D 120 -31.09 -31.74 10.41
CA VAL D 120 -30.76 -31.66 8.98
C VAL D 120 -29.26 -31.54 8.74
N LYS D 121 -28.56 -30.82 9.62
CA LYS D 121 -27.11 -30.67 9.49
C LYS D 121 -26.35 -31.79 10.21
N ALA D 122 -26.99 -32.48 11.14
CA ALA D 122 -26.34 -33.56 11.88
C ALA D 122 -26.45 -34.95 11.23
N ARG D 123 -26.68 -34.99 9.91
CA ARG D 123 -26.79 -36.25 9.20
C ARG D 123 -26.33 -36.11 7.76
N HIS D 124 -25.59 -37.10 7.26
CA HIS D 124 -25.14 -37.10 5.88
C HIS D 124 -26.42 -37.26 5.03
N GLY D 125 -26.52 -36.48 3.97
CA GLY D 125 -27.71 -36.57 3.14
C GLY D 125 -28.67 -35.42 3.33
N GLY D 126 -28.57 -34.75 4.48
CA GLY D 126 -29.44 -33.61 4.74
C GLY D 126 -30.92 -33.85 4.52
N CYS D 127 -31.55 -32.96 3.75
CA CYS D 127 -32.97 -33.06 3.45
C CYS D 127 -33.33 -34.38 2.76
N ASP D 128 -32.51 -34.79 1.80
CA ASP D 128 -32.73 -36.04 1.08
C ASP D 128 -32.84 -37.21 2.04
N TYR D 129 -31.99 -37.23 3.06
CA TYR D 129 -32.02 -38.32 4.03
C TYR D 129 -33.29 -38.32 4.87
N ILE D 130 -33.56 -37.19 5.53
CA ILE D 130 -34.73 -37.05 6.39
C ILE D 130 -36.02 -37.41 5.65
N PHE D 131 -36.18 -36.88 4.44
CA PHE D 131 -37.34 -37.16 3.63
C PHE D 131 -37.45 -38.66 3.32
N SER D 132 -36.37 -39.20 2.76
CA SER D 132 -36.32 -40.61 2.40
C SER D 132 -36.62 -41.53 3.57
N LEU D 133 -36.13 -41.18 4.75
CA LEU D 133 -36.37 -41.99 5.94
C LEU D 133 -37.87 -42.03 6.25
N LEU D 134 -38.50 -40.86 6.28
CA LEU D 134 -39.92 -40.73 6.61
C LEU D 134 -40.87 -41.42 5.62
N THR D 135 -40.47 -41.47 4.35
CA THR D 135 -41.29 -42.07 3.32
C THR D 135 -40.75 -43.44 2.86
N GLY D 136 -39.76 -43.95 3.58
CA GLY D 136 -39.15 -45.21 3.18
C GLY D 136 -39.43 -46.44 4.02
N TYR D 137 -40.51 -46.45 4.79
CA TYR D 137 -40.87 -47.62 5.59
C TYR D 137 -41.64 -48.61 4.72
N PRO D 138 -41.07 -49.81 4.50
CA PRO D 138 -41.76 -50.81 3.68
C PRO D 138 -42.81 -51.48 4.55
N ASP D 139 -43.93 -51.90 3.96
CA ASP D 139 -44.99 -52.56 4.72
C ASP D 139 -44.47 -53.80 5.44
N GLU D 140 -43.49 -54.46 4.82
CA GLU D 140 -42.88 -55.65 5.38
C GLU D 140 -41.38 -55.68 5.08
N PRO D 141 -40.54 -56.06 6.06
CA PRO D 141 -39.10 -56.12 5.86
C PRO D 141 -38.71 -57.19 4.85
N PRO D 142 -37.58 -57.00 4.14
CA PRO D 142 -37.14 -57.99 3.15
C PRO D 142 -36.94 -59.37 3.77
N ALA D 143 -37.23 -60.40 2.99
CA ALA D 143 -37.13 -61.79 3.44
C ALA D 143 -35.81 -62.15 4.11
N GLY D 144 -35.92 -62.80 5.26
CA GLY D 144 -34.73 -63.23 5.99
C GLY D 144 -34.31 -62.32 7.11
N VAL D 145 -34.75 -61.07 7.06
CA VAL D 145 -34.40 -60.09 8.08
C VAL D 145 -35.14 -60.36 9.39
N ALA D 146 -34.36 -60.70 10.42
CA ALA D 146 -34.89 -60.97 11.74
C ALA D 146 -34.91 -59.66 12.51
N LEU D 147 -36.06 -59.01 12.49
CA LEU D 147 -36.25 -57.73 13.15
C LEU D 147 -36.60 -57.88 14.63
N PRO D 148 -35.78 -57.30 15.53
CA PRO D 148 -35.99 -57.37 16.98
C PRO D 148 -37.35 -56.80 17.40
N PRO D 149 -37.91 -57.31 18.51
CA PRO D 149 -39.22 -56.82 19.00
C PRO D 149 -39.13 -55.34 19.36
N GLY D 150 -40.15 -54.58 18.93
CA GLY D 150 -40.17 -53.15 19.21
C GLY D 150 -39.40 -52.32 18.19
N SER D 151 -38.74 -52.98 17.25
CA SER D 151 -37.98 -52.30 16.21
C SER D 151 -38.77 -52.25 14.92
N ASN D 152 -38.30 -51.43 13.99
CA ASN D 152 -38.94 -51.27 12.69
C ASN D 152 -37.88 -51.29 11.62
N TYR D 153 -38.28 -51.67 10.41
CA TYR D 153 -37.32 -51.70 9.32
C TYR D 153 -37.45 -50.48 8.43
N ASN D 154 -36.30 -49.94 8.03
CA ASN D 154 -36.21 -48.79 7.15
C ASN D 154 -34.86 -48.99 6.49
N PRO D 155 -34.84 -49.10 5.15
CA PRO D 155 -33.60 -49.31 4.41
C PRO D 155 -32.60 -48.14 4.46
N TYR D 156 -33.10 -46.92 4.66
CA TYR D 156 -32.24 -45.74 4.69
C TYR D 156 -31.48 -45.53 6.00
N PHE D 157 -31.92 -46.19 7.07
CA PHE D 157 -31.27 -46.09 8.37
C PHE D 157 -30.17 -47.15 8.44
N PRO D 158 -28.97 -46.77 8.91
CA PRO D 158 -27.83 -47.70 9.02
C PRO D 158 -28.19 -48.89 9.89
N GLY D 159 -28.03 -50.09 9.35
CA GLY D 159 -28.37 -51.30 10.08
C GLY D 159 -29.81 -51.73 9.88
N GLY D 160 -30.59 -50.89 9.19
CA GLY D 160 -31.98 -51.16 8.89
C GLY D 160 -32.99 -51.19 10.02
N SER D 161 -32.52 -51.41 11.25
CA SER D 161 -33.40 -51.48 12.40
C SER D 161 -33.49 -50.16 13.17
N ILE D 162 -34.63 -49.48 13.03
CA ILE D 162 -34.86 -48.20 13.67
C ILE D 162 -35.99 -48.25 14.72
N ALA D 163 -35.80 -47.56 15.84
CA ALA D 163 -36.77 -47.54 16.93
C ALA D 163 -37.99 -46.66 16.71
N MET D 164 -38.01 -45.90 15.61
CA MET D 164 -39.15 -45.05 15.31
C MET D 164 -39.98 -45.74 14.23
N ALA D 165 -41.26 -45.90 14.49
CA ALA D 165 -42.16 -46.53 13.54
C ALA D 165 -42.64 -45.46 12.57
N ARG D 166 -43.23 -45.89 11.45
CA ARG D 166 -43.76 -44.95 10.47
C ARG D 166 -44.85 -44.16 11.19
N VAL D 167 -44.84 -42.84 11.03
CA VAL D 167 -45.84 -41.99 11.69
C VAL D 167 -46.65 -41.14 10.72
N LEU D 168 -46.19 -41.05 9.48
CA LEU D 168 -46.90 -40.27 8.48
C LEU D 168 -47.81 -41.18 7.66
N PHE D 169 -49.09 -40.79 7.59
CA PHE D 169 -50.10 -41.52 6.83
C PHE D 169 -50.95 -40.47 6.13
N ASP D 170 -51.44 -40.80 4.94
CA ASP D 170 -52.26 -39.87 4.16
C ASP D 170 -53.41 -39.21 4.92
N ASP D 171 -53.55 -37.91 4.73
CA ASP D 171 -54.60 -37.11 5.34
C ASP D 171 -54.73 -37.12 6.87
N MET D 172 -53.62 -37.33 7.59
CA MET D 172 -53.69 -37.34 9.06
C MET D 172 -53.62 -35.91 9.61
N VAL D 173 -53.42 -34.97 8.70
CA VAL D 173 -53.33 -33.55 9.03
C VAL D 173 -54.20 -32.79 8.04
N GLU D 174 -54.86 -31.75 8.52
CA GLU D 174 -55.72 -30.94 7.68
C GLU D 174 -55.03 -29.60 7.43
N TYR D 175 -54.33 -29.50 6.31
CA TYR D 175 -53.60 -28.29 5.96
C TYR D 175 -54.47 -27.06 5.91
N GLU D 176 -54.06 -26.04 6.65
CA GLU D 176 -54.77 -24.77 6.76
C GLU D 176 -54.95 -24.09 5.41
N ASP D 177 -54.01 -24.32 4.49
CA ASP D 177 -54.09 -23.70 3.15
C ASP D 177 -54.76 -24.57 2.09
N GLY D 178 -55.42 -25.65 2.54
CA GLY D 178 -56.12 -26.54 1.64
C GLY D 178 -55.35 -27.61 0.87
N THR D 179 -54.02 -27.58 0.98
CA THR D 179 -53.16 -28.54 0.28
C THR D 179 -53.43 -29.99 0.69
N PRO D 180 -53.45 -30.92 -0.30
CA PRO D 180 -53.70 -32.34 -0.02
C PRO D 180 -52.57 -32.90 0.84
N ALA D 181 -52.92 -33.26 2.07
CA ALA D 181 -51.95 -33.78 3.02
C ALA D 181 -51.50 -35.23 2.82
N THR D 182 -50.89 -35.52 1.68
CA THR D 182 -50.37 -36.87 1.43
C THR D 182 -49.09 -37.08 2.26
N THR D 183 -48.66 -38.32 2.43
CA THR D 183 -47.48 -38.59 3.25
C THR D 183 -46.22 -37.94 2.68
N SER D 184 -46.04 -38.02 1.37
CA SER D 184 -44.87 -37.45 0.72
C SER D 184 -44.91 -35.92 0.78
N GLN D 185 -46.12 -35.36 0.80
CA GLN D 185 -46.29 -33.91 0.88
C GLN D 185 -45.94 -33.42 2.28
N MET D 186 -46.40 -34.16 3.28
CA MET D 186 -46.13 -33.81 4.67
C MET D 186 -44.65 -33.97 4.99
N ALA D 187 -44.04 -35.01 4.43
CA ALA D 187 -42.62 -35.26 4.65
C ALA D 187 -41.82 -34.12 4.01
N LYS D 188 -42.23 -33.71 2.81
CA LYS D 188 -41.57 -32.63 2.09
C LYS D 188 -41.64 -31.34 2.90
N ASP D 189 -42.76 -31.13 3.58
CA ASP D 189 -42.96 -29.92 4.39
C ASP D 189 -42.19 -29.87 5.71
N VAL D 190 -42.26 -30.92 6.54
CA VAL D 190 -41.53 -30.90 7.81
C VAL D 190 -40.04 -30.76 7.56
N THR D 191 -39.56 -31.51 6.57
CA THR D 191 -38.17 -31.48 6.21
C THR D 191 -37.74 -30.07 5.85
N THR D 192 -38.57 -29.37 5.07
CA THR D 192 -38.24 -27.99 4.69
C THR D 192 -38.22 -27.15 5.97
N PHE D 193 -39.17 -27.40 6.85
CA PHE D 193 -39.28 -26.68 8.12
C PHE D 193 -38.06 -26.97 9.00
N LEU D 194 -37.64 -28.22 9.03
CA LEU D 194 -36.50 -28.62 9.84
C LEU D 194 -35.19 -28.05 9.28
N ASN D 195 -35.12 -27.84 7.96
CA ASN D 195 -33.92 -27.27 7.36
C ASN D 195 -33.79 -25.82 7.83
N TRP D 196 -34.93 -25.13 7.91
CA TRP D 196 -34.98 -23.76 8.38
C TRP D 196 -34.62 -23.69 9.86
N CYS D 197 -35.07 -24.67 10.64
CA CYS D 197 -34.76 -24.71 12.07
C CYS D 197 -33.25 -24.79 12.29
N ALA D 198 -32.60 -25.62 11.49
CA ALA D 198 -31.15 -25.82 11.55
C ALA D 198 -30.35 -24.68 10.90
N GLU D 199 -30.89 -24.10 9.82
CA GLU D 199 -30.21 -23.02 9.09
C GLU D 199 -31.12 -21.80 8.91
N PRO D 200 -31.49 -21.13 10.03
CA PRO D 200 -32.37 -19.96 9.90
C PRO D 200 -31.84 -18.79 9.08
N GLU D 201 -30.53 -18.74 8.88
CA GLU D 201 -29.90 -17.66 8.13
C GLU D 201 -29.83 -17.91 6.63
N HIS D 202 -30.25 -19.10 6.21
CA HIS D 202 -30.24 -19.53 4.80
C HIS D 202 -30.51 -18.49 3.71
N ASP D 203 -31.71 -17.90 3.72
CA ASP D 203 -32.08 -16.92 2.69
C ASP D 203 -31.19 -15.69 2.64
N GLU D 204 -30.91 -15.14 3.83
CA GLU D 204 -30.06 -13.98 3.96
C GLU D 204 -28.60 -14.32 3.63
N ARG D 205 -28.15 -15.50 4.05
CA ARG D 205 -26.78 -15.93 3.78
C ARG D 205 -26.47 -15.97 2.27
N LYS D 206 -27.38 -16.52 1.49
CA LYS D 206 -27.20 -16.63 0.05
C LYS D 206 -27.27 -15.27 -0.66
N ARG D 207 -28.02 -14.34 -0.08
CA ARG D 207 -28.15 -13.01 -0.65
C ARG D 207 -26.81 -12.28 -0.48
N LEU D 208 -26.23 -12.40 0.71
CA LEU D 208 -24.93 -11.77 1.00
C LEU D 208 -23.84 -12.41 0.16
N GLY D 209 -23.96 -13.73 -0.05
CA GLY D 209 -22.98 -14.43 -0.84
C GLY D 209 -22.94 -13.90 -2.26
N LEU D 210 -24.12 -13.60 -2.81
CA LEU D 210 -24.25 -13.07 -4.15
C LEU D 210 -23.48 -11.75 -4.31
N LYS D 211 -23.62 -10.86 -3.35
CA LYS D 211 -22.93 -9.57 -3.39
C LYS D 211 -21.43 -9.78 -3.19
N THR D 212 -21.07 -10.63 -2.22
CA THR D 212 -19.68 -10.91 -1.91
C THR D 212 -18.93 -11.51 -3.11
N VAL D 213 -19.55 -12.49 -3.76
CA VAL D 213 -18.92 -13.13 -4.91
C VAL D 213 -18.79 -12.20 -6.12
N ILE D 214 -19.74 -11.29 -6.30
CA ILE D 214 -19.67 -10.38 -7.43
C ILE D 214 -18.54 -9.38 -7.23
N ILE D 215 -18.45 -8.81 -6.02
CA ILE D 215 -17.40 -7.84 -5.71
C ILE D 215 -16.02 -8.50 -5.81
N LEU D 216 -15.86 -9.66 -5.18
CA LEU D 216 -14.58 -10.36 -5.20
C LEU D 216 -14.16 -10.80 -6.61
N SER D 217 -15.11 -11.26 -7.42
CA SER D 217 -14.80 -11.67 -8.79
C SER D 217 -14.24 -10.50 -9.57
N SER D 218 -14.89 -9.35 -9.45
CA SER D 218 -14.48 -8.13 -10.14
C SER D 218 -13.10 -7.71 -9.69
N LEU D 219 -12.89 -7.71 -8.38
CA LEU D 219 -11.61 -7.35 -7.77
C LEU D 219 -10.51 -8.28 -8.30
N TYR D 220 -10.85 -9.56 -8.45
CA TYR D 220 -9.91 -10.54 -8.98
C TYR D 220 -9.52 -10.22 -10.43
N LEU D 221 -10.52 -10.07 -11.30
CA LEU D 221 -10.27 -9.76 -12.71
C LEU D 221 -9.51 -8.45 -12.85
N LEU D 222 -9.89 -7.47 -12.05
CA LEU D 222 -9.27 -6.16 -12.05
C LEU D 222 -7.79 -6.20 -11.63
N SER D 223 -7.47 -6.98 -10.59
CA SER D 223 -6.09 -7.09 -10.10
C SER D 223 -5.18 -7.71 -11.15
N ILE D 224 -5.70 -8.65 -11.91
CA ILE D 224 -4.93 -9.31 -12.97
C ILE D 224 -4.46 -8.26 -13.97
N TRP D 225 -5.41 -7.42 -14.39
CA TRP D 225 -5.16 -6.35 -15.34
C TRP D 225 -4.13 -5.36 -14.79
N VAL D 226 -4.32 -4.92 -13.55
CA VAL D 226 -3.41 -3.97 -12.90
C VAL D 226 -1.99 -4.56 -12.77
N LYS D 227 -1.92 -5.85 -12.44
CA LYS D 227 -0.64 -6.54 -12.31
C LYS D 227 0.09 -6.59 -13.65
N LYS D 228 -0.62 -6.98 -14.70
CA LYS D 228 0.01 -7.06 -16.02
C LYS D 228 0.57 -5.71 -16.44
N PHE D 229 -0.17 -4.64 -16.14
CA PHE D 229 0.27 -3.29 -16.47
C PHE D 229 1.53 -2.92 -15.72
N LYS D 230 1.53 -3.15 -14.40
CA LYS D 230 2.69 -2.83 -13.58
C LYS D 230 3.93 -3.66 -13.91
N TRP D 231 3.72 -4.80 -14.57
CA TRP D 231 4.81 -5.69 -14.96
C TRP D 231 5.26 -5.60 -16.43
N ALA D 232 4.50 -4.89 -17.27
CA ALA D 232 4.84 -4.77 -18.71
C ALA D 232 6.28 -4.38 -19.05
N GLY D 233 6.85 -3.47 -18.29
CA GLY D 233 8.22 -3.08 -18.55
C GLY D 233 9.22 -4.21 -18.32
N ILE D 234 8.96 -5.02 -17.29
CA ILE D 234 9.84 -6.14 -16.94
C ILE D 234 9.66 -7.31 -17.90
N LYS D 235 8.41 -7.63 -18.21
CA LYS D 235 8.09 -8.73 -19.10
C LYS D 235 8.64 -8.57 -20.51
N THR D 236 8.60 -7.36 -21.05
CA THR D 236 9.09 -7.13 -22.39
C THR D 236 10.53 -6.63 -22.46
N ARG D 237 11.18 -6.56 -21.31
CA ARG D 237 12.57 -6.13 -21.20
C ARG D 237 13.46 -6.99 -22.10
N LYS D 238 14.49 -6.39 -22.69
CA LYS D 238 15.39 -7.13 -23.58
C LYS D 238 16.87 -6.91 -23.27
N PHE D 239 17.65 -7.99 -23.34
CA PHE D 239 19.08 -7.93 -23.05
C PHE D 239 19.96 -8.20 -24.30
N VAL D 240 21.17 -7.64 -24.28
CA VAL D 240 22.15 -7.85 -25.35
C VAL D 240 23.52 -7.99 -24.70
N PHE D 241 24.30 -8.95 -25.17
CA PHE D 241 25.62 -9.18 -24.61
C PHE D 241 26.72 -8.91 -25.66
N ASN D 242 27.69 -8.10 -25.28
CA ASN D 242 28.83 -7.78 -26.12
C ASN D 242 30.03 -8.12 -25.26
N PRO D 243 30.63 -9.30 -25.47
CA PRO D 243 31.79 -9.75 -24.69
C PRO D 243 32.90 -8.69 -24.60
N PRO D 244 33.26 -8.31 -23.37
CA PRO D 244 34.30 -7.31 -23.10
C PRO D 244 35.68 -7.80 -23.53
N LYS D 245 36.42 -6.92 -24.19
CA LYS D 245 37.77 -7.24 -24.62
C LYS D 245 38.70 -7.17 -23.42
N PRO D 246 39.77 -7.99 -23.41
CA PRO D 246 40.73 -8.03 -22.31
C PRO D 246 41.58 -6.75 -22.14
N LYS E 1 27.37 -6.10 -31.40
CA LYS E 1 26.30 -5.17 -31.84
C LYS E 1 26.44 -3.84 -31.12
N SER E 2 26.04 -2.75 -31.77
CA SER E 2 26.14 -1.42 -31.18
C SER E 2 24.99 -1.14 -30.24
N THR E 3 25.34 -0.69 -29.04
CA THR E 3 24.37 -0.38 -28.01
C THR E 3 23.41 0.74 -28.41
N TYR E 4 23.82 1.55 -29.39
CA TYR E 4 22.99 2.64 -29.88
C TYR E 4 21.81 2.17 -30.73
N ARG E 5 21.88 0.93 -31.21
CA ARG E 5 20.80 0.37 -32.01
C ARG E 5 19.83 -0.41 -31.14
N THR E 6 18.79 0.31 -30.70
CA THR E 6 17.77 -0.25 -29.84
C THR E 6 17.00 -1.38 -30.49
N PRO E 7 16.90 -2.54 -29.80
CA PRO E 7 16.18 -3.70 -30.32
C PRO E 7 14.72 -3.39 -30.67
N ASN E 8 14.09 -4.31 -31.39
CA ASN E 8 12.70 -4.14 -31.82
C ASN E 8 11.65 -4.35 -30.73
N PHE E 9 10.80 -3.34 -30.55
CA PHE E 9 9.72 -3.39 -29.57
C PHE E 9 8.36 -3.21 -30.25
N ASP E 10 8.37 -3.23 -31.59
CA ASP E 10 7.15 -3.05 -32.40
C ASP E 10 5.97 -3.91 -31.98
N ASP E 11 6.23 -5.17 -31.64
CA ASP E 11 5.18 -6.09 -31.22
C ASP E 11 4.49 -5.68 -29.92
N VAL E 12 5.21 -4.90 -29.11
CA VAL E 12 4.71 -4.44 -27.82
C VAL E 12 4.16 -3.01 -27.86
N LEU E 13 4.85 -2.14 -28.59
CA LEU E 13 4.45 -0.74 -28.73
C LEU E 13 3.15 -0.53 -29.47
N LYS E 14 2.33 0.39 -28.97
CA LYS E 14 1.07 0.70 -29.59
C LYS E 14 1.29 1.81 -30.62
N GLU E 15 0.65 1.68 -31.78
CA GLU E 15 0.78 2.68 -32.83
C GLU E 15 0.13 3.95 -32.28
N ASN E 16 0.96 4.80 -31.69
CA ASN E 16 0.54 6.04 -31.07
C ASN E 16 -0.24 7.06 -31.89
N ASN E 17 -1.57 6.92 -31.85
CA ASN E 17 -2.49 7.81 -32.52
C ASN E 17 -3.32 8.43 -31.40
N ASP E 18 -3.40 7.70 -30.29
CA ASP E 18 -4.10 8.11 -29.08
C ASP E 18 -3.03 7.96 -27.98
N ALA E 19 -2.38 9.07 -27.66
CA ALA E 19 -1.31 9.10 -26.67
C ALA E 19 -1.68 8.57 -25.29
N ASP E 20 -2.79 9.05 -24.75
CA ASP E 20 -3.25 8.63 -23.42
C ASP E 20 -4.22 7.46 -23.44
N LYS E 21 -3.95 6.48 -24.29
CA LYS E 21 -4.80 5.29 -24.40
C LYS E 21 -4.56 4.31 -23.25
N GLY E 22 -3.30 3.92 -23.08
CA GLY E 22 -2.94 3.00 -22.01
C GLY E 22 -3.12 3.61 -20.63
N ARG E 23 -2.87 4.92 -20.53
CA ARG E 23 -2.99 5.67 -19.29
C ARG E 23 -4.44 5.69 -18.79
N SER E 24 -5.37 6.00 -19.70
CA SER E 24 -6.78 6.05 -19.34
C SER E 24 -7.32 4.70 -18.90
N TYR E 25 -6.86 3.64 -19.54
CA TYR E 25 -7.28 2.29 -19.19
C TYR E 25 -6.72 1.88 -17.83
N ALA E 26 -5.43 2.13 -17.63
CA ALA E 26 -4.76 1.79 -16.38
C ALA E 26 -5.36 2.53 -15.20
N TYR E 27 -5.59 3.82 -15.39
CA TYR E 27 -6.15 4.65 -14.34
C TYR E 27 -7.60 4.32 -14.03
N PHE E 28 -8.33 3.79 -15.02
CA PHE E 28 -9.71 3.41 -14.78
C PHE E 28 -9.72 2.13 -13.97
N MET E 29 -8.85 1.20 -14.35
CA MET E 29 -8.71 -0.08 -13.67
C MET E 29 -8.29 0.15 -12.21
N VAL E 30 -7.22 0.92 -12.03
CA VAL E 30 -6.70 1.26 -10.71
C VAL E 30 -7.79 1.97 -9.89
N GLY E 31 -8.51 2.88 -10.53
CA GLY E 31 -9.58 3.60 -9.87
C GLY E 31 -10.74 2.71 -9.48
N ALA E 32 -11.12 1.77 -10.35
CA ALA E 32 -12.22 0.86 -10.04
C ALA E 32 -11.83 -0.13 -8.94
N MET E 33 -10.57 -0.55 -8.94
CA MET E 33 -10.06 -1.49 -7.94
C MET E 33 -10.09 -0.78 -6.58
N GLY E 34 -9.74 0.50 -6.58
CA GLY E 34 -9.73 1.29 -5.36
C GLY E 34 -11.14 1.49 -4.81
N LEU E 35 -12.10 1.60 -5.72
CA LEU E 35 -13.50 1.81 -5.37
C LEU E 35 -14.09 0.56 -4.72
N LEU E 36 -14.02 -0.57 -5.43
CA LEU E 36 -14.57 -1.82 -4.91
C LEU E 36 -13.88 -2.31 -3.63
N SER E 37 -12.61 -1.98 -3.46
CA SER E 37 -11.86 -2.36 -2.26
C SER E 37 -12.37 -1.59 -1.07
N SER E 38 -12.53 -0.28 -1.24
CA SER E 38 -13.01 0.60 -0.18
C SER E 38 -14.41 0.21 0.29
N ALA E 39 -15.25 -0.19 -0.65
CA ALA E 39 -16.60 -0.61 -0.31
C ALA E 39 -16.54 -1.96 0.41
N GLY E 40 -15.62 -2.82 -0.03
CA GLY E 40 -15.45 -4.13 0.58
C GLY E 40 -14.96 -4.00 2.00
N ALA E 41 -13.95 -3.15 2.20
CA ALA E 41 -13.36 -2.92 3.52
C ALA E 41 -14.40 -2.35 4.47
N LYS E 42 -15.22 -1.44 3.96
CA LYS E 42 -16.27 -0.81 4.77
C LYS E 42 -17.26 -1.88 5.22
N SER E 43 -17.70 -2.72 4.28
CA SER E 43 -18.64 -3.79 4.59
C SER E 43 -18.06 -4.80 5.58
N THR E 44 -16.77 -5.13 5.43
CA THR E 44 -16.09 -6.06 6.32
C THR E 44 -16.04 -5.50 7.73
N VAL E 45 -15.62 -4.24 7.85
CA VAL E 45 -15.53 -3.55 9.13
C VAL E 45 -16.90 -3.48 9.83
N GLU E 46 -17.95 -3.16 9.07
CA GLU E 46 -19.29 -3.08 9.63
C GLU E 46 -19.82 -4.43 10.09
N THR E 47 -19.46 -5.48 9.37
CA THR E 47 -19.86 -6.85 9.71
C THR E 47 -19.32 -7.20 11.10
N PHE E 48 -18.04 -6.94 11.32
CA PHE E 48 -17.40 -7.23 12.60
C PHE E 48 -17.90 -6.33 13.71
N ILE E 49 -18.05 -5.05 13.40
CA ILE E 49 -18.52 -4.11 14.40
C ILE E 49 -19.94 -4.41 14.84
N SER E 50 -20.81 -4.78 13.91
CA SER E 50 -22.17 -5.08 14.28
C SER E 50 -22.33 -6.37 15.09
N SER E 51 -21.34 -7.27 15.03
CA SER E 51 -21.44 -8.51 15.80
C SER E 51 -21.41 -8.22 17.29
N MET E 52 -20.92 -7.04 17.65
CA MET E 52 -20.87 -6.63 19.04
C MET E 52 -22.16 -5.94 19.56
N THR E 53 -23.12 -5.67 18.66
CA THR E 53 -24.36 -5.03 19.08
C THR E 53 -25.26 -6.06 19.72
N ALA E 54 -26.19 -5.60 20.55
CA ALA E 54 -27.14 -6.45 21.27
C ALA E 54 -27.61 -7.63 20.44
N THR E 55 -27.49 -8.83 21.00
CA THR E 55 -27.90 -10.04 20.29
C THR E 55 -29.41 -10.18 20.25
N ALA E 56 -29.88 -10.86 19.21
CA ALA E 56 -31.30 -11.09 18.98
C ALA E 56 -32.06 -11.59 20.21
N ASP E 57 -31.41 -12.43 21.02
CA ASP E 57 -32.03 -12.99 22.22
C ASP E 57 -32.03 -12.13 23.48
N VAL E 58 -31.42 -10.94 23.44
CA VAL E 58 -31.38 -10.09 24.63
C VAL E 58 -32.24 -8.83 24.52
N LEU E 59 -32.95 -8.69 23.42
CA LEU E 59 -33.81 -7.53 23.19
C LEU E 59 -35.23 -7.82 23.70
N ALA E 60 -35.33 -8.21 24.96
CA ALA E 60 -36.61 -8.53 25.58
C ALA E 60 -37.36 -7.28 26.04
N MET E 61 -38.62 -7.16 25.62
CA MET E 61 -39.47 -6.02 25.97
C MET E 61 -40.22 -6.28 27.26
N ALA E 62 -39.62 -5.88 28.38
CA ALA E 62 -40.21 -6.07 29.70
C ALA E 62 -41.37 -5.13 30.00
N LYS E 63 -42.08 -5.45 31.08
CA LYS E 63 -43.22 -4.68 31.55
C LYS E 63 -43.44 -5.17 32.98
N VAL E 64 -43.13 -4.31 33.95
CA VAL E 64 -43.28 -4.69 35.34
C VAL E 64 -44.51 -4.07 36.01
N GLU E 65 -45.15 -4.85 36.87
CA GLU E 65 -46.32 -4.41 37.61
C GLU E 65 -45.93 -4.31 39.07
N VAL E 66 -46.21 -3.15 39.68
CA VAL E 66 -45.88 -2.95 41.08
C VAL E 66 -47.17 -2.65 41.83
N ASN E 67 -47.37 -3.32 42.96
CA ASN E 67 -48.56 -3.11 43.77
C ASN E 67 -48.37 -1.96 44.76
N LEU E 68 -48.86 -0.79 44.38
CA LEU E 68 -48.75 0.42 45.19
C LEU E 68 -49.40 0.31 46.56
N ALA E 69 -50.44 -0.53 46.66
CA ALA E 69 -51.15 -0.73 47.92
C ALA E 69 -50.26 -1.39 48.98
N ALA E 70 -49.17 -2.00 48.52
CA ALA E 70 -48.23 -2.67 49.41
C ALA E 70 -47.20 -1.71 49.99
N ILE E 71 -46.91 -0.62 49.26
CA ILE E 71 -45.93 0.37 49.70
C ILE E 71 -46.48 1.28 50.81
N PRO E 72 -45.81 1.29 51.98
CA PRO E 72 -46.16 2.08 53.16
C PRO E 72 -46.13 3.60 52.89
N LEU E 73 -46.18 4.40 53.96
CA LEU E 73 -46.18 5.85 53.81
C LEU E 73 -44.92 6.44 53.18
N GLY E 74 -43.97 6.88 54.00
CA GLY E 74 -42.75 7.47 53.47
C GLY E 74 -41.61 6.49 53.22
N LYS E 75 -41.86 5.49 52.38
CA LYS E 75 -40.86 4.46 52.07
C LYS E 75 -40.50 4.38 50.60
N ASN E 76 -39.26 3.94 50.34
CA ASN E 76 -38.74 3.78 48.99
C ASN E 76 -38.75 2.32 48.60
N VAL E 77 -39.14 2.04 47.36
CA VAL E 77 -39.15 0.68 46.86
C VAL E 77 -38.41 0.68 45.54
N VAL E 78 -37.54 -0.31 45.36
CA VAL E 78 -36.74 -0.44 44.15
C VAL E 78 -37.13 -1.74 43.46
N VAL E 79 -37.47 -1.67 42.18
CA VAL E 79 -37.85 -2.85 41.42
C VAL E 79 -37.12 -2.88 40.09
N LYS E 80 -36.79 -4.09 39.60
CA LYS E 80 -36.08 -4.24 38.34
C LYS E 80 -36.98 -4.17 37.11
N TRP E 81 -36.51 -3.46 36.09
CA TRP E 81 -37.22 -3.31 34.83
C TRP E 81 -36.16 -3.17 33.75
N GLN E 82 -36.06 -4.18 32.90
CA GLN E 82 -35.06 -4.22 31.82
C GLN E 82 -33.64 -4.06 32.35
N GLY E 83 -33.37 -4.72 33.47
CA GLY E 83 -32.04 -4.65 34.08
C GLY E 83 -31.69 -3.33 34.72
N LYS E 84 -32.62 -2.37 34.67
CA LYS E 84 -32.42 -1.03 35.24
C LYS E 84 -33.30 -0.90 36.48
N PRO E 85 -32.78 -0.24 37.54
CA PRO E 85 -33.55 -0.05 38.77
C PRO E 85 -34.59 1.08 38.65
N VAL E 86 -35.81 0.79 39.07
CA VAL E 86 -36.88 1.76 39.03
C VAL E 86 -37.21 2.16 40.45
N PHE E 87 -37.08 3.45 40.73
CA PHE E 87 -37.37 4.01 42.05
C PHE E 87 -38.83 4.40 42.16
N ILE E 88 -39.45 4.05 43.30
CA ILE E 88 -40.83 4.38 43.55
C ILE E 88 -40.95 4.81 45.00
N ARG E 89 -41.38 6.06 45.21
CA ARG E 89 -41.56 6.56 46.56
C ARG E 89 -42.98 7.05 46.77
N HIS E 90 -43.56 6.64 47.89
CA HIS E 90 -44.90 7.06 48.29
C HIS E 90 -44.59 8.32 49.09
N ARG E 91 -44.67 9.47 48.43
CA ARG E 91 -44.34 10.74 49.09
C ARG E 91 -45.35 11.21 50.13
N THR E 92 -44.84 11.89 51.16
CA THR E 92 -45.67 12.43 52.23
C THR E 92 -46.15 13.81 51.77
N PRO E 93 -47.26 14.31 52.36
CA PRO E 93 -47.80 15.62 51.99
C PRO E 93 -46.75 16.73 52.07
N HIS E 94 -45.90 16.68 53.09
CA HIS E 94 -44.85 17.69 53.26
C HIS E 94 -43.82 17.66 52.13
N GLU E 95 -43.48 16.46 51.68
CA GLU E 95 -42.52 16.30 50.60
C GLU E 95 -43.09 16.83 49.29
N ILE E 96 -44.37 16.56 49.06
CA ILE E 96 -45.06 17.02 47.86
C ILE E 96 -45.01 18.55 47.76
N GLN E 97 -45.12 19.22 48.90
CA GLN E 97 -45.07 20.68 48.92
C GLN E 97 -43.64 21.13 48.66
N GLU E 98 -42.69 20.45 49.32
CA GLU E 98 -41.26 20.74 49.17
C GLU E 98 -40.85 20.67 47.71
N ALA E 99 -41.39 19.67 47.01
CA ALA E 99 -41.11 19.44 45.60
C ALA E 99 -41.68 20.53 44.70
N ASN E 100 -42.97 20.86 44.87
CA ASN E 100 -43.60 21.88 44.02
C ASN E 100 -43.41 23.35 44.44
N SER E 101 -42.53 23.59 45.40
CA SER E 101 -42.27 24.94 45.87
C SER E 101 -40.81 25.38 45.61
N VAL E 102 -40.21 24.86 44.55
CA VAL E 102 -38.83 25.20 44.21
C VAL E 102 -38.79 26.00 42.93
N ASP E 103 -38.07 27.13 42.96
CA ASP E 103 -37.96 28.00 41.80
C ASP E 103 -36.99 27.46 40.74
N MET E 104 -37.41 27.55 39.47
CA MET E 104 -36.63 27.08 38.34
C MET E 104 -35.20 27.64 38.28
N SER E 105 -35.01 28.85 38.82
CA SER E 105 -33.71 29.50 38.82
C SER E 105 -32.65 28.70 39.58
N ALA E 106 -33.10 27.83 40.48
CA ALA E 106 -32.19 27.01 41.28
C ALA E 106 -31.98 25.60 40.70
N LEU E 107 -32.39 25.40 39.46
CA LEU E 107 -32.26 24.09 38.81
C LEU E 107 -31.53 24.14 37.48
N LYS E 108 -30.48 23.32 37.34
CA LYS E 108 -29.71 23.27 36.09
C LYS E 108 -30.51 22.57 34.99
N ASP E 109 -31.50 21.79 35.39
CA ASP E 109 -32.40 21.08 34.47
C ASP E 109 -33.81 21.40 34.96
N PRO E 110 -34.33 22.60 34.59
CA PRO E 110 -35.64 23.17 34.92
C PRO E 110 -36.86 22.31 34.61
N GLN E 111 -37.47 21.78 35.66
CA GLN E 111 -38.67 20.97 35.54
C GLN E 111 -39.54 21.11 36.78
N THR E 112 -40.84 21.27 36.59
CA THR E 112 -41.74 21.37 37.73
C THR E 112 -41.99 19.94 38.19
N ASP E 113 -42.46 19.78 39.43
CA ASP E 113 -42.75 18.46 39.96
C ASP E 113 -43.88 17.83 39.15
N ALA E 114 -44.73 18.68 38.58
CA ALA E 114 -45.86 18.23 37.79
C ALA E 114 -45.43 17.68 36.43
N ASP E 115 -44.34 18.24 35.89
CA ASP E 115 -43.80 17.79 34.61
C ASP E 115 -43.20 16.39 34.78
N ARG E 116 -42.92 16.01 36.02
CA ARG E 116 -42.29 14.74 36.36
C ARG E 116 -43.18 13.65 36.95
N VAL E 117 -44.30 14.01 37.56
CA VAL E 117 -45.20 13.00 38.13
C VAL E 117 -46.66 13.21 37.73
N LYS E 118 -47.40 12.11 37.61
CA LYS E 118 -48.81 12.16 37.24
C LYS E 118 -49.70 12.30 38.46
N ASP E 119 -49.34 11.59 39.52
CA ASP E 119 -50.05 11.62 40.80
C ASP E 119 -48.95 12.02 41.78
N PRO E 120 -49.07 13.21 42.40
CA PRO E 120 -48.12 13.76 43.38
C PRO E 120 -47.75 12.85 44.53
N GLN E 121 -48.51 11.79 44.70
CA GLN E 121 -48.27 10.83 45.77
C GLN E 121 -47.20 9.81 45.38
N TRP E 122 -47.11 9.54 44.08
CA TRP E 122 -46.17 8.55 43.58
C TRP E 122 -45.05 9.07 42.69
N LEU E 123 -43.83 9.06 43.23
CA LEU E 123 -42.67 9.48 42.46
C LEU E 123 -42.16 8.20 41.81
N ILE E 124 -42.18 8.16 40.48
CA ILE E 124 -41.73 7.00 39.73
C ILE E 124 -40.66 7.39 38.71
N MET E 125 -39.44 6.92 38.93
CA MET E 125 -38.32 7.26 38.06
C MET E 125 -37.23 6.18 37.96
N LEU E 126 -36.39 6.30 36.95
CA LEU E 126 -35.29 5.37 36.76
C LEU E 126 -34.17 5.78 37.71
N GLY E 127 -33.79 4.88 38.61
CA GLY E 127 -32.74 5.18 39.56
C GLY E 127 -31.33 5.03 38.97
N ILE E 128 -31.08 5.76 37.89
CA ILE E 128 -29.79 5.74 37.21
C ILE E 128 -29.23 7.16 37.18
N CYS E 129 -28.18 7.40 37.95
CA CYS E 129 -27.53 8.71 38.00
C CYS E 129 -27.17 9.15 36.58
N THR E 130 -27.55 10.37 36.22
CA THR E 130 -27.32 10.85 34.85
C THR E 130 -25.88 11.20 34.52
N HIS E 131 -25.02 11.16 35.53
CA HIS E 131 -23.60 11.43 35.34
C HIS E 131 -22.95 10.21 34.66
N LEU E 132 -22.62 9.19 35.46
CA LEU E 132 -21.95 8.01 34.93
C LEU E 132 -22.62 6.66 35.22
N GLY E 133 -23.92 6.69 35.54
CA GLY E 133 -24.67 5.47 35.76
C GLY E 133 -24.79 4.75 37.09
N CYS E 134 -24.24 5.27 38.17
CA CYS E 134 -24.39 4.59 39.46
C CYS E 134 -25.82 4.74 39.94
N VAL E 135 -26.19 3.95 40.93
CA VAL E 135 -27.53 3.99 41.48
C VAL E 135 -27.49 4.85 42.72
N PRO E 136 -28.24 5.97 42.71
CA PRO E 136 -28.29 6.91 43.84
C PRO E 136 -28.86 6.23 45.10
N ILE E 137 -28.35 6.65 46.25
CA ILE E 137 -28.80 6.13 47.54
C ILE E 137 -29.99 6.92 48.07
N GLY E 138 -31.04 6.19 48.46
CA GLY E 138 -32.25 6.81 48.98
C GLY E 138 -32.14 7.44 50.35
N GLU E 139 -32.90 8.50 50.56
CA GLU E 139 -32.95 9.23 51.82
C GLU E 139 -31.58 9.69 52.29
N ALA E 140 -30.84 10.29 51.37
CA ALA E 140 -29.50 10.79 51.64
C ALA E 140 -29.25 12.06 50.82
N GLY E 141 -28.21 12.79 51.17
CA GLY E 141 -27.92 14.02 50.46
C GLY E 141 -28.32 15.27 51.23
N ASP E 142 -28.00 16.43 50.64
CA ASP E 142 -28.29 17.73 51.24
C ASP E 142 -29.61 18.34 50.77
N PHE E 143 -30.41 17.57 50.03
CA PHE E 143 -31.67 18.07 49.52
C PHE E 143 -32.85 17.14 49.77
N GLY E 144 -32.76 16.36 50.84
CA GLY E 144 -33.82 15.44 51.22
C GLY E 144 -34.28 14.40 50.22
N GLY E 145 -33.41 14.05 49.27
CA GLY E 145 -33.78 13.06 48.28
C GLY E 145 -32.79 11.90 48.18
N TRP E 146 -32.06 11.87 47.07
CA TRP E 146 -31.08 10.81 46.80
C TRP E 146 -29.68 11.37 46.63
N PHE E 147 -28.68 10.56 46.99
CA PHE E 147 -27.27 10.94 46.87
C PHE E 147 -26.52 9.87 46.09
N CYS E 148 -25.74 10.27 45.09
CA CYS E 148 -24.96 9.31 44.32
C CYS E 148 -23.55 9.26 44.89
N PRO E 149 -23.19 8.13 45.52
CA PRO E 149 -21.88 7.94 46.13
C PRO E 149 -20.69 7.96 45.16
N CYS E 150 -20.94 7.72 43.88
CA CYS E 150 -19.87 7.69 42.91
C CYS E 150 -19.08 8.98 42.73
N HIS E 151 -19.77 10.09 42.49
CA HIS E 151 -19.08 11.36 42.34
C HIS E 151 -19.80 12.51 43.05
N GLY E 152 -20.71 12.17 43.96
CA GLY E 152 -21.41 13.17 44.72
C GLY E 152 -22.48 14.04 44.08
N SER E 153 -23.49 13.41 43.50
CA SER E 153 -24.58 14.15 42.91
C SER E 153 -25.77 14.09 43.87
N HIS E 154 -26.36 15.25 44.16
CA HIS E 154 -27.51 15.31 45.06
C HIS E 154 -28.79 15.58 44.27
N TYR E 155 -29.82 14.80 44.56
CA TYR E 155 -31.13 14.94 43.93
C TYR E 155 -32.16 15.33 44.99
N ASP E 156 -33.14 16.14 44.61
CA ASP E 156 -34.17 16.54 45.57
C ASP E 156 -35.30 15.54 45.66
N ILE E 157 -36.36 15.89 46.39
CA ILE E 157 -37.51 15.01 46.58
C ILE E 157 -38.33 14.76 45.30
N SER E 158 -37.97 15.43 44.22
CA SER E 158 -38.63 15.22 42.93
C SER E 158 -37.63 14.46 42.03
N GLY E 159 -36.44 14.22 42.56
CA GLY E 159 -35.42 13.53 41.80
C GLY E 159 -34.74 14.43 40.79
N ARG E 160 -34.70 15.73 41.06
CA ARG E 160 -34.03 16.67 40.15
C ARG E 160 -32.60 16.86 40.62
N ILE E 161 -31.70 17.11 39.68
CA ILE E 161 -30.30 17.33 40.00
C ILE E 161 -30.14 18.71 40.65
N ARG E 162 -29.57 18.73 41.84
CA ARG E 162 -29.38 19.98 42.57
C ARG E 162 -27.92 20.37 42.77
N LYS E 163 -27.04 19.38 42.80
CA LYS E 163 -25.62 19.65 42.98
C LYS E 163 -24.80 18.44 42.56
N GLY E 164 -23.69 18.69 41.87
CA GLY E 164 -22.85 17.61 41.42
C GLY E 164 -22.66 17.65 39.92
N PRO E 165 -21.84 16.74 39.38
CA PRO E 165 -21.53 16.63 37.95
C PRO E 165 -22.67 16.13 37.06
N ALA E 166 -23.67 15.47 37.63
CA ALA E 166 -24.79 14.98 36.83
C ALA E 166 -25.48 16.16 36.11
N PRO E 167 -25.69 16.05 34.80
CA PRO E 167 -26.33 17.16 34.09
C PRO E 167 -27.86 17.17 34.04
N LEU E 168 -28.50 16.03 34.34
CA LEU E 168 -29.95 15.95 34.25
C LEU E 168 -30.67 15.32 35.44
N ASN E 169 -31.97 15.55 35.48
CA ASN E 169 -32.81 15.01 36.53
C ASN E 169 -32.99 13.52 36.24
N LEU E 170 -33.31 12.75 37.27
CA LEU E 170 -33.54 11.33 37.08
C LEU E 170 -34.66 11.14 36.08
N GLU E 171 -34.41 10.35 35.05
CA GLU E 171 -35.38 10.10 33.99
C GLU E 171 -36.66 9.43 34.47
N ILE E 172 -37.78 9.82 33.86
CA ILE E 172 -39.08 9.24 34.22
C ILE E 172 -39.49 8.28 33.10
N PRO E 173 -39.69 7.00 33.43
CA PRO E 173 -40.09 6.03 32.42
C PRO E 173 -41.58 6.15 32.17
N ALA E 174 -42.07 5.51 31.10
CA ALA E 174 -43.49 5.53 30.77
C ALA E 174 -44.22 4.60 31.72
N TYR E 175 -45.37 5.05 32.23
CA TYR E 175 -46.17 4.25 33.16
C TYR E 175 -47.64 4.67 33.21
N GLU E 176 -48.49 3.71 33.54
CA GLU E 176 -49.93 3.95 33.64
C GLU E 176 -50.44 3.33 34.94
N PHE E 177 -51.48 3.93 35.51
CA PHE E 177 -52.06 3.42 36.74
C PHE E 177 -53.24 2.50 36.42
N ASP E 178 -53.55 1.61 37.37
CA ASP E 178 -54.65 0.67 37.22
C ASP E 178 -55.07 0.25 38.62
N GLY E 179 -55.83 1.12 39.29
CA GLY E 179 -56.28 0.82 40.64
C GLY E 179 -55.15 0.92 41.67
N ASP E 180 -54.90 -0.20 42.34
CA ASP E 180 -53.86 -0.26 43.36
C ASP E 180 -52.47 -0.58 42.79
N LYS E 181 -52.38 -0.78 41.49
CA LYS E 181 -51.11 -1.12 40.87
C LYS E 181 -50.75 -0.29 39.65
N VAL E 182 -49.46 0.02 39.52
CA VAL E 182 -48.93 0.79 38.40
C VAL E 182 -48.20 -0.16 37.46
N ILE E 183 -48.23 0.12 36.18
CA ILE E 183 -47.56 -0.72 35.18
C ILE E 183 -46.47 0.05 34.43
N VAL E 184 -45.23 -0.14 34.90
CA VAL E 184 -44.06 0.51 34.32
C VAL E 184 -43.61 -0.18 33.03
N GLY E 185 -43.48 0.60 31.97
CA GLY E 185 -43.06 0.05 30.70
C GLY E 185 -43.66 0.79 29.53
N VAL F 1 -56.44 -37.53 -1.83
CA VAL F 1 -55.89 -38.19 -3.05
C VAL F 1 -54.90 -39.29 -2.63
N THR F 2 -54.39 -40.04 -3.61
CA THR F 2 -53.43 -41.11 -3.35
C THR F 2 -52.01 -40.52 -3.32
N ASP F 3 -51.17 -41.04 -2.41
CA ASP F 3 -49.79 -40.57 -2.28
C ASP F 3 -49.03 -40.56 -3.61
N GLN F 4 -48.41 -39.41 -3.90
CA GLN F 4 -47.66 -39.20 -5.13
C GLN F 4 -46.44 -40.09 -5.30
N LEU F 5 -45.76 -40.39 -4.19
CA LEU F 5 -44.58 -41.24 -4.22
C LEU F 5 -44.97 -42.70 -4.48
N GLU F 6 -45.99 -43.18 -3.75
CA GLU F 6 -46.47 -44.55 -3.92
C GLU F 6 -46.92 -44.79 -5.36
N ASP F 7 -47.47 -43.75 -5.97
CA ASP F 7 -47.95 -43.79 -7.34
C ASP F 7 -46.77 -44.03 -8.29
N LEU F 8 -45.77 -43.16 -8.22
CA LEU F 8 -44.58 -43.26 -9.06
C LEU F 8 -43.79 -44.55 -8.83
N ARG F 9 -43.81 -45.06 -7.60
CA ARG F 9 -43.11 -46.31 -7.30
C ARG F 9 -43.83 -47.46 -7.99
N GLU F 10 -45.14 -47.57 -7.75
CA GLU F 10 -45.96 -48.61 -8.34
C GLU F 10 -45.79 -48.59 -9.86
N HIS F 11 -45.83 -47.39 -10.43
CA HIS F 11 -45.67 -47.21 -11.87
C HIS F 11 -44.34 -47.80 -12.37
N PHE F 12 -43.25 -47.53 -11.66
CA PHE F 12 -41.93 -48.02 -12.07
C PHE F 12 -41.65 -49.48 -11.76
N LYS F 13 -42.33 -50.04 -10.76
CA LYS F 13 -42.17 -51.45 -10.43
C LYS F 13 -42.73 -52.29 -11.59
N ASN F 14 -43.52 -51.65 -12.45
CA ASN F 14 -44.12 -52.32 -13.59
C ASN F 14 -43.51 -52.04 -14.96
N THR F 15 -42.28 -51.54 -14.98
CA THR F 15 -41.58 -51.29 -16.23
C THR F 15 -40.77 -52.56 -16.48
N GLU F 16 -40.12 -52.68 -17.63
CA GLU F 16 -39.34 -53.88 -17.90
C GLU F 16 -38.25 -54.09 -16.86
N GLU F 17 -37.50 -53.02 -16.56
CA GLU F 17 -36.41 -53.06 -15.59
C GLU F 17 -36.93 -53.36 -14.18
N GLY F 18 -38.05 -52.73 -13.84
CA GLY F 18 -38.66 -52.92 -12.54
C GLY F 18 -39.14 -54.34 -12.29
N LYS F 19 -39.76 -54.94 -13.30
CA LYS F 19 -40.24 -56.31 -13.20
C LYS F 19 -39.08 -57.28 -13.02
N ALA F 20 -38.01 -57.04 -13.79
CA ALA F 20 -36.80 -57.87 -13.71
C ALA F 20 -36.22 -57.83 -12.29
N LEU F 21 -36.24 -56.64 -11.67
CA LEU F 21 -35.72 -56.44 -10.32
C LEU F 21 -36.58 -57.07 -9.24
N VAL F 22 -37.90 -56.99 -9.38
CA VAL F 22 -38.78 -57.59 -8.38
C VAL F 22 -38.71 -59.11 -8.51
N HIS F 23 -38.45 -59.58 -9.73
CA HIS F 23 -38.32 -61.00 -10.00
C HIS F 23 -37.14 -61.56 -9.21
N HIS F 24 -35.97 -60.93 -9.36
CA HIS F 24 -34.77 -61.36 -8.65
C HIS F 24 -34.97 -61.30 -7.15
N TYR F 25 -35.71 -60.29 -6.68
CA TYR F 25 -35.97 -60.17 -5.25
C TYR F 25 -36.92 -61.29 -4.85
N GLU F 26 -37.90 -61.55 -5.72
CA GLU F 26 -38.90 -62.59 -5.48
C GLU F 26 -38.27 -63.97 -5.43
N GLU F 27 -37.38 -64.24 -6.37
CA GLU F 27 -36.67 -65.53 -6.44
C GLU F 27 -35.84 -65.73 -5.17
N CYS F 28 -35.38 -64.64 -4.58
CA CYS F 28 -34.60 -64.70 -3.34
C CYS F 28 -35.52 -64.99 -2.17
N ALA F 29 -36.65 -64.30 -2.12
CA ALA F 29 -37.63 -64.45 -1.05
C ALA F 29 -38.16 -65.89 -0.97
N GLU F 30 -38.37 -66.48 -2.15
CA GLU F 30 -38.85 -67.86 -2.24
C GLU F 30 -37.81 -68.79 -1.63
N ARG F 31 -36.57 -68.66 -2.08
CA ARG F 31 -35.46 -69.46 -1.61
C ARG F 31 -35.27 -69.36 -0.09
N VAL F 32 -35.62 -68.22 0.48
CA VAL F 32 -35.48 -67.98 1.92
C VAL F 32 -36.50 -68.70 2.79
N LYS F 33 -37.79 -68.59 2.46
CA LYS F 33 -38.82 -69.24 3.26
C LYS F 33 -38.70 -70.77 3.24
N ILE F 34 -38.10 -71.30 2.19
CA ILE F 34 -37.90 -72.74 2.05
C ILE F 34 -36.84 -73.20 3.06
N GLN F 35 -35.86 -72.35 3.31
CA GLN F 35 -34.78 -72.66 4.25
C GLN F 35 -35.23 -72.55 5.71
N GLN F 36 -36.24 -71.74 5.95
CA GLN F 36 -36.78 -71.53 7.30
C GLN F 36 -37.60 -72.72 7.80
N GLN F 37 -38.36 -73.32 6.90
CA GLN F 37 -39.22 -74.46 7.23
C GLN F 37 -38.44 -75.76 7.45
N GLN F 38 -37.19 -75.79 7.01
CA GLN F 38 -36.34 -76.96 7.17
C GLN F 38 -35.74 -77.02 8.57
N PRO F 39 -35.52 -78.24 9.11
CA PRO F 39 -34.94 -78.46 10.43
C PRO F 39 -33.54 -77.88 10.66
N GLY F 40 -33.36 -77.26 11.82
CA GLY F 40 -32.07 -76.68 12.18
C GLY F 40 -31.84 -75.26 11.69
N TYR F 41 -32.92 -74.53 11.42
CA TYR F 41 -32.79 -73.16 10.95
C TYR F 41 -32.29 -72.21 12.04
N ALA F 42 -32.75 -72.44 13.28
CA ALA F 42 -32.37 -71.61 14.42
C ALA F 42 -30.85 -71.62 14.65
N ASP F 43 -30.24 -72.78 14.49
CA ASP F 43 -28.80 -72.93 14.67
C ASP F 43 -28.17 -73.21 13.30
N LEU F 44 -27.83 -72.16 12.58
CA LEU F 44 -27.24 -72.31 11.25
C LEU F 44 -26.08 -71.34 10.99
N GLU F 45 -26.12 -70.18 11.66
CA GLU F 45 -25.12 -69.12 11.53
C GLU F 45 -24.73 -68.81 10.08
N HIS F 46 -25.64 -69.06 9.15
CA HIS F 46 -25.40 -68.84 7.73
C HIS F 46 -26.73 -68.53 7.04
N LYS F 47 -27.64 -67.91 7.78
CA LYS F 47 -28.96 -67.54 7.27
C LYS F 47 -28.86 -66.44 6.22
N GLU F 48 -29.44 -66.70 5.05
CA GLU F 48 -29.42 -65.75 3.95
C GLU F 48 -30.64 -64.82 4.02
N ASP F 49 -30.42 -63.55 3.68
CA ASP F 49 -31.49 -62.57 3.65
C ASP F 49 -31.54 -61.98 2.25
N CYS F 50 -32.53 -61.15 1.96
CA CYS F 50 -32.66 -60.58 0.64
C CYS F 50 -32.54 -59.06 0.58
N VAL F 51 -31.79 -58.50 1.54
CA VAL F 51 -31.55 -57.06 1.64
C VAL F 51 -30.90 -56.54 0.36
N GLU F 52 -29.88 -57.25 -0.11
CA GLU F 52 -29.15 -56.89 -1.31
C GLU F 52 -30.10 -56.76 -2.50
N GLU F 53 -30.85 -57.82 -2.78
CA GLU F 53 -31.81 -57.82 -3.89
C GLU F 53 -32.84 -56.72 -3.68
N PHE F 54 -33.23 -56.51 -2.41
CA PHE F 54 -34.19 -55.46 -2.08
C PHE F 54 -33.60 -54.08 -2.38
N PHE F 55 -32.33 -53.87 -2.00
CA PHE F 55 -31.65 -52.61 -2.23
C PHE F 55 -31.56 -52.27 -3.72
N HIS F 56 -31.32 -53.28 -4.55
CA HIS F 56 -31.24 -53.06 -6.00
C HIS F 56 -32.57 -52.56 -6.54
N LEU F 57 -33.65 -53.10 -5.99
CA LEU F 57 -34.99 -52.73 -6.38
C LEU F 57 -35.22 -51.29 -5.96
N GLN F 58 -35.06 -51.05 -4.66
CA GLN F 58 -35.25 -49.72 -4.10
C GLN F 58 -34.37 -48.67 -4.75
N HIS F 59 -33.13 -49.04 -5.08
CA HIS F 59 -32.22 -48.11 -5.72
C HIS F 59 -32.77 -47.67 -7.08
N TYR F 60 -33.21 -48.65 -7.87
CA TYR F 60 -33.79 -48.38 -9.20
C TYR F 60 -34.98 -47.45 -9.07
N LEU F 61 -35.86 -47.75 -8.12
CA LEU F 61 -37.04 -46.93 -7.89
C LEU F 61 -36.68 -45.50 -7.48
N ASP F 62 -35.67 -45.37 -6.62
CA ASP F 62 -35.21 -44.06 -6.15
C ASP F 62 -34.68 -43.25 -7.33
N THR F 63 -33.87 -43.88 -8.16
CA THR F 63 -33.27 -43.25 -9.33
C THR F 63 -34.32 -42.72 -10.31
N ALA F 64 -35.47 -43.38 -10.38
CA ALA F 64 -36.54 -42.97 -11.29
C ALA F 64 -37.57 -42.01 -10.67
N THR F 65 -37.87 -42.20 -9.39
CA THR F 65 -38.85 -41.36 -8.71
C THR F 65 -38.32 -40.01 -8.19
N ALA F 66 -37.08 -40.00 -7.71
CA ALA F 66 -36.46 -38.80 -7.15
C ALA F 66 -36.49 -37.54 -8.02
N PRO F 67 -36.15 -37.64 -9.31
CA PRO F 67 -36.17 -36.44 -10.15
C PRO F 67 -37.55 -35.98 -10.62
N ARG F 68 -38.59 -36.72 -10.26
CA ARG F 68 -39.95 -36.39 -10.69
C ARG F 68 -40.96 -36.09 -9.59
N LEU F 69 -40.77 -36.70 -8.42
CA LEU F 69 -41.70 -36.52 -7.30
C LEU F 69 -42.11 -35.09 -6.93
N PHE F 70 -41.17 -34.16 -6.93
CA PHE F 70 -41.48 -32.79 -6.55
C PHE F 70 -42.29 -31.95 -7.54
N ASP F 71 -42.28 -32.31 -8.82
CA ASP F 71 -43.09 -31.58 -9.80
C ASP F 71 -44.56 -31.90 -9.53
N LYS F 72 -44.81 -32.98 -8.81
CA LYS F 72 -46.16 -33.39 -8.47
C LYS F 72 -46.58 -32.89 -7.09
N LEU F 73 -45.63 -32.34 -6.35
CA LEU F 73 -45.91 -31.82 -5.02
C LEU F 73 -46.04 -30.30 -5.04
N LYS F 74 -46.62 -29.76 -3.97
CA LYS F 74 -46.80 -28.33 -3.84
C LYS F 74 -45.73 -27.76 -2.91
N GLN G 1 26.89 -34.46 -2.01
CA GLN G 1 27.88 -35.30 -2.74
C GLN G 1 28.93 -34.43 -3.40
N SER G 2 30.19 -34.72 -3.14
CA SER G 2 31.30 -33.95 -3.70
C SER G 2 31.50 -34.24 -5.18
N PHE G 3 32.10 -33.28 -5.89
CA PHE G 3 32.37 -33.48 -7.30
C PHE G 3 33.48 -34.51 -7.51
N THR G 4 34.34 -34.67 -6.50
CA THR G 4 35.42 -35.65 -6.58
C THR G 4 34.77 -37.03 -6.66
N SER G 5 33.72 -37.22 -5.86
CA SER G 5 32.99 -38.48 -5.84
C SER G 5 32.22 -38.73 -7.12
N ILE G 6 31.60 -37.69 -7.66
CA ILE G 6 30.84 -37.82 -8.90
C ILE G 6 31.82 -38.19 -10.01
N ALA G 7 33.01 -37.58 -9.99
CA ALA G 7 34.04 -37.82 -11.00
C ALA G 7 34.57 -39.26 -10.91
N ARG G 8 34.79 -39.75 -9.70
CA ARG G 8 35.28 -41.11 -9.46
C ARG G 8 34.33 -42.10 -10.16
N ILE G 9 33.06 -42.07 -9.76
CA ILE G 9 32.04 -42.95 -10.34
C ILE G 9 31.87 -42.72 -11.84
N GLY G 10 31.76 -41.46 -12.25
CA GLY G 10 31.59 -41.14 -13.66
C GLY G 10 32.72 -41.60 -14.57
N ASP G 11 33.96 -41.45 -14.11
CA ASP G 11 35.12 -41.86 -14.89
C ASP G 11 35.24 -43.38 -15.01
N TYR G 12 34.88 -44.09 -13.93
CA TYR G 12 34.93 -45.54 -13.91
C TYR G 12 33.98 -46.09 -14.96
N ILE G 13 32.84 -45.43 -15.12
CA ILE G 13 31.84 -45.85 -16.11
C ILE G 13 32.33 -45.50 -17.50
N LEU G 14 32.90 -44.31 -17.66
CA LEU G 14 33.40 -43.82 -18.94
C LEU G 14 34.57 -44.63 -19.51
N LYS G 15 35.38 -45.22 -18.63
CA LYS G 15 36.53 -46.01 -19.05
C LYS G 15 36.17 -47.43 -19.50
N SER G 16 35.24 -48.05 -18.77
CA SER G 16 34.76 -49.40 -19.08
C SER G 16 33.83 -49.38 -20.29
N PRO G 17 34.23 -50.02 -21.40
CA PRO G 17 33.42 -50.08 -22.64
C PRO G 17 32.08 -50.78 -22.44
N VAL G 18 31.98 -51.56 -21.36
CA VAL G 18 30.74 -52.27 -21.04
C VAL G 18 29.69 -51.24 -20.63
N LEU G 19 30.01 -50.49 -19.57
CA LEU G 19 29.11 -49.46 -19.04
C LEU G 19 29.02 -48.24 -19.95
N SER G 20 30.16 -47.80 -20.48
CA SER G 20 30.22 -46.63 -21.36
C SER G 20 29.23 -46.65 -22.52
N LYS G 21 28.98 -47.83 -23.09
CA LYS G 21 28.07 -47.96 -24.21
C LYS G 21 26.62 -48.12 -23.72
N LEU G 22 26.48 -48.55 -22.48
CA LEU G 22 25.17 -48.77 -21.86
C LEU G 22 24.56 -47.49 -21.25
N CYS G 23 25.37 -46.79 -20.46
CA CYS G 23 24.95 -45.58 -19.75
C CYS G 23 24.91 -44.25 -20.50
N VAL G 24 26.00 -43.88 -21.17
CA VAL G 24 26.07 -42.62 -21.88
C VAL G 24 24.82 -42.28 -22.70
N PRO G 25 24.32 -43.22 -23.52
CA PRO G 25 23.12 -42.90 -24.29
C PRO G 25 21.95 -42.54 -23.36
N VAL G 26 21.86 -43.21 -22.22
CA VAL G 26 20.80 -42.92 -21.24
C VAL G 26 21.03 -41.49 -20.70
N ALA G 27 22.26 -41.21 -20.29
CA ALA G 27 22.64 -39.92 -19.75
C ALA G 27 22.38 -38.78 -20.74
N ASN G 28 22.69 -39.02 -22.01
CA ASN G 28 22.47 -38.03 -23.07
C ASN G 28 20.99 -37.67 -23.20
N GLN G 29 20.14 -38.69 -23.06
CA GLN G 29 18.70 -38.51 -23.17
C GLN G 29 18.19 -37.77 -21.94
N PHE G 30 18.79 -38.07 -20.79
CA PHE G 30 18.42 -37.43 -19.54
C PHE G 30 18.70 -35.92 -19.64
N ILE G 31 19.89 -35.59 -20.14
CA ILE G 31 20.29 -34.19 -20.30
C ILE G 31 19.37 -33.39 -21.23
N ASN G 32 18.90 -34.02 -22.30
CA ASN G 32 18.00 -33.33 -23.23
C ASN G 32 16.63 -33.10 -22.62
N LEU G 33 16.17 -34.06 -21.82
CA LEU G 33 14.86 -33.95 -21.16
C LEU G 33 14.90 -32.91 -20.05
N ALA G 34 16.08 -32.71 -19.45
CA ALA G 34 16.29 -31.74 -18.38
C ALA G 34 15.80 -30.38 -18.89
N GLY G 35 16.20 -30.03 -20.12
CA GLY G 35 15.77 -28.80 -20.74
C GLY G 35 16.53 -27.51 -20.45
N TYR G 36 17.53 -27.55 -19.59
CA TYR G 36 18.27 -26.34 -19.26
C TYR G 36 18.92 -25.66 -20.47
N LYS G 37 19.24 -26.44 -21.50
CA LYS G 37 19.86 -25.92 -22.71
C LYS G 37 18.92 -25.03 -23.51
N LYS G 38 17.61 -25.27 -23.36
CA LYS G 38 16.60 -24.47 -24.07
C LYS G 38 16.47 -23.07 -23.43
N LEU G 39 17.02 -22.90 -22.23
CA LEU G 39 17.00 -21.63 -21.53
C LEU G 39 18.32 -20.89 -21.74
N GLY G 40 19.25 -21.54 -22.42
CA GLY G 40 20.54 -20.93 -22.70
C GLY G 40 21.58 -21.18 -21.62
N LEU G 41 21.36 -22.22 -20.84
CA LEU G 41 22.29 -22.55 -19.76
C LEU G 41 23.17 -23.74 -20.06
N LYS G 42 24.29 -23.78 -19.34
CA LYS G 42 25.24 -24.88 -19.42
C LYS G 42 25.05 -25.53 -18.07
N PHE G 43 25.25 -26.85 -17.99
CA PHE G 43 25.06 -27.51 -16.71
C PHE G 43 25.78 -26.87 -15.54
N ASP G 44 27.06 -26.50 -15.74
CA ASP G 44 27.83 -25.89 -14.67
C ASP G 44 27.21 -24.60 -14.11
N ASP G 45 26.37 -23.93 -14.91
CA ASP G 45 25.69 -22.71 -14.46
C ASP G 45 24.63 -23.06 -13.41
N LEU G 46 24.21 -24.32 -13.39
CA LEU G 46 23.19 -24.84 -12.48
C LEU G 46 23.66 -25.29 -11.11
N ILE G 47 24.97 -25.38 -10.91
CA ILE G 47 25.49 -25.83 -9.62
C ILE G 47 25.19 -24.84 -8.48
N ALA G 48 24.61 -25.33 -7.38
CA ALA G 48 24.30 -24.46 -6.22
C ALA G 48 25.63 -23.85 -5.75
N GLU G 49 25.68 -22.51 -5.70
CA GLU G 49 26.89 -21.78 -5.32
C GLU G 49 27.06 -21.30 -3.88
N GLU G 50 26.05 -21.47 -3.04
CA GLU G 50 26.14 -20.99 -1.67
C GLU G 50 26.91 -21.88 -0.69
N ASN G 51 28.19 -22.06 -0.98
CA ASN G 51 29.10 -22.85 -0.15
C ASN G 51 30.52 -22.38 -0.47
N PRO G 52 31.47 -22.55 0.46
CA PRO G 52 32.85 -22.13 0.24
C PRO G 52 33.59 -22.70 -0.99
N ILE G 53 33.37 -23.96 -1.33
CA ILE G 53 34.02 -24.57 -2.49
C ILE G 53 33.62 -23.81 -3.76
N MET G 54 32.31 -23.67 -3.97
CA MET G 54 31.84 -22.96 -5.14
C MET G 54 32.21 -21.49 -5.18
N GLN G 55 32.42 -20.86 -4.02
CA GLN G 55 32.80 -19.45 -4.01
C GLN G 55 34.27 -19.32 -4.39
N THR G 56 35.07 -20.25 -3.90
CA THR G 56 36.49 -20.29 -4.24
C THR G 56 36.61 -20.50 -5.75
N ALA G 57 35.83 -21.45 -6.27
CA ALA G 57 35.84 -21.78 -7.69
C ALA G 57 35.43 -20.63 -8.59
N LEU G 58 34.33 -19.98 -8.25
CA LEU G 58 33.82 -18.85 -9.03
C LEU G 58 34.77 -17.65 -8.98
N ARG G 59 35.53 -17.57 -7.90
CA ARG G 59 36.48 -16.49 -7.69
C ARG G 59 37.68 -16.65 -8.63
N ARG G 60 38.06 -17.92 -8.84
CA ARG G 60 39.19 -18.28 -9.70
C ARG G 60 38.92 -18.35 -11.19
N LEU G 61 37.64 -18.27 -11.55
CA LEU G 61 37.22 -18.31 -12.94
C LEU G 61 37.70 -17.08 -13.72
N PRO G 62 38.35 -17.28 -14.88
CA PRO G 62 38.82 -16.13 -15.65
C PRO G 62 37.69 -15.19 -16.07
N GLU G 63 38.00 -13.89 -16.11
CA GLU G 63 37.06 -12.82 -16.44
C GLU G 63 36.04 -13.10 -17.53
N ASP G 64 36.52 -13.50 -18.70
CA ASP G 64 35.67 -13.76 -19.85
C ASP G 64 34.58 -14.80 -19.62
N GLU G 65 34.93 -15.85 -18.90
CA GLU G 65 33.97 -16.91 -18.58
C GLU G 65 33.00 -16.37 -17.53
N SER G 66 33.51 -15.57 -16.61
CA SER G 66 32.68 -14.99 -15.56
C SER G 66 31.58 -14.09 -16.13
N TYR G 67 31.95 -13.20 -17.04
CA TYR G 67 30.97 -12.30 -17.65
C TYR G 67 29.96 -13.11 -18.46
N ALA G 68 30.44 -14.19 -19.08
CA ALA G 68 29.58 -15.06 -19.88
C ALA G 68 28.55 -15.79 -19.01
N ARG G 69 29.00 -16.34 -17.89
CA ARG G 69 28.12 -17.04 -16.96
C ARG G 69 27.03 -16.06 -16.51
N ALA G 70 27.43 -14.82 -16.22
CA ALA G 70 26.51 -13.77 -15.77
C ALA G 70 25.40 -13.51 -16.79
N TYR G 71 25.78 -13.40 -18.06
CA TYR G 71 24.80 -13.16 -19.12
C TYR G 71 23.84 -14.33 -19.27
N ARG G 72 24.37 -15.55 -19.24
CA ARG G 72 23.54 -16.74 -19.39
C ARG G 72 22.51 -16.85 -18.26
N ILE G 73 22.96 -16.60 -17.04
CA ILE G 73 22.09 -16.65 -15.87
C ILE G 73 20.98 -15.57 -15.94
N ILE G 74 21.37 -14.35 -16.30
CA ILE G 74 20.40 -13.27 -16.40
C ILE G 74 19.41 -13.58 -17.52
N ARG G 75 19.91 -14.03 -18.65
CA ARG G 75 19.05 -14.37 -19.80
C ARG G 75 18.07 -15.49 -19.44
N ALA G 76 18.53 -16.44 -18.63
CA ALA G 76 17.66 -17.54 -18.21
C ALA G 76 16.50 -17.07 -17.31
N HIS G 77 16.80 -16.14 -16.38
CA HIS G 77 15.76 -15.62 -15.49
C HIS G 77 14.69 -14.86 -16.26
N GLN G 78 15.12 -14.04 -17.22
CA GLN G 78 14.20 -13.25 -18.03
C GLN G 78 13.30 -14.14 -18.88
N THR G 79 13.89 -15.19 -19.48
CA THR G 79 13.11 -16.10 -20.30
C THR G 79 12.13 -16.88 -19.42
N GLU G 80 12.62 -17.35 -18.28
CA GLU G 80 11.77 -18.07 -17.35
C GLU G 80 10.55 -17.23 -16.96
N LEU G 81 10.78 -15.97 -16.61
CA LEU G 81 9.68 -15.08 -16.21
C LEU G 81 8.69 -14.78 -17.31
N THR G 82 9.11 -14.91 -18.57
CA THR G 82 8.20 -14.66 -19.68
C THR G 82 7.48 -15.95 -20.09
N HIS G 83 7.80 -17.04 -19.39
CA HIS G 83 7.21 -18.36 -19.63
C HIS G 83 7.39 -18.88 -21.05
N HIS G 84 8.58 -18.61 -21.60
CA HIS G 84 8.94 -19.03 -22.95
C HIS G 84 10.28 -19.76 -22.88
N LEU G 85 10.74 -20.19 -24.04
CA LEU G 85 12.04 -20.83 -24.19
C LEU G 85 12.70 -19.92 -25.22
N LEU G 86 14.02 -20.02 -25.32
CA LEU G 86 14.72 -19.19 -26.29
C LEU G 86 14.49 -19.76 -27.69
N PRO G 87 14.70 -18.95 -28.73
CA PRO G 87 14.51 -19.46 -30.10
C PRO G 87 15.55 -20.56 -30.25
N ARG G 88 15.19 -21.66 -30.91
CA ARG G 88 16.09 -22.81 -31.08
C ARG G 88 17.53 -22.48 -31.46
N ASN G 89 17.71 -21.47 -32.31
CA ASN G 89 19.04 -21.07 -32.75
C ASN G 89 19.90 -20.49 -31.63
N GLU G 90 19.27 -20.18 -30.49
CA GLU G 90 19.98 -19.63 -29.33
C GLU G 90 20.29 -20.67 -28.25
N TRP G 91 19.70 -21.86 -28.38
CA TRP G 91 19.93 -22.93 -27.40
C TRP G 91 21.41 -23.28 -27.31
N ILE G 92 21.81 -23.84 -26.18
CA ILE G 92 23.20 -24.24 -26.00
C ILE G 92 23.36 -25.58 -26.71
N LYS G 93 24.37 -25.69 -27.55
CA LYS G 93 24.63 -26.93 -28.26
C LYS G 93 25.49 -27.82 -27.37
N ALA G 94 25.39 -29.13 -27.59
CA ALA G 94 26.13 -30.11 -26.80
C ALA G 94 27.63 -29.86 -26.80
N GLN G 95 28.15 -29.31 -27.90
CA GLN G 95 29.58 -29.02 -28.01
C GLN G 95 29.98 -27.91 -27.05
N GLU G 96 29.03 -27.00 -26.80
CA GLU G 96 29.23 -25.87 -25.90
C GLU G 96 29.00 -26.21 -24.42
N ASP G 97 28.13 -27.20 -24.17
CA ASP G 97 27.81 -27.61 -22.81
C ASP G 97 28.97 -28.33 -22.12
N VAL G 98 30.08 -27.62 -22.02
CA VAL G 98 31.33 -28.12 -21.42
C VAL G 98 31.45 -27.85 -19.93
N PRO G 99 32.09 -28.77 -19.18
CA PRO G 99 32.26 -28.57 -17.75
C PRO G 99 33.39 -27.57 -17.49
N TYR G 100 33.11 -26.29 -17.75
CA TYR G 100 34.09 -25.20 -17.58
C TYR G 100 34.47 -24.85 -16.14
N LEU G 101 33.59 -25.12 -15.20
CA LEU G 101 33.87 -24.81 -13.80
C LEU G 101 34.41 -26.01 -13.03
N LEU G 102 34.13 -27.20 -13.54
CA LEU G 102 34.57 -28.46 -12.93
C LEU G 102 36.03 -28.50 -12.46
N PRO G 103 37.00 -28.14 -13.34
CA PRO G 103 38.40 -28.19 -12.89
C PRO G 103 38.70 -27.32 -11.67
N TYR G 104 38.10 -26.14 -11.61
CA TYR G 104 38.28 -25.25 -10.47
C TYR G 104 37.67 -25.85 -9.19
N ILE G 105 36.52 -26.49 -9.33
CA ILE G 105 35.84 -27.13 -8.21
C ILE G 105 36.66 -28.29 -7.65
N LEU G 106 37.12 -29.17 -8.54
CA LEU G 106 37.93 -30.33 -8.16
C LEU G 106 39.22 -29.91 -7.45
N GLU G 107 39.85 -28.87 -7.98
CA GLU G 107 41.08 -28.35 -7.39
C GLU G 107 40.83 -27.84 -5.96
N ALA G 108 39.74 -27.08 -5.78
CA ALA G 108 39.37 -26.56 -4.47
C ALA G 108 39.01 -27.69 -3.49
N GLU G 109 38.30 -28.71 -3.96
CA GLU G 109 37.95 -29.83 -3.07
C GLU G 109 39.20 -30.58 -2.58
N ALA G 110 40.17 -30.76 -3.47
CA ALA G 110 41.42 -31.45 -3.13
C ALA G 110 42.17 -30.62 -2.09
N ALA G 111 42.29 -29.32 -2.35
CA ALA G 111 42.98 -28.43 -1.41
C ALA G 111 42.31 -28.51 -0.03
N ALA G 112 40.98 -28.45 -0.03
CA ALA G 112 40.19 -28.53 1.20
C ALA G 112 40.40 -29.85 1.92
N LYS G 113 40.32 -30.96 1.19
CA LYS G 113 40.51 -32.29 1.77
C LYS G 113 41.91 -32.44 2.40
N GLU G 114 42.93 -31.88 1.76
CA GLU G 114 44.29 -31.96 2.30
C GLU G 114 44.39 -31.21 3.63
N LYS G 115 43.76 -30.03 3.71
CA LYS G 115 43.80 -29.25 4.95
C LYS G 115 43.16 -30.04 6.07
N ASP G 116 42.04 -30.68 5.75
CA ASP G 116 41.34 -31.47 6.75
C ASP G 116 42.20 -32.64 7.21
N GLU G 117 42.95 -33.24 6.28
CA GLU G 117 43.83 -34.36 6.58
C GLU G 117 45.00 -33.91 7.46
N LEU G 118 45.64 -32.81 7.06
CA LEU G 118 46.76 -32.27 7.80
C LEU G 118 46.39 -31.74 9.19
N ASP G 119 45.19 -31.17 9.33
CA ASP G 119 44.74 -30.65 10.63
C ASP G 119 44.48 -31.80 11.61
N ASN G 120 44.29 -33.00 11.07
CA ASN G 120 44.01 -34.15 11.91
C ASN G 120 45.04 -35.28 11.86
N ILE G 121 46.22 -35.02 11.31
CA ILE G 121 47.27 -36.05 11.22
C ILE G 121 47.76 -36.54 12.58
N GLU G 122 47.78 -37.85 12.76
CA GLU G 122 48.28 -38.44 13.99
C GLU G 122 49.78 -38.66 13.82
N VAL G 123 50.48 -38.90 14.92
CA VAL G 123 51.91 -39.12 14.89
C VAL G 123 52.30 -40.38 15.66
N SER G 124 53.19 -41.17 15.09
CA SER G 124 53.65 -42.40 15.72
C SER G 124 55.14 -42.36 16.00
N LYS G 125 55.50 -42.66 17.25
CA LYS G 125 56.90 -42.67 17.67
C LYS G 125 57.44 -44.10 17.79
N GLY H 1 26.78 0.00 14.49
CA GLY H 1 25.98 -1.15 14.97
C GLY H 1 26.80 -2.40 15.20
N PRO H 2 26.20 -3.47 15.75
CA PRO H 2 26.85 -4.75 16.04
C PRO H 2 27.25 -5.51 14.76
N PRO H 3 28.38 -6.21 14.78
CA PRO H 3 28.86 -6.98 13.63
C PRO H 3 27.86 -8.04 13.14
N SER H 4 27.60 -8.04 11.83
CA SER H 4 26.66 -8.97 11.22
C SER H 4 27.38 -10.11 10.48
N GLY H 5 26.84 -11.32 10.59
CA GLY H 5 27.42 -12.47 9.92
C GLY H 5 27.30 -12.42 8.40
N LYS H 6 28.32 -12.95 7.70
CA LYS H 6 28.32 -12.97 6.24
C LYS H 6 27.24 -13.90 5.69
N THR H 7 26.54 -13.41 4.67
CA THR H 7 25.46 -14.16 4.03
C THR H 7 25.72 -14.28 2.53
N TYR H 8 24.72 -14.77 1.80
CA TYR H 8 24.85 -14.92 0.36
C TYR H 8 23.99 -13.93 -0.41
N MET H 9 23.55 -12.88 0.29
CA MET H 9 22.75 -11.82 -0.31
C MET H 9 23.05 -10.49 0.40
N GLY H 10 23.32 -9.45 -0.39
CA GLY H 10 23.58 -8.13 0.16
C GLY H 10 22.37 -7.25 -0.04
N TRP H 11 22.58 -6.03 -0.52
CA TRP H 11 21.48 -5.11 -0.77
C TRP H 11 21.82 -4.30 -2.00
N TRP H 12 20.89 -3.47 -2.46
CA TRP H 12 21.10 -2.62 -3.64
C TRP H 12 22.46 -1.94 -3.64
N GLY H 13 23.29 -2.25 -4.64
CA GLY H 13 24.61 -1.67 -4.73
C GLY H 13 25.69 -2.64 -4.31
N HIS H 14 25.33 -3.68 -3.56
CA HIS H 14 26.28 -4.72 -3.11
C HIS H 14 25.52 -6.03 -2.89
N MET H 15 24.80 -6.46 -3.93
CA MET H 15 23.99 -7.67 -3.87
C MET H 15 24.78 -8.95 -3.59
N GLY H 16 26.05 -8.95 -3.96
CA GLY H 16 26.89 -10.11 -3.74
C GLY H 16 27.10 -10.95 -4.99
N GLY H 17 26.58 -10.49 -6.12
CA GLY H 17 26.76 -11.20 -7.36
C GLY H 17 28.14 -10.90 -7.94
N PRO H 18 28.49 -11.52 -9.07
CA PRO H 18 29.79 -11.29 -9.70
C PRO H 18 29.75 -9.95 -10.43
N LYS H 19 30.92 -9.38 -10.72
CA LYS H 19 30.98 -8.11 -11.44
C LYS H 19 30.44 -8.25 -12.86
N GLN H 20 29.45 -7.45 -13.21
CA GLN H 20 28.84 -7.50 -14.53
C GLN H 20 29.44 -6.49 -15.47
N LYS H 21 29.67 -6.91 -16.71
CA LYS H 21 30.25 -6.05 -17.74
C LYS H 21 29.86 -6.61 -19.11
N GLY H 22 29.50 -5.73 -20.04
CA GLY H 22 29.14 -6.17 -21.37
C GLY H 22 27.66 -6.40 -21.63
N ILE H 23 26.87 -6.51 -20.58
CA ILE H 23 25.43 -6.73 -20.71
C ILE H 23 24.71 -5.37 -20.70
N THR H 24 23.87 -5.15 -21.70
CA THR H 24 23.12 -3.92 -21.82
C THR H 24 21.63 -4.28 -21.88
N SER H 25 20.82 -3.63 -21.06
CA SER H 25 19.39 -3.94 -21.07
C SER H 25 18.56 -2.78 -21.57
N TYR H 26 17.40 -3.11 -22.14
CA TYR H 26 16.51 -2.09 -22.66
C TYR H 26 15.10 -2.39 -22.20
N ALA H 27 14.31 -1.34 -21.98
CA ALA H 27 12.93 -1.51 -21.57
C ALA H 27 12.10 -0.32 -22.03
N VAL H 28 10.80 -0.49 -22.08
CA VAL H 28 9.89 0.56 -22.51
C VAL H 28 8.75 0.71 -21.51
N SER H 29 8.44 1.96 -21.18
CA SER H 29 7.38 2.27 -20.24
C SER H 29 6.08 1.54 -20.52
N PRO H 30 5.44 1.00 -19.46
CA PRO H 30 4.18 0.28 -19.58
C PRO H 30 3.12 1.24 -20.12
N TYR H 31 3.34 2.54 -19.90
CA TYR H 31 2.41 3.57 -20.36
C TYR H 31 2.38 3.66 -21.89
N ALA H 32 3.55 3.48 -22.49
CA ALA H 32 3.71 3.54 -23.94
C ALA H 32 3.34 2.24 -24.64
N GLN H 33 3.03 1.20 -23.86
CA GLN H 33 2.69 -0.09 -24.44
C GLN H 33 1.22 -0.28 -24.73
N LYS H 34 0.97 -1.17 -25.67
CA LYS H 34 -0.37 -1.51 -26.12
C LYS H 34 -1.17 -2.06 -24.95
N PRO H 35 -2.26 -1.36 -24.56
CA PRO H 35 -3.13 -1.78 -23.45
C PRO H 35 -3.52 -3.25 -23.55
N LEU H 36 -3.52 -3.91 -22.40
CA LEU H 36 -3.84 -5.33 -22.29
C LEU H 36 -5.02 -5.84 -23.10
N GLN H 37 -4.69 -6.42 -24.25
CA GLN H 37 -5.66 -6.99 -25.18
C GLN H 37 -4.91 -7.82 -26.23
N GLY H 38 -3.60 -7.58 -26.32
CA GLY H 38 -2.76 -8.29 -27.27
C GLY H 38 -2.34 -9.67 -26.86
N ILE H 39 -2.71 -10.09 -25.64
CA ILE H 39 -2.36 -11.42 -25.14
C ILE H 39 -3.33 -12.46 -25.72
N PHE H 40 -3.37 -12.48 -27.05
CA PHE H 40 -4.20 -13.38 -27.85
C PHE H 40 -3.73 -13.19 -29.30
N HIS H 41 -3.93 -14.22 -30.13
CA HIS H 41 -3.51 -14.21 -31.53
C HIS H 41 -2.00 -14.40 -31.61
N ASN H 42 -1.28 -13.74 -30.70
CA ASN H 42 0.17 -13.83 -30.62
C ASN H 42 0.59 -14.60 -29.37
N ALA H 43 -0.22 -14.50 -28.32
CA ALA H 43 0.06 -15.18 -27.06
C ALA H 43 -1.12 -16.06 -26.63
N VAL H 44 -1.30 -17.17 -27.35
CA VAL H 44 -2.36 -18.13 -27.07
C VAL H 44 -1.92 -19.53 -27.45
N PHE H 45 -1.41 -19.68 -28.69
CA PHE H 45 -0.92 -20.96 -29.18
C PHE H 45 0.43 -21.23 -28.50
N ASN H 46 1.11 -20.14 -28.17
CA ASN H 46 2.40 -20.18 -27.49
C ASN H 46 2.20 -20.71 -26.08
N SER H 47 1.09 -20.31 -25.46
CA SER H 47 0.75 -20.75 -24.11
C SER H 47 0.38 -22.23 -24.11
N PHE H 48 0.05 -22.76 -22.93
CA PHE H 48 -0.30 -24.18 -22.77
C PHE H 48 0.88 -25.10 -23.05
N ARG H 49 1.99 -24.50 -23.45
CA ARG H 49 3.22 -25.23 -23.75
C ARG H 49 3.92 -25.69 -22.48
N ARG H 50 3.81 -24.88 -21.42
CA ARG H 50 4.45 -25.21 -20.15
C ARG H 50 3.63 -26.13 -19.26
N PHE H 51 3.05 -27.15 -19.88
CA PHE H 51 2.25 -28.17 -19.21
C PHE H 51 2.18 -29.38 -20.14
N LYS H 52 2.68 -29.20 -21.36
CA LYS H 52 2.73 -30.24 -22.38
C LYS H 52 4.01 -31.04 -22.12
N SER H 53 4.97 -30.38 -21.46
CA SER H 53 6.24 -30.99 -21.09
C SER H 53 6.13 -31.60 -19.70
N GLN H 54 5.24 -31.02 -18.90
CA GLN H 54 5.04 -31.45 -17.52
C GLN H 54 3.95 -32.48 -17.23
N PHE H 55 2.87 -32.45 -18.00
CA PHE H 55 1.74 -33.35 -17.75
C PHE H 55 2.05 -34.83 -17.55
N LEU H 56 3.11 -35.34 -18.20
CA LEU H 56 3.46 -36.75 -18.04
C LEU H 56 3.98 -37.04 -16.64
N TYR H 57 4.77 -36.12 -16.09
CA TYR H 57 5.32 -36.28 -14.74
C TYR H 57 4.19 -36.28 -13.72
N VAL H 58 3.09 -35.61 -14.04
CA VAL H 58 1.93 -35.54 -13.17
C VAL H 58 0.97 -36.69 -13.45
N LEU H 59 0.58 -36.85 -14.72
CA LEU H 59 -0.36 -37.87 -15.16
C LEU H 59 -0.02 -39.33 -14.86
N ILE H 60 1.19 -39.76 -15.18
CA ILE H 60 1.58 -41.15 -14.94
C ILE H 60 1.48 -41.55 -13.46
N PRO H 61 2.06 -40.74 -12.54
CA PRO H 61 1.97 -41.09 -11.11
C PRO H 61 0.50 -41.01 -10.66
N ALA H 62 -0.25 -40.07 -11.26
CA ALA H 62 -1.67 -39.90 -10.94
C ALA H 62 -2.43 -41.15 -11.40
N GLY H 63 -2.17 -41.57 -12.64
CA GLY H 63 -2.81 -42.74 -13.20
C GLY H 63 -2.56 -43.99 -12.35
N ILE H 64 -1.29 -44.22 -12.04
CA ILE H 64 -0.89 -45.36 -11.22
C ILE H 64 -1.70 -45.38 -9.92
N TYR H 65 -1.81 -44.23 -9.27
CA TYR H 65 -2.55 -44.14 -8.01
C TYR H 65 -4.07 -44.21 -8.14
N TRP H 66 -4.61 -43.66 -9.22
CA TRP H 66 -6.05 -43.72 -9.40
C TRP H 66 -6.47 -45.17 -9.67
N TYR H 67 -5.71 -45.85 -10.50
CA TYR H 67 -5.98 -47.25 -10.82
C TYR H 67 -5.89 -48.11 -9.57
N TRP H 68 -4.82 -47.93 -8.80
CA TRP H 68 -4.61 -48.68 -7.57
C TRP H 68 -5.77 -48.43 -6.60
N TRP H 69 -6.26 -47.20 -6.55
CA TRP H 69 -7.37 -46.87 -5.68
C TRP H 69 -8.67 -47.53 -6.13
N LYS H 70 -8.97 -47.41 -7.43
CA LYS H 70 -10.18 -47.98 -8.02
C LYS H 70 -10.23 -49.48 -7.80
N ASN H 71 -9.12 -50.14 -8.04
CA ASN H 71 -9.01 -51.58 -7.90
C ASN H 71 -9.32 -52.04 -6.47
N GLY H 72 -8.67 -51.43 -5.49
CA GLY H 72 -8.89 -51.82 -4.11
C GLY H 72 -10.32 -51.56 -3.62
N ASN H 73 -10.93 -50.52 -4.16
CA ASN H 73 -12.27 -50.15 -3.78
C ASN H 73 -13.30 -51.15 -4.31
N GLU H 74 -13.16 -51.49 -5.59
CA GLU H 74 -14.05 -52.43 -6.26
C GLU H 74 -13.91 -53.82 -5.65
N TYR H 75 -12.72 -54.13 -5.15
CA TYR H 75 -12.47 -55.41 -4.53
C TYR H 75 -13.18 -55.46 -3.17
N ASN H 76 -13.19 -54.34 -2.47
CA ASN H 76 -13.83 -54.23 -1.16
C ASN H 76 -15.35 -54.39 -1.31
N GLU H 77 -15.88 -53.80 -2.39
CA GLU H 77 -17.30 -53.85 -2.69
C GLU H 77 -17.69 -55.30 -2.94
N PHE H 78 -16.86 -56.02 -3.69
CA PHE H 78 -17.13 -57.43 -3.97
C PHE H 78 -17.12 -58.23 -2.66
N LEU H 79 -16.09 -58.04 -1.85
CA LEU H 79 -15.98 -58.77 -0.60
C LEU H 79 -17.19 -58.65 0.33
N TYR H 80 -17.85 -57.50 0.30
CA TYR H 80 -18.99 -57.27 1.17
C TYR H 80 -20.37 -57.50 0.55
N SER H 81 -20.38 -58.08 -0.64
CA SER H 81 -21.61 -58.43 -1.34
C SER H 81 -21.85 -59.93 -1.08
N LYS H 82 -23.00 -60.44 -1.48
CA LYS H 82 -23.33 -61.85 -1.28
C LYS H 82 -22.31 -62.76 -1.96
N ALA H 83 -22.06 -62.50 -3.24
CA ALA H 83 -21.12 -63.27 -4.05
C ALA H 83 -19.73 -63.46 -3.44
N GLY H 84 -19.28 -62.48 -2.67
CA GLY H 84 -17.96 -62.57 -2.09
C GLY H 84 -17.83 -62.91 -0.62
N ARG H 85 -18.93 -63.26 0.04
CA ARG H 85 -18.86 -63.58 1.47
C ARG H 85 -18.02 -64.81 1.76
N GLU H 86 -17.80 -65.63 0.74
CA GLU H 86 -16.99 -66.83 0.87
C GLU H 86 -15.52 -66.41 0.90
N GLU H 87 -15.15 -65.56 -0.05
CA GLU H 87 -13.79 -65.03 -0.16
C GLU H 87 -13.48 -64.15 1.06
N LEU H 88 -14.50 -63.45 1.55
CA LEU H 88 -14.37 -62.55 2.70
C LEU H 88 -13.87 -63.33 3.92
N GLU H 89 -14.51 -64.46 4.21
CA GLU H 89 -14.10 -65.28 5.36
C GLU H 89 -12.66 -65.79 5.21
N ARG H 90 -12.25 -65.97 3.97
CA ARG H 90 -10.91 -66.45 3.64
C ARG H 90 -9.83 -65.38 3.88
N VAL H 91 -9.97 -64.22 3.25
CA VAL H 91 -9.01 -63.14 3.37
C VAL H 91 -9.09 -62.28 4.64
N ASN H 92 -10.24 -62.30 5.31
CA ASN H 92 -10.45 -61.50 6.52
C ASN H 92 -9.42 -61.75 7.62
N VAL H 93 -9.80 -62.52 8.64
CA VAL H 93 -8.90 -62.82 9.75
C VAL H 93 -7.69 -63.62 9.27
N SER I 1 -9.45 6.01 -24.52
CA SER I 1 -10.85 6.39 -24.21
C SER I 1 -10.92 7.84 -23.73
N SER I 2 -11.58 8.69 -24.52
CA SER I 2 -11.72 10.09 -24.18
C SER I 2 -12.77 10.33 -23.10
N LEU I 3 -13.54 9.30 -22.77
CA LEU I 3 -14.57 9.40 -21.73
C LEU I 3 -13.91 9.63 -20.37
N TYR I 4 -12.72 9.06 -20.19
CA TYR I 4 -11.97 9.20 -18.95
C TYR I 4 -11.38 10.61 -18.83
N LYS I 5 -10.78 11.10 -19.91
CA LYS I 5 -10.17 12.42 -19.95
C LYS I 5 -11.13 13.60 -19.77
N THR I 6 -12.43 13.33 -19.75
CA THR I 6 -13.43 14.40 -19.56
C THR I 6 -13.64 14.67 -18.08
N PHE I 7 -13.64 13.59 -17.30
CA PHE I 7 -13.84 13.68 -15.85
C PHE I 7 -12.57 13.85 -15.04
N PHE I 8 -11.57 13.01 -15.32
CA PHE I 8 -10.32 13.00 -14.58
C PHE I 8 -9.10 13.61 -15.28
N LYS I 9 -9.22 13.83 -16.58
CA LYS I 9 -8.17 14.44 -17.41
C LYS I 9 -6.74 13.93 -17.17
N ARG I 10 -6.40 12.80 -17.77
CA ARG I 10 -5.08 12.16 -17.65
C ARG I 10 -4.53 11.86 -16.25
N ASN I 11 -5.19 12.36 -15.21
CA ASN I 11 -4.76 12.10 -13.83
C ASN I 11 -5.54 10.95 -13.23
N ALA I 12 -4.94 10.28 -12.25
CA ALA I 12 -5.59 9.16 -11.59
C ALA I 12 -6.72 9.66 -10.70
N VAL I 13 -7.66 8.78 -10.37
CA VAL I 13 -8.77 9.14 -9.49
C VAL I 13 -8.22 9.25 -8.07
N PHE I 14 -8.55 10.35 -7.39
CA PHE I 14 -8.07 10.62 -6.04
C PHE I 14 -8.92 9.96 -4.95
N VAL I 15 -8.27 9.60 -3.84
CA VAL I 15 -8.94 8.95 -2.69
C VAL I 15 -10.31 9.49 -2.31
N GLY I 16 -10.42 10.81 -2.22
CA GLY I 16 -11.68 11.44 -1.86
C GLY I 16 -12.81 11.04 -2.77
N THR I 17 -12.55 11.05 -4.08
CA THR I 17 -13.55 10.66 -5.08
C THR I 17 -13.83 9.16 -5.00
N ILE I 18 -12.80 8.39 -4.69
CA ILE I 18 -12.91 6.94 -4.55
C ILE I 18 -13.80 6.62 -3.35
N PHE I 19 -13.53 7.25 -2.22
CA PHE I 19 -14.31 7.05 -1.00
C PHE I 19 -15.77 7.46 -1.23
N ALA I 20 -15.96 8.62 -1.86
CA ALA I 20 -17.29 9.14 -2.15
C ALA I 20 -18.09 8.18 -3.03
N GLY I 21 -17.44 7.68 -4.08
CA GLY I 21 -18.08 6.74 -4.99
C GLY I 21 -18.41 5.43 -4.32
N ALA I 22 -17.60 5.04 -3.33
CA ALA I 22 -17.82 3.79 -2.59
C ALA I 22 -19.10 3.81 -1.76
N PHE I 23 -19.37 4.94 -1.12
CA PHE I 23 -20.59 5.10 -0.32
C PHE I 23 -21.82 5.03 -1.22
N VAL I 24 -21.71 5.60 -2.40
CA VAL I 24 -22.80 5.62 -3.38
C VAL I 24 -23.04 4.20 -3.87
N PHE I 25 -21.95 3.54 -4.28
CA PHE I 25 -22.00 2.17 -4.79
C PHE I 25 -22.70 1.22 -3.83
N GLN I 26 -22.26 1.26 -2.56
CA GLN I 26 -22.82 0.40 -1.53
C GLN I 26 -24.35 0.39 -1.49
N THR I 27 -24.95 1.57 -1.53
CA THR I 27 -26.40 1.71 -1.49
C THR I 27 -27.08 1.20 -2.76
N VAL I 28 -26.60 1.67 -3.90
CA VAL I 28 -27.14 1.30 -5.20
C VAL I 28 -27.06 -0.20 -5.43
N PHE I 29 -25.85 -0.74 -5.27
CA PHE I 29 -25.58 -2.16 -5.47
C PHE I 29 -26.48 -3.05 -4.61
N ASP I 30 -26.67 -2.69 -3.35
CA ASP I 30 -27.49 -3.47 -2.43
C ASP I 30 -28.94 -3.55 -2.88
N THR I 31 -29.50 -2.43 -3.31
CA THR I 31 -30.89 -2.38 -3.77
C THR I 31 -31.04 -3.21 -5.04
N ALA I 32 -30.11 -3.05 -5.97
CA ALA I 32 -30.13 -3.81 -7.22
C ALA I 32 -30.13 -5.31 -6.99
N ILE I 33 -29.29 -5.79 -6.06
CA ILE I 33 -29.18 -7.21 -5.73
C ILE I 33 -30.43 -7.71 -4.99
N THR I 34 -30.86 -6.96 -3.98
CA THR I 34 -32.04 -7.35 -3.22
C THR I 34 -33.26 -7.46 -4.15
N SER I 35 -33.38 -6.51 -5.09
CA SER I 35 -34.50 -6.52 -6.03
C SER I 35 -34.48 -7.77 -6.88
N TRP I 36 -33.34 -8.03 -7.52
CA TRP I 36 -33.20 -9.21 -8.36
C TRP I 36 -33.47 -10.49 -7.56
N TYR I 37 -32.88 -10.56 -6.36
CA TYR I 37 -33.02 -11.72 -5.49
C TYR I 37 -34.48 -12.01 -5.12
N GLU I 38 -35.19 -10.98 -4.63
CA GLU I 38 -36.59 -11.15 -4.24
C GLU I 38 -37.50 -11.49 -5.43
N ASN I 39 -37.18 -10.93 -6.59
CA ASN I 39 -37.95 -11.17 -7.81
C ASN I 39 -37.72 -12.61 -8.27
N HIS I 40 -36.46 -13.05 -8.26
CA HIS I 40 -36.12 -14.40 -8.67
C HIS I 40 -36.82 -15.44 -7.79
N ASN I 41 -37.09 -15.08 -6.54
CA ASN I 41 -37.76 -15.98 -5.61
C ASN I 41 -39.23 -15.64 -5.34
N LYS I 42 -39.86 -14.99 -6.30
CA LYS I 42 -41.27 -14.60 -6.19
C LYS I 42 -42.14 -15.83 -5.95
N GLY I 43 -43.01 -15.74 -4.96
CA GLY I 43 -43.90 -16.84 -4.62
C GLY I 43 -43.46 -17.62 -3.41
N LYS I 44 -42.14 -17.68 -3.18
CA LYS I 44 -41.57 -18.41 -2.06
C LYS I 44 -41.39 -17.58 -0.81
N LEU I 45 -41.23 -16.27 -0.98
CA LEU I 45 -41.03 -15.34 0.13
C LEU I 45 -42.20 -15.23 1.10
N TRP I 46 -41.90 -14.78 2.32
CA TRP I 46 -42.93 -14.59 3.34
C TRP I 46 -43.90 -13.47 2.92
N LYS I 47 -43.38 -12.49 2.19
CA LYS I 47 -44.19 -11.37 1.71
C LYS I 47 -45.33 -11.91 0.85
N ASP I 48 -44.98 -12.88 0.01
CA ASP I 48 -45.93 -13.51 -0.89
C ASP I 48 -46.91 -14.41 -0.15
N VAL I 49 -46.41 -15.12 0.86
CA VAL I 49 -47.25 -16.01 1.64
C VAL I 49 -48.25 -15.25 2.51
N LYS I 50 -47.83 -14.08 3.01
CA LYS I 50 -48.70 -13.26 3.85
C LYS I 50 -49.87 -12.69 3.06
N ALA I 51 -49.65 -12.47 1.77
CA ALA I 51 -50.69 -11.93 0.89
C ALA I 51 -51.82 -12.95 0.70
N ARG I 52 -51.46 -14.23 0.71
CA ARG I 52 -52.42 -15.32 0.56
C ARG I 52 -53.08 -15.69 1.88
N ILE I 53 -52.77 -14.93 2.93
CA ILE I 53 -53.32 -15.17 4.27
C ILE I 53 -54.15 -13.97 4.72
N ALA I 54 -55.21 -14.24 5.46
CA ALA I 54 -56.09 -13.19 5.98
C ALA I 54 -56.68 -13.57 7.33
N ALA I 55 -56.20 -12.91 8.38
CA ALA I 55 -56.65 -13.18 9.74
C ALA I 55 -56.64 -11.91 10.60
N GLU J 1 -39.98 28.75 51.12
CA GLU J 1 -41.45 28.94 51.27
C GLU J 1 -41.99 30.04 50.35
N VAL J 2 -43.21 29.84 49.86
CA VAL J 2 -43.86 30.79 48.97
C VAL J 2 -44.78 31.73 49.77
N LYS J 3 -44.77 33.01 49.41
CA LYS J 3 -45.58 34.00 50.08
C LYS J 3 -46.29 34.93 49.09
N LEU J 4 -47.56 35.21 49.36
CA LEU J 4 -48.36 36.10 48.52
C LEU J 4 -48.85 37.29 49.34
N GLN J 5 -48.34 38.49 49.01
CA GLN J 5 -48.75 39.72 49.69
C GLN J 5 -49.62 40.56 48.77
N GLU J 6 -50.83 40.86 49.21
CA GLU J 6 -51.76 41.66 48.43
C GLU J 6 -51.79 43.12 48.86
N SER J 7 -52.00 44.01 47.90
CA SER J 7 -52.07 45.44 48.16
C SER J 7 -52.94 46.14 47.11
N GLY J 8 -53.37 47.35 47.42
CA GLY J 8 -54.21 48.10 46.49
C GLY J 8 -55.31 48.87 47.20
N ALA J 9 -56.05 49.65 46.42
CA ALA J 9 -57.14 50.47 46.94
C ALA J 9 -58.25 49.65 47.60
N GLY J 10 -58.45 49.89 48.90
CA GLY J 10 -59.48 49.17 49.64
C GLY J 10 -60.84 49.85 49.59
N LEU J 11 -61.03 50.77 48.64
CA LEU J 11 -62.28 51.49 48.48
C LEU J 11 -62.31 52.27 47.17
N VAL J 12 -63.24 51.90 46.29
CA VAL J 12 -63.39 52.56 45.00
C VAL J 12 -64.82 53.04 44.80
N GLN J 13 -64.98 54.11 44.03
CA GLN J 13 -66.28 54.67 43.74
C GLN J 13 -66.92 53.93 42.58
N PRO J 14 -68.24 53.70 42.62
CA PRO J 14 -68.94 52.99 41.54
C PRO J 14 -68.64 53.57 40.15
N SER J 15 -68.73 52.70 39.15
CA SER J 15 -68.46 53.06 37.75
C SER J 15 -66.97 53.16 37.43
N GLN J 16 -66.12 53.08 38.45
CA GLN J 16 -64.67 53.15 38.28
C GLN J 16 -64.03 51.76 38.16
N SER J 17 -62.71 51.74 38.02
CA SER J 17 -61.97 50.49 37.90
C SER J 17 -61.19 50.08 39.15
N LEU J 18 -61.48 48.89 39.65
CA LEU J 18 -60.84 48.33 40.83
C LEU J 18 -59.50 47.70 40.41
N SER J 19 -58.43 48.03 41.12
CA SER J 19 -57.11 47.49 40.82
C SER J 19 -56.39 46.92 42.04
N LEU J 20 -56.09 45.63 41.96
CA LEU J 20 -55.41 44.93 43.04
C LEU J 20 -54.14 44.24 42.56
N THR J 21 -53.07 44.37 43.33
CA THR J 21 -51.79 43.76 43.00
C THR J 21 -51.44 42.63 43.97
N CYS J 22 -50.94 41.53 43.42
CA CYS J 22 -50.55 40.35 44.21
C CYS J 22 -49.06 40.07 44.04
N SER J 23 -48.28 40.46 45.05
CA SER J 23 -46.83 40.28 45.05
C SER J 23 -46.43 38.90 45.54
N VAL J 24 -45.67 38.17 44.73
CA VAL J 24 -45.22 36.83 45.09
C VAL J 24 -43.71 36.78 45.35
N THR J 25 -43.33 36.12 46.44
CA THR J 25 -41.92 35.97 46.80
C THR J 25 -41.64 34.51 47.13
N GLY J 26 -40.46 34.04 46.74
CA GLY J 26 -40.07 32.66 47.01
C GLY J 26 -40.40 31.68 45.89
N TYR J 27 -40.82 32.21 44.74
CA TYR J 27 -41.19 31.40 43.59
C TYR J 27 -41.63 32.33 42.46
N SER J 28 -41.08 32.15 41.26
CA SER J 28 -41.45 32.99 40.13
C SER J 28 -42.76 32.61 39.47
N ILE J 29 -43.47 33.64 38.99
CA ILE J 29 -44.76 33.48 38.32
C ILE J 29 -44.59 32.71 37.02
N THR J 30 -43.45 32.94 36.36
CA THR J 30 -43.10 32.31 35.09
C THR J 30 -42.60 30.87 35.26
N SER J 31 -42.26 30.51 36.50
CA SER J 31 -41.75 29.18 36.80
C SER J 31 -42.69 27.99 36.58
N GLY J 32 -43.98 28.15 36.82
CA GLY J 32 -44.85 27.00 36.62
C GLY J 32 -46.36 26.99 36.58
N TYR J 33 -46.99 26.87 37.74
CA TYR J 33 -48.44 26.74 37.84
C TYR J 33 -49.38 27.88 37.45
N TYR J 34 -50.58 27.88 38.05
CA TYR J 34 -51.61 28.90 37.78
C TYR J 34 -51.79 29.94 38.87
N TRP J 35 -52.00 31.19 38.46
CA TRP J 35 -52.17 32.30 39.38
C TRP J 35 -53.58 32.89 39.33
N ASN J 36 -54.35 32.55 40.36
CA ASN J 36 -55.76 32.93 40.44
C ASN J 36 -56.14 34.12 41.32
N TRP J 37 -57.36 34.59 41.07
CA TRP J 37 -57.99 35.69 41.79
C TRP J 37 -59.40 35.22 42.12
N ILE J 38 -59.79 35.35 43.37
CA ILE J 38 -61.14 34.97 43.78
C ILE J 38 -61.66 36.01 44.77
N ARG J 39 -62.98 36.07 44.93
CA ARG J 39 -63.59 37.05 45.85
C ARG J 39 -64.54 36.39 46.85
N LEU J 40 -64.61 36.96 48.04
CA LEU J 40 -65.50 36.45 49.08
C LEU J 40 -66.55 37.51 49.43
N PHE J 41 -67.79 37.24 49.04
CA PHE J 41 -68.90 38.14 49.32
C PHE J 41 -69.35 38.03 50.78
N PRO J 42 -69.94 39.10 51.33
CA PRO J 42 -70.41 39.13 52.72
C PRO J 42 -71.41 38.03 53.04
N GLY J 43 -72.12 37.55 52.02
CA GLY J 43 -73.09 36.48 52.20
C GLY J 43 -72.44 35.10 52.15
N ASN J 44 -71.11 35.08 52.32
CA ASN J 44 -70.31 33.86 52.32
C ASN J 44 -70.50 32.94 51.12
N LYS J 45 -70.10 33.44 49.95
CA LYS J 45 -70.20 32.67 48.71
C LYS J 45 -68.98 32.97 47.82
N LEU J 46 -67.96 32.14 47.95
CA LEU J 46 -66.74 32.29 47.17
C LEU J 46 -66.97 32.16 45.67
N GLU J 47 -66.34 33.02 44.90
CA GLU J 47 -66.47 33.00 43.45
C GLU J 47 -65.08 33.08 42.80
N TRP J 48 -64.83 32.17 41.86
CA TRP J 48 -63.56 32.15 41.14
C TRP J 48 -63.61 33.24 40.07
N VAL J 49 -62.68 34.17 40.13
CA VAL J 49 -62.63 35.27 39.18
C VAL J 49 -61.89 34.93 37.88
N GLY J 50 -60.70 34.36 38.00
CA GLY J 50 -59.92 33.99 36.83
C GLY J 50 -58.46 33.75 37.14
N TYR J 51 -57.65 33.56 36.10
CA TYR J 51 -56.21 33.34 36.29
C TYR J 51 -55.33 33.74 35.11
N ILE J 52 -54.03 33.62 35.34
CA ILE J 52 -53.01 33.87 34.34
C ILE J 52 -51.96 32.79 34.59
N SER J 53 -51.62 32.05 33.53
CA SER J 53 -50.63 30.98 33.63
C SER J 53 -49.21 31.52 33.64
N ASN J 54 -48.25 30.61 33.81
CA ASN J 54 -46.84 30.98 33.82
C ASN J 54 -46.39 31.39 32.42
N VAL J 55 -47.19 30.99 31.43
CA VAL J 55 -46.93 31.31 30.03
C VAL J 55 -47.51 32.70 29.71
N GLY J 56 -48.63 33.02 30.34
CA GLY J 56 -49.28 34.30 30.11
C GLY J 56 -50.68 34.17 29.54
N ASP J 57 -51.23 32.95 29.60
CA ASP J 57 -52.57 32.67 29.10
C ASP J 57 -53.61 33.03 30.15
N ASN J 58 -54.70 33.65 29.69
CA ASN J 58 -55.78 34.05 30.60
C ASN J 58 -56.95 33.08 30.53
N ASN J 59 -57.70 33.01 31.62
CA ASN J 59 -58.87 32.15 31.72
C ASN J 59 -59.76 32.82 32.76
N TYR J 60 -60.84 33.45 32.29
CA TYR J 60 -61.75 34.15 33.17
C TYR J 60 -63.11 33.47 33.34
N ASN J 61 -63.77 33.78 34.45
CA ASN J 61 -65.11 33.27 34.75
C ASN J 61 -66.03 33.98 33.75
N PRO J 62 -66.86 33.22 33.01
CA PRO J 62 -67.79 33.81 32.03
C PRO J 62 -68.72 34.88 32.61
N SER J 63 -68.92 34.82 33.93
CA SER J 63 -69.78 35.76 34.64
C SER J 63 -69.19 37.18 34.66
N LEU J 64 -67.86 37.28 34.59
CA LEU J 64 -67.18 38.57 34.64
C LEU J 64 -66.18 38.78 33.50
N LYS J 65 -66.05 37.78 32.61
CA LYS J 65 -65.10 37.82 31.50
C LYS J 65 -65.01 39.09 30.65
N ASP J 66 -66.12 39.80 30.50
CA ASP J 66 -66.15 41.02 29.69
C ASP J 66 -65.64 42.29 30.38
N ARG J 67 -65.39 42.21 31.68
CA ARG J 67 -64.94 43.37 32.46
C ARG J 67 -63.50 43.31 32.96
N LEU J 68 -63.16 42.21 33.62
CA LEU J 68 -61.82 42.04 34.19
C LEU J 68 -60.66 41.90 33.22
N SER J 69 -59.45 42.04 33.78
CA SER J 69 -58.21 41.93 33.04
C SER J 69 -57.12 41.55 34.03
N ILE J 70 -56.61 40.32 33.91
CA ILE J 70 -55.57 39.82 34.78
C ILE J 70 -54.21 39.81 34.08
N THR J 71 -53.39 40.82 34.38
CA THR J 71 -52.07 40.94 33.78
C THR J 71 -50.96 40.65 34.79
N ARG J 72 -49.71 40.77 34.37
CA ARG J 72 -48.58 40.51 35.26
C ARG J 72 -47.34 41.32 34.87
N ASP J 73 -46.33 41.24 35.72
CA ASP J 73 -45.05 41.92 35.51
C ASP J 73 -43.95 41.01 36.04
N THR J 74 -43.40 40.20 35.13
CA THR J 74 -42.34 39.24 35.44
C THR J 74 -41.16 39.83 36.21
N SER J 75 -40.78 41.07 35.86
CA SER J 75 -39.68 41.76 36.50
C SER J 75 -39.84 41.91 38.02
N LYS J 76 -41.01 42.39 38.44
CA LYS J 76 -41.29 42.57 39.86
C LYS J 76 -41.94 41.37 40.52
N ASN J 77 -42.31 40.38 39.70
CA ASN J 77 -42.93 39.13 40.14
C ASN J 77 -44.25 39.36 40.88
N GLN J 78 -45.25 39.83 40.13
CA GLN J 78 -46.57 40.10 40.69
C GLN J 78 -47.63 40.21 39.60
N PHE J 79 -48.80 39.64 39.87
CA PHE J 79 -49.91 39.71 38.93
C PHE J 79 -51.03 40.62 39.47
N PHE J 80 -51.82 41.18 38.57
CA PHE J 80 -52.88 42.12 38.96
C PHE J 80 -54.28 41.78 38.48
N LEU J 81 -55.27 42.32 39.20
CA LEU J 81 -56.69 42.17 38.85
C LEU J 81 -57.21 43.58 38.53
N LYS J 82 -58.01 43.68 37.47
CA LYS J 82 -58.58 44.95 37.07
C LYS J 82 -60.05 44.77 36.68
N LEU J 83 -60.94 44.96 37.65
CA LEU J 83 -62.38 44.83 37.43
C LEU J 83 -62.97 46.20 37.07
N ASN J 84 -63.34 46.34 35.79
CA ASN J 84 -63.91 47.59 35.28
C ASN J 84 -65.35 47.88 35.70
N SER J 85 -65.71 49.16 35.66
CA SER J 85 -67.04 49.67 36.02
C SER J 85 -67.70 48.92 37.17
N VAL J 86 -67.14 49.10 38.36
CA VAL J 86 -67.66 48.42 39.55
C VAL J 86 -69.07 48.86 39.97
N THR J 87 -69.67 48.05 40.83
CA THR J 87 -71.01 48.27 41.35
C THR J 87 -71.04 47.77 42.79
N THR J 88 -72.12 48.03 43.52
CA THR J 88 -72.24 47.58 44.89
C THR J 88 -72.14 46.06 45.00
N GLU J 89 -72.33 45.38 43.86
CA GLU J 89 -72.23 43.93 43.78
C GLU J 89 -70.79 43.49 44.04
N ASP J 90 -69.85 44.24 43.45
CA ASP J 90 -68.43 43.98 43.56
C ASP J 90 -67.81 44.21 44.94
N THR J 91 -68.65 44.44 45.95
CA THR J 91 -68.16 44.66 47.31
C THR J 91 -67.85 43.30 47.92
N ALA J 92 -66.56 42.99 48.02
CA ALA J 92 -66.12 41.72 48.58
C ALA J 92 -64.63 41.76 48.92
N THR J 93 -64.18 40.75 49.67
CA THR J 93 -62.77 40.65 50.02
C THR J 93 -62.14 39.77 48.94
N TYR J 94 -61.19 40.34 48.21
CA TYR J 94 -60.51 39.62 47.14
C TYR J 94 -59.25 38.89 47.57
N TYR J 95 -59.09 37.67 47.07
CA TYR J 95 -57.93 36.83 47.39
C TYR J 95 -57.19 36.38 46.13
N CYS J 96 -55.86 36.42 46.18
CA CYS J 96 -55.06 35.93 45.06
C CYS J 96 -54.47 34.63 45.56
N ALA J 97 -54.43 33.61 44.72
CA ALA J 97 -53.89 32.31 45.13
C ALA J 97 -53.30 31.49 44.00
N ARG J 98 -52.33 30.64 44.34
CA ARG J 98 -51.69 29.77 43.37
C ARG J 98 -52.36 28.41 43.38
N SER J 99 -52.53 27.84 42.19
CA SER J 99 -53.11 26.51 42.08
C SER J 99 -52.18 25.63 41.27
N GLU J 100 -51.89 24.45 41.81
CA GLU J 100 -51.03 23.49 41.13
C GLU J 100 -51.92 22.70 40.18
N TYR J 101 -51.30 21.83 39.39
CA TYR J 101 -52.05 20.99 38.47
C TYR J 101 -51.26 19.73 38.14
N TYR J 102 -51.81 18.61 38.58
CA TYR J 102 -51.24 17.29 38.34
C TYR J 102 -52.28 16.57 37.49
N SER J 103 -51.85 15.98 36.38
CA SER J 103 -52.76 15.29 35.45
C SER J 103 -53.76 14.32 36.08
N VAL J 104 -53.46 13.80 37.27
CA VAL J 104 -54.36 12.87 37.95
C VAL J 104 -55.27 13.56 38.96
N THR J 105 -54.69 14.22 39.96
CA THR J 105 -55.45 14.90 41.00
C THR J 105 -56.11 16.23 40.60
N GLY J 106 -55.71 16.78 39.46
CA GLY J 106 -56.26 18.05 39.01
C GLY J 106 -55.71 19.27 39.74
N TYR J 107 -56.44 20.38 39.64
CA TYR J 107 -56.06 21.65 40.26
C TYR J 107 -56.30 21.67 41.76
N ALA J 108 -55.62 22.60 42.43
CA ALA J 108 -55.72 22.77 43.88
C ALA J 108 -54.96 24.03 44.30
N MET J 109 -55.66 24.98 44.91
CA MET J 109 -55.03 26.22 45.36
C MET J 109 -54.37 26.02 46.71
N ASP J 110 -53.04 25.95 46.67
CA ASP J 110 -52.20 25.69 47.85
C ASP J 110 -51.61 26.90 48.57
N TYR J 111 -51.43 28.00 47.85
CA TYR J 111 -50.88 29.21 48.44
C TYR J 111 -51.86 30.38 48.28
N TRP J 112 -52.31 30.90 49.42
CA TRP J 112 -53.26 32.00 49.44
C TRP J 112 -52.70 33.32 49.94
N GLY J 113 -53.25 34.41 49.40
CA GLY J 113 -52.85 35.75 49.82
C GLY J 113 -53.55 36.13 51.11
N GLN J 114 -53.10 37.24 51.71
CA GLN J 114 -53.66 37.74 52.97
C GLN J 114 -55.15 38.09 52.89
N GLY J 115 -55.56 38.63 51.74
CA GLY J 115 -56.95 39.02 51.53
C GLY J 115 -57.17 40.51 51.65
N THR J 116 -57.52 41.15 50.54
CA THR J 116 -57.77 42.58 50.52
C THR J 116 -59.27 42.90 50.41
N THR J 117 -59.81 43.54 51.45
CA THR J 117 -61.22 43.92 51.50
C THR J 117 -61.52 45.20 50.72
N VAL J 118 -62.37 45.11 49.71
CA VAL J 118 -62.73 46.28 48.91
C VAL J 118 -64.20 46.64 49.07
N THR J 119 -64.47 47.94 49.12
CA THR J 119 -65.84 48.44 49.28
C THR J 119 -66.15 49.45 48.17
N VAL J 120 -67.26 49.22 47.48
CA VAL J 120 -67.69 50.12 46.41
C VAL J 120 -68.63 51.15 47.03
N SER J 121 -68.02 52.17 47.64
CA SER J 121 -68.76 53.24 48.29
C SER J 121 -68.60 54.54 47.51
N SER J 122 -69.59 55.42 47.60
CA SER J 122 -69.54 56.69 46.90
C SER J 122 -68.78 57.72 47.73
N ALA J 123 -68.35 57.31 48.92
CA ALA J 123 -67.61 58.17 49.84
C ALA J 123 -66.26 58.65 49.30
N TRP J 124 -65.71 59.65 49.99
CA TRP J 124 -64.42 60.22 49.62
C TRP J 124 -63.35 59.66 50.56
N ARG J 125 -62.18 59.37 50.01
CA ARG J 125 -61.08 58.84 50.80
C ARG J 125 -59.77 59.48 50.38
N HIS J 126 -58.91 59.77 51.36
CA HIS J 126 -57.62 60.40 51.11
C HIS J 126 -56.65 59.45 50.39
N PRO J 127 -56.27 59.78 49.15
CA PRO J 127 -55.36 58.95 48.35
C PRO J 127 -53.90 58.95 48.85
N ASP K 1 -73.16 25.40 34.13
CA ASP K 1 -72.42 25.71 35.38
C ASP K 1 -72.87 24.83 36.54
N ILE K 2 -71.91 24.15 37.16
CA ILE K 2 -72.17 23.26 38.28
C ILE K 2 -72.25 24.08 39.57
N GLU K 3 -73.02 23.58 40.54
CA GLU K 3 -73.15 24.26 41.83
C GLU K 3 -73.27 23.25 42.97
N LEU K 4 -72.51 23.48 44.03
CA LEU K 4 -72.51 22.60 45.19
C LEU K 4 -73.46 23.09 46.27
N THR K 5 -73.78 22.20 47.21
CA THR K 5 -74.69 22.53 48.31
C THR K 5 -74.12 22.00 49.62
N GLN K 6 -73.48 22.88 50.37
CA GLN K 6 -72.89 22.51 51.66
C GLN K 6 -73.92 22.40 52.77
N THR K 7 -74.14 21.17 53.22
CA THR K 7 -75.10 20.90 54.29
C THR K 7 -74.47 19.94 55.30
N PRO K 8 -74.74 20.16 56.60
CA PRO K 8 -75.58 21.21 57.19
C PRO K 8 -74.97 22.61 57.07
N VAL K 9 -75.83 23.62 57.04
CA VAL K 9 -75.39 25.00 56.94
C VAL K 9 -75.16 25.59 58.33
N SER K 10 -73.89 25.82 58.67
CA SER K 10 -73.50 26.40 59.95
C SER K 10 -74.03 25.66 61.19
N LEU K 11 -73.61 24.41 61.34
CA LEU K 11 -74.02 23.60 62.48
C LEU K 11 -72.90 23.54 63.53
N ALA K 12 -73.27 23.71 64.79
CA ALA K 12 -72.31 23.71 65.90
C ALA K 12 -72.13 22.32 66.55
N ALA K 13 -71.16 22.24 67.45
CA ALA K 13 -70.85 21.01 68.17
C ALA K 13 -70.18 21.31 69.52
N SER K 14 -69.63 20.28 70.15
CA SER K 14 -68.96 20.43 71.44
C SER K 14 -67.46 20.74 71.36
N LEU K 15 -66.75 20.55 72.47
CA LEU K 15 -65.32 20.82 72.57
C LEU K 15 -64.42 19.64 72.19
N GLY K 16 -64.97 18.67 71.47
CA GLY K 16 -64.17 17.52 71.07
C GLY K 16 -64.98 16.31 70.68
N ASP K 17 -65.45 16.28 69.44
CA ASP K 17 -66.25 15.17 68.92
C ASP K 17 -66.39 15.23 67.40
N ARG K 18 -66.61 14.08 66.78
CA ARG K 18 -66.75 13.97 65.33
C ARG K 18 -67.87 14.81 64.71
N VAL K 19 -67.67 15.22 63.47
CA VAL K 19 -68.63 16.04 62.74
C VAL K 19 -68.51 15.74 61.24
N THR K 20 -69.65 15.63 60.56
CA THR K 20 -69.65 15.31 59.13
C THR K 20 -70.38 16.34 58.26
N ILE K 21 -69.62 17.06 57.45
CA ILE K 21 -70.15 18.06 56.52
C ILE K 21 -70.22 17.39 55.15
N SER K 22 -70.98 17.95 54.22
CA SER K 22 -71.08 17.36 52.88
C SER K 22 -71.15 18.39 51.76
N CYS K 23 -71.01 17.91 50.52
CA CYS K 23 -71.06 18.74 49.33
C CYS K 23 -71.61 17.98 48.13
N ARG K 24 -72.81 18.36 47.69
CA ARG K 24 -73.45 17.70 46.56
C ARG K 24 -73.50 18.65 45.36
N ALA K 25 -72.95 18.21 44.24
CA ALA K 25 -72.93 19.01 43.02
C ALA K 25 -74.13 18.72 42.11
N SER K 26 -74.49 19.71 41.29
CA SER K 26 -75.61 19.57 40.37
C SER K 26 -75.31 18.51 39.31
N GLN K 27 -74.14 18.64 38.69
CA GLN K 27 -73.70 17.71 37.67
C GLN K 27 -72.78 16.66 38.31
N ASP K 28 -72.16 15.80 37.49
CA ASP K 28 -71.27 14.78 38.01
C ASP K 28 -69.79 15.15 37.90
N ILE K 29 -69.12 15.16 39.05
CA ILE K 29 -67.69 15.45 39.13
C ILE K 29 -67.01 14.16 39.58
N ASN K 30 -65.94 13.77 38.88
CA ASN K 30 -65.21 12.54 39.20
C ASN K 30 -64.91 12.43 40.68
N ASN K 31 -63.87 13.13 41.12
CA ASN K 31 -63.46 13.15 42.52
C ASN K 31 -62.71 14.46 42.74
N PHE K 32 -62.76 15.31 41.72
CA PHE K 32 -62.12 16.62 41.73
C PHE K 32 -62.80 17.57 42.69
N LEU K 33 -62.65 17.32 43.99
CA LEU K 33 -63.27 18.15 45.02
C LEU K 33 -62.28 18.53 46.10
N ASN K 34 -62.06 19.84 46.26
CA ASN K 34 -61.13 20.35 47.26
C ASN K 34 -61.90 20.93 48.44
N TRP K 35 -61.23 21.05 49.58
CA TRP K 35 -61.83 21.60 50.80
C TRP K 35 -60.92 22.67 51.41
N TYR K 36 -61.48 23.84 51.65
CA TYR K 36 -60.73 24.95 52.22
C TYR K 36 -61.21 25.32 53.62
N GLN K 37 -60.31 25.93 54.40
CA GLN K 37 -60.62 26.35 55.76
C GLN K 37 -60.40 27.86 55.91
N GLN K 38 -61.49 28.58 56.14
CA GLN K 38 -61.42 30.03 56.30
C GLN K 38 -61.46 30.39 57.78
N LYS K 39 -60.30 30.75 58.32
CA LYS K 39 -60.16 31.14 59.72
C LYS K 39 -60.97 32.41 60.00
N PRO K 40 -61.44 32.57 61.25
CA PRO K 40 -62.23 33.74 61.67
C PRO K 40 -61.49 35.05 61.39
N ASP K 41 -60.16 34.98 61.36
CA ASP K 41 -59.32 36.14 61.11
C ASP K 41 -59.13 36.44 59.62
N GLY K 42 -59.79 35.67 58.77
CA GLY K 42 -59.70 35.89 57.33
C GLY K 42 -58.67 35.06 56.58
N THR K 43 -57.89 34.26 57.30
CA THR K 43 -56.87 33.42 56.70
C THR K 43 -57.48 32.13 56.13
N ILE K 44 -57.32 31.94 54.82
CA ILE K 44 -57.86 30.75 54.15
C ILE K 44 -56.74 29.76 53.78
N LYS K 45 -56.96 28.49 54.14
CA LYS K 45 -56.00 27.42 53.87
C LYS K 45 -56.59 26.23 53.12
N LEU K 46 -55.73 25.44 52.48
CA LEU K 46 -56.15 24.24 51.76
C LEU K 46 -56.07 23.07 52.74
N LEU K 47 -57.12 22.25 52.78
CA LEU K 47 -57.17 21.12 53.69
C LEU K 47 -57.17 19.76 53.00
N ILE K 48 -57.97 19.65 51.94
CA ILE K 48 -58.09 18.41 51.19
C ILE K 48 -58.25 18.67 49.69
N TYR K 49 -57.59 17.84 48.89
CA TYR K 49 -57.69 17.93 47.43
C TYR K 49 -57.93 16.54 46.86
N TYR K 50 -58.62 16.48 45.73
CA TYR K 50 -58.97 15.22 45.07
C TYR K 50 -59.74 14.31 46.03
N THR K 51 -60.77 14.89 46.66
CA THR K 51 -61.67 14.24 47.61
C THR K 51 -61.14 13.47 48.82
N SER K 52 -59.83 13.22 48.90
CA SER K 52 -59.30 12.47 50.04
C SER K 52 -57.85 12.73 50.42
N ARG K 53 -57.08 13.34 49.52
CA ARG K 53 -55.67 13.63 49.77
C ARG K 53 -55.42 14.83 50.67
N LEU K 54 -54.70 14.60 51.76
CA LEU K 54 -54.37 15.65 52.72
C LEU K 54 -53.24 16.56 52.24
N HIS K 55 -53.35 17.83 52.57
CA HIS K 55 -52.33 18.82 52.21
C HIS K 55 -51.27 18.87 53.30
N ALA K 56 -50.18 19.56 53.02
CA ALA K 56 -49.08 19.68 53.97
C ALA K 56 -49.46 20.47 55.21
N GLY K 57 -49.26 19.86 56.38
CA GLY K 57 -49.57 20.52 57.64
C GLY K 57 -50.91 20.20 58.27
N VAL K 58 -51.89 19.78 57.48
CA VAL K 58 -53.21 19.45 58.00
C VAL K 58 -53.15 18.19 58.87
N PRO K 59 -53.66 18.27 60.11
CA PRO K 59 -53.69 17.18 61.08
C PRO K 59 -54.35 15.90 60.58
N SER K 60 -53.90 14.78 61.13
CA SER K 60 -54.40 13.45 60.78
C SER K 60 -55.89 13.24 61.05
N ARG K 61 -56.44 14.02 61.97
CA ARG K 61 -57.85 13.93 62.33
C ARG K 61 -58.84 14.34 61.24
N PHE K 62 -58.32 14.77 60.10
CA PHE K 62 -59.16 15.18 58.97
C PHE K 62 -59.27 14.05 57.94
N SER K 63 -60.50 13.69 57.58
CA SER K 63 -60.74 12.64 56.59
C SER K 63 -61.28 13.25 55.30
N GLY K 64 -61.86 12.41 54.46
CA GLY K 64 -62.41 12.86 53.20
C GLY K 64 -62.80 11.66 52.38
N SER K 65 -64.08 11.59 51.99
CA SER K 65 -64.58 10.46 51.21
C SER K 65 -65.66 10.89 50.22
N GLY K 66 -66.27 9.89 49.59
CA GLY K 66 -67.33 10.16 48.63
C GLY K 66 -66.89 9.99 47.19
N SER K 67 -67.84 10.14 46.27
CA SER K 67 -67.58 10.02 44.85
C SER K 67 -68.84 10.44 44.07
N GLY K 68 -68.75 10.40 42.75
CA GLY K 68 -69.88 10.77 41.90
C GLY K 68 -70.39 12.18 42.07
N THR K 69 -71.23 12.40 43.09
CA THR K 69 -71.80 13.71 43.34
C THR K 69 -71.96 14.02 44.84
N ASP K 70 -71.77 13.01 45.68
CA ASP K 70 -71.88 13.16 47.14
C ASP K 70 -70.50 13.07 47.79
N TYR K 71 -70.18 14.03 48.64
CA TYR K 71 -68.88 14.05 49.32
C TYR K 71 -68.95 14.26 50.83
N SER K 72 -67.80 14.20 51.50
CA SER K 72 -67.74 14.36 52.94
C SER K 72 -66.47 15.03 53.47
N LEU K 73 -66.45 15.29 54.77
CA LEU K 73 -65.33 15.91 55.46
C LEU K 73 -65.54 15.62 56.95
N THR K 74 -64.91 14.55 57.43
CA THR K 74 -65.04 14.15 58.83
C THR K 74 -63.87 14.63 59.69
N ILE K 75 -64.14 14.85 60.98
CA ILE K 75 -63.12 15.30 61.92
C ILE K 75 -63.16 14.39 63.16
N SER K 76 -62.01 14.22 63.81
CA SER K 76 -61.92 13.38 65.02
C SER K 76 -62.38 14.16 66.25
N ASN K 77 -61.71 15.27 66.52
CA ASN K 77 -62.04 16.14 67.66
C ASN K 77 -61.71 17.59 67.33
N LEU K 78 -62.62 18.49 67.68
CA LEU K 78 -62.45 19.92 67.43
C LEU K 78 -61.51 20.61 68.41
N GLU K 79 -60.69 19.81 69.09
CA GLU K 79 -59.74 20.30 70.08
C GLU K 79 -58.43 20.86 69.49
N PRO K 80 -58.25 22.19 69.49
CA PRO K 80 -59.18 23.21 70.00
C PRO K 80 -59.51 24.32 68.99
N GLU K 81 -58.69 24.46 67.95
CA GLU K 81 -58.89 25.51 66.95
C GLU K 81 -59.49 25.09 65.61
N ASP K 82 -60.44 24.16 65.63
CA ASP K 82 -61.09 23.71 64.40
C ASP K 82 -62.26 24.62 64.03
N ILE K 83 -62.44 25.69 64.81
CA ILE K 83 -63.51 26.65 64.58
C ILE K 83 -63.22 27.60 63.42
N ALA K 84 -63.94 27.39 62.32
CA ALA K 84 -63.78 28.20 61.12
C ALA K 84 -64.87 27.85 60.11
N THR K 85 -64.83 28.53 58.97
CA THR K 85 -65.80 28.28 57.89
C THR K 85 -65.14 27.37 56.87
N TYR K 86 -65.82 26.29 56.51
CA TYR K 86 -65.28 25.32 55.55
C TYR K 86 -65.99 25.38 54.20
N PHE K 87 -65.19 25.40 53.13
CA PHE K 87 -65.72 25.46 51.77
C PHE K 87 -65.34 24.23 50.96
N CYS K 88 -65.87 24.13 49.75
CA CYS K 88 -65.58 23.02 48.86
C CYS K 88 -65.77 23.43 47.40
N GLN K 89 -64.80 23.08 46.57
CA GLN K 89 -64.86 23.42 45.15
C GLN K 89 -64.68 22.19 44.27
N HIS K 90 -64.99 22.36 42.99
CA HIS K 90 -64.84 21.31 42.00
C HIS K 90 -63.94 21.90 40.92
N HIS K 91 -63.34 21.04 40.10
CA HIS K 91 -62.48 21.53 39.03
C HIS K 91 -62.42 20.63 37.80
N ILE K 92 -63.55 19.98 37.49
CA ILE K 92 -63.61 19.10 36.32
C ILE K 92 -63.75 19.91 35.04
N LYS K 93 -64.20 21.16 35.19
CA LYS K 93 -64.38 22.07 34.07
C LYS K 93 -64.53 23.51 34.58
N PHE K 94 -64.12 24.46 33.76
CA PHE K 94 -64.22 25.88 34.11
C PHE K 94 -65.65 26.38 33.86
N PRO K 95 -66.15 27.28 34.73
CA PRO K 95 -65.48 27.84 35.90
C PRO K 95 -65.63 27.02 37.18
N TRP K 96 -64.66 27.17 38.07
CA TRP K 96 -64.69 26.47 39.35
C TRP K 96 -65.74 27.15 40.21
N THR K 97 -66.49 26.36 40.98
CA THR K 97 -67.52 26.89 41.84
C THR K 97 -67.38 26.30 43.23
N PHE K 98 -67.60 27.13 44.24
CA PHE K 98 -67.49 26.70 45.63
C PHE K 98 -68.87 26.40 46.22
N GLY K 99 -68.87 25.93 47.46
CA GLY K 99 -70.13 25.63 48.13
C GLY K 99 -70.67 26.84 48.85
N ALA K 100 -71.83 26.68 49.48
CA ALA K 100 -72.47 27.76 50.22
C ALA K 100 -71.69 28.14 51.48
N GLY K 101 -70.92 27.18 51.99
CA GLY K 101 -70.15 27.42 53.20
C GLY K 101 -70.74 26.66 54.37
N THR K 102 -69.93 26.47 55.41
CA THR K 102 -70.38 25.74 56.60
C THR K 102 -69.59 26.21 57.82
N LYS K 103 -70.17 27.15 58.58
CA LYS K 103 -69.52 27.66 59.77
C LYS K 103 -69.58 26.62 60.89
N LEU K 104 -68.52 26.54 61.68
CA LEU K 104 -68.45 25.59 62.79
C LEU K 104 -68.35 26.36 64.08
N GLU K 105 -69.39 26.26 64.91
CA GLU K 105 -69.45 26.97 66.19
C GLU K 105 -69.34 26.03 67.39
N ILE K 106 -68.94 26.59 68.53
CA ILE K 106 -68.80 25.82 69.77
C ILE K 106 -69.75 26.32 70.87
N LYS K 107 -70.62 25.44 71.34
CA LYS K 107 -71.57 25.78 72.40
C LYS K 107 -70.99 25.46 73.78
N PCF L . 1.08 5.40 -8.64
P PCF L . 3.21 4.26 -5.17
O11 PCF L . 2.03 3.43 -4.43
O12 PCF L . 4.51 3.47 -5.26
O13 PCF L . 2.74 4.64 -6.65
O14 PCF L . 3.45 5.47 -4.27
C11 PCF L . 3.06 4.28 -7.63
C12 PCF L . 1.85 4.13 -8.57
C13 PCF L . 1.94 6.50 -9.11
C14 PCF L . -0.03 5.20 -9.56
C15 PCF L . 0.48 5.77 -7.34
C1 PCF L . 0.77 4.04 -4.53
C2 PCF L . -0.28 3.18 -3.83
C3 PCF L . -1.44 3.34 -4.85
O31 PCF L . -2.56 2.61 -4.41
O32 PCF L . -3.61 3.32 -6.32
C31 PCF L . -3.59 2.71 -5.28
C32 PCF L . -4.78 1.95 -4.78
C33 PCF L . -4.57 0.42 -4.90
C34 PCF L . -5.84 -0.31 -4.46
C35 PCF L . -5.52 -1.65 -3.82
C36 PCF L . -6.40 -1.81 -2.59
C37 PCF L . -5.71 -2.64 -1.52
C38 PCF L . -6.39 -3.99 -1.45
C39 PCF L . -6.98 -4.22 -0.07
C40 PCF L . -7.06 -5.73 0.21
C41 PCF L . -6.21 -6.09 1.44
C42 PCF L . -6.27 -7.59 1.74
C43 PCF L . -5.19 -7.96 2.76
O21 PCF L . 0.07 1.79 -3.86
O22 PCF L . 0.24 1.57 -1.59
C21 PCF L . -0.11 1.17 -2.67
C22 PCF L . -0.83 -0.13 -2.82
C23 PCF L . -0.39 -1.17 -1.77
C24 PCF L . -1.62 -1.77 -1.09
C25 PCF L . -1.23 -2.93 -0.17
C26 PCF L . -2.48 -3.52 0.52
C2 UMQ M . -1.20 11.64 -8.47
C4 UMQ M . -1.08 10.69 -10.70
C5 UMQ M . -1.17 9.29 -10.06
C6 UMQ M . -0.30 8.29 -10.87
O2 UMQ M . -1.89 12.54 -7.62
O4 UMQ M . -1.70 10.72 -11.95
C1 UMQ M . -1.21 10.18 -7.92
C3 UMQ M . -1.83 11.66 -9.75
O1 UMQ M . -2.55 9.74 -7.92
O3 UMQ M . -1.81 13.00 -10.24
O5 UMQ M . -0.56 9.31 -8.79
O6 UMQ M . 1.05 8.64 -11.08
C1' UMQ M . -5.00 7.76 -5.16
C2' UMQ M . -4.40 9.07 -4.65
C3' UMQ M . -3.97 9.84 -5.92
C4' UMQ M . -2.94 9.03 -6.74
C5' UMQ M . -3.69 7.75 -7.14
C6' UMQ M . -2.70 6.86 -7.90
O1' UMQ M . -5.47 6.94 -4.10
O3' UMQ M . -3.47 11.10 -5.48
O5' UMQ M . -4.07 7.07 -5.97
O6' UMQ M . -3.34 5.65 -8.24
O2' UMQ M . -5.38 9.75 -3.88
CA UMQ M . -6.82 6.64 -4.44
CB UMQ M . -7.47 5.41 -3.78
CC UMQ M . -6.63 4.61 -2.80
CD UMQ M . -7.52 3.44 -2.29
CF UMQ M . -6.81 2.54 -1.29
CG UMQ M . -7.71 1.39 -0.81
CH UMQ M . -8.79 1.83 0.19
CI UMQ M . -8.56 1.20 1.59
CJ UMQ M . -8.54 -0.34 1.55
CK UMQ M . -8.31 -0.91 2.97
CL UMQ M . -6.94 -1.61 3.09
CHA HEM N . -12.82 -22.87 17.04
CHB HEM N . -8.83 -23.14 14.28
CHC HEM N . -7.29 -19.03 16.34
CHD HEM N . -11.24 -18.80 19.11
C1A HEM N . -11.85 -23.30 16.14
C2A HEM N . -11.98 -24.47 15.31
C3A HEM N . -10.84 -24.60 14.61
C4A HEM N . -10.05 -23.42 14.89
CMA HEM N . -10.47 -25.75 13.68
CAA HEM N . -13.23 -25.28 15.20
CBA HEM N . -14.06 -24.82 14.01
CGA HEM N . -15.46 -25.43 13.99
O1A HEM N . -16.38 -24.85 14.57
O2A HEM N . -15.65 -26.49 13.38
C1B HEM N . -8.06 -22.03 14.60
C2B HEM N . -6.78 -21.74 14.03
C3B HEM N . -6.35 -20.60 14.62
C4B HEM N . -7.37 -20.19 15.56
CMB HEM N . -6.11 -22.64 12.96
CAB HEM N . -5.18 -19.86 14.50
CBB HEM N . -4.25 -19.94 13.47
C1C HEM N . -8.22 -18.61 17.26
C2C HEM N . -8.04 -17.50 18.18
C3C HEM N . -9.15 -17.41 18.92
C4C HEM N . -10.00 -18.52 18.56
CMC HEM N . -6.80 -16.53 18.42
CAC HEM N . -9.37 -16.35 19.81
CBC HEM N . -10.10 -16.62 21.00
C1D HEM N . -12.06 -19.86 18.73
C2D HEM N . -13.38 -20.11 19.23
C3D HEM N . -13.82 -21.25 18.67
C4D HEM N . -12.78 -21.71 17.80
CMD HEM N . -14.10 -19.10 20.14
CAD HEM N . -15.21 -21.85 18.84
CBD HEM N . -16.20 -21.35 17.78
CGD HEM N . -16.19 -22.21 16.53
O1D HEM N . -16.48 -23.41 16.66
O2D HEM N . -15.90 -21.70 15.44
NA HEM N . -10.66 -22.66 15.85
NB HEM N . -8.40 -21.09 15.54
NC HEM N . -9.42 -19.25 17.54
ND HEM N . -11.73 -20.81 17.78
FE HEM N . -10.06 -20.95 16.66
CHA HEM O . 9.21 -18.81 2.60
CHB HEM O . 5.51 -17.38 5.38
CHC HEM O . 5.04 -21.89 7.14
CHD HEM O . 9.00 -23.20 4.66
C1A HEM O . 8.17 -18.05 3.12
C2A HEM O . 7.76 -16.75 2.66
C3A HEM O . 6.82 -16.30 3.52
C4A HEM O . 6.51 -17.39 4.41
CMA HEM O . 6.19 -14.88 3.51
CAA HEM O . 8.25 -16.04 1.41
CBA HEM O . 7.35 -16.19 0.20
CGA HEM O . 7.18 -17.64 -0.24
O1A HEM O . 6.02 -18.12 -0.26
O2A HEM O . 8.21 -18.29 -0.57
C1B HEM O . 5.10 -18.46 6.17
C2B HEM O . 4.02 -18.44 7.12
C3B HEM O . 3.83 -19.71 7.56
C4B HEM O . 4.85 -20.53 6.92
CMB HEM O . 3.20 -17.15 7.42
CAB HEM O . 2.89 -20.31 8.42
CBB HEM O . 1.90 -19.72 9.25
C1C HEM O . 6.07 -22.65 6.61
C2C HEM O . 6.19 -24.09 6.73
C3C HEM O . 7.33 -24.45 6.07
C4C HEM O . 7.88 -23.25 5.50
CMC HEM O . 5.15 -24.94 7.46
CAC HEM O . 7.92 -25.72 5.91
CBC HEM O . 7.71 -26.86 6.73
C1D HEM O . 9.46 -22.08 3.96
C2D HEM O . 10.61 -22.08 3.11
C3D HEM O . 10.63 -20.87 2.47
C4D HEM O . 9.54 -20.10 2.98
CMD HEM O . 11.61 -23.24 3.01
CAD HEM O . 11.63 -20.40 1.40
CBD HEM O . 11.06 -20.71 0.04
CGD HEM O . 11.97 -20.30 -1.09
O1D HEM O . 12.43 -19.15 -1.13
O2D HEM O . 12.25 -21.15 -1.95
NA HEM O . 7.30 -18.47 4.10
NB HEM O . 5.64 -19.74 6.11
NC HEM O . 7.08 -22.16 5.80
ND HEM O . 8.85 -20.84 3.93
FE HEM O . 7.24 -20.32 4.98
C2 SMA P . -5.42 -37.94 14.77
C3 SMA P . -5.40 -39.26 15.10
C3M SMA P . -4.10 -40.05 15.04
C4 SMA P . -6.59 -39.96 15.49
C4A SMA P . -7.84 -39.14 15.52
C5 SMA P . -9.15 -39.69 15.88
C5M SMA P . -10.31 -41.71 15.65
C6 SMA P . -10.27 -38.88 15.88
C7 SMA P . -10.16 -37.49 15.55
C7M SMA P . -12.52 -37.30 15.53
C8 SMA P . -8.92 -36.92 15.19
C8A SMA P . -7.77 -37.71 15.17
C9 SMA P . -4.20 -37.19 14.33
C10 SMA P . -3.83 -36.09 15.22
C11 SMA P . -2.61 -35.26 14.81
C12 SMA P . -1.62 -35.27 16.00
C13 SMA P . -2.18 -34.29 17.15
C14 SMA P . -1.08 -33.42 17.83
C15 SMA P . -1.27 -33.34 19.35
C16 SMA P . -0.84 -32.33 20.13
C17 SMA P . -1.64 -31.51 21.06
C18 SMA P . -2.24 -31.99 22.18
C19 SMA P . -2.40 -31.28 23.46
C20 SMA P . -2.35 -29.95 23.63
C21 SMA P . -2.51 -29.26 24.98
C22 SMA P . -2.00 -35.76 13.50
C23 SMA P . 0.43 -36.06 15.49
C24 SMA P . -3.25 -33.34 16.63
C25 SMA P . 0.37 -31.65 17.45
C26 SMA P . -2.64 -32.31 24.54
O1 SMA P . -6.57 -37.17 14.80
O4 SMA P . -6.57 -41.16 15.78
O5 SMA P . -9.24 -41.04 16.19
O7 SMA P . -11.29 -36.67 15.57
O8 SMA P . -8.87 -35.61 14.88
O12 SMA P . -0.35 -34.95 15.57
O14 SMA P . -0.11 -32.85 17.02
C1 UQ6 Q . 7.81 -10.73 2.52
C1M UQ6 Q . 7.85 -9.84 3.77
C2 UQ6 Q . 9.09 -11.34 2.14
O2 UQ6 Q . 10.11 -11.12 2.81
C3 UQ6 Q . 9.14 -12.20 0.95
C4 UQ6 Q . 8.01 -12.44 0.23
C5 UQ6 Q . 6.75 -11.83 0.62
O5 UQ6 Q . 5.72 -12.04 -0.05
C6 UQ6 Q . 6.67 -10.97 1.79
O3 UQ6 Q . 10.38 -12.78 0.60
C3M UQ6 Q . 11.69 -12.30 0.54
O4 UQ6 Q . 7.99 -13.24 -0.89
C4M UQ6 Q . 7.43 -12.93 -2.15
C7 UQ6 Q . 5.26 -10.33 2.15
C8 UQ6 Q . 4.42 -11.13 3.09
C9 UQ6 Q . 4.32 -10.96 4.46
C10 UQ6 Q . 5.13 -9.86 5.19
C11 UQ6 Q . 3.43 -11.79 5.41
C12 UQ6 Q . 3.54 -11.35 6.88
C13 UQ6 Q . 2.48 -11.64 7.84
C14 UQ6 Q . 2.49 -11.57 9.23
C15 UQ6 Q . 3.72 -11.11 10.04
C16 UQ6 Q . 1.30 -11.91 10.14
C17 UQ6 Q . 1.46 -11.88 11.65
C18 UQ6 Q . 0.20 -12.10 12.34
C19 UQ6 Q . -0.70 -11.42 13.15
C20 UQ6 Q . -1.94 -12.18 13.65
C21 UQ6 Q . -0.61 -9.95 13.62
C22 UQ6 Q . -1.20 -9.56 14.98
C23 UQ6 Q . -2.54 -8.94 14.93
C24 UQ6 Q . -3.36 -8.30 15.87
C25 UQ6 Q . -2.97 -8.05 17.33
C26 UQ6 Q . -4.75 -7.74 15.54
C27 UQ6 Q . -5.98 -8.57 15.85
C28 UQ6 Q . -6.86 -7.86 16.78
C29 UQ6 Q . -7.66 -6.73 16.68
C30 UQ6 Q . -7.82 -5.88 15.40
C31 UQ6 Q . -8.51 -6.16 17.83
C32 UQ6 Q . -10.01 -6.48 17.75
C33 UQ6 Q . -10.80 -5.93 18.87
C34 UQ6 Q . -11.64 -4.83 19.01
C35 UQ6 Q . -11.97 -3.84 17.90
C36 UQ6 Q . -12.37 -4.43 20.30
P PIE R . -22.82 -5.95 3.34
O11 PIE R . -21.79 -6.86 2.63
O12 PIE R . -24.21 -6.68 3.31
O13 PIE R . -23.04 -4.83 2.44
O14 PIE R . -22.84 -5.38 4.52
C1 PIE R . -21.94 -8.24 2.23
C2 PIE R . -20.49 -8.83 2.28
C3 PIE R . -19.73 -8.04 1.19
O31 PIE R . -18.44 -8.55 1.25
O32 PIE R . -17.72 -7.15 -0.40
C31 PIE R . -17.56 -8.02 0.40
C32 PIE R . -16.27 -8.72 0.65
C33 PIE R . -15.11 -8.25 -0.22
C34 PIE R . -14.13 -7.48 0.66
C35 PIE R . -12.74 -8.09 0.61
C36 PIE R . -11.81 -7.30 1.50
C37 PIE R . -11.64 -5.88 1.00
C38 PIE R . -10.46 -5.59 1.73
C39 PIE R . -10.08 -6.14 3.16
C40 PIE R . -10.46 -5.20 4.33
C41 PIE R . -9.62 -5.50 5.57
C42 PIE R . -9.31 -4.23 6.38
O21 PIE R . -19.79 -8.50 3.49
O22 PIE R . -19.71 -10.56 4.32
C21 PIE R . -19.20 -9.56 4.04
C22 PIE R . -17.74 -9.32 4.30
C23 PIE R . -17.06 -10.35 5.21
C24 PIE R . -16.91 -11.71 4.51
C25 PIE R . -15.66 -11.78 3.64
C26 PIE R . -15.58 -13.17 2.97
C27 PIE R . -14.32 -13.24 2.10
C28 PIE R . -13.07 -13.73 2.89
C29 PIE R . -12.26 -12.51 3.38
C47 PIE R . -12.39 -12.25 4.91
C48 PIE R . -11.54 -11.01 5.26
C49 PIE R . -11.62 -10.71 6.78
C50 PIE R . -10.30 -10.00 7.20
C51 PIE R . -10.25 -9.65 8.69
C1' PIE R . -23.73 -4.52 8.31
C2' PIE R . -24.68 -5.68 8.54
C3' PIE R . -24.16 -6.98 7.85
C4' PIE R . -23.99 -6.78 6.31
C5' PIE R . -22.98 -5.58 5.98
C6' PIE R . -23.62 -4.28 6.73
O1' PIE R . -24.28 -3.35 8.94
O2' PIE R . -24.82 -5.93 9.94
O3' PIE R . -25.09 -8.04 8.10
O4' PIE R . -25.28 -6.47 5.75
O6' PIE R . -22.74 -3.21 6.47
C2 PEF S . 5.10 -27.68 -11.02
C1 PEF S . 5.78 -27.39 -12.38
N PEF S . 9.78 -24.04 -16.04
C3 PEF S . 5.75 -27.03 -9.76
C4 PEF S . 7.87 -25.53 -15.78
C5 PEF S . 8.34 -24.07 -15.79
C10 PEF S . 3.04 -28.23 -11.77
C11 PEF S . 1.59 -27.89 -11.86
C12 PEF S . 0.81 -28.53 -10.71
C13 PEF S . 0.55 -29.99 -11.02
C14 PEF S . -0.73 -30.47 -10.34
C15 PEF S . -0.41 -31.10 -8.98
C16 PEF S . -1.74 -31.55 -8.38
C17 PEF S . -1.53 -32.20 -7.01
C18 PEF S . -2.70 -31.75 -6.11
C19 PEF S . -3.55 -32.92 -5.60
C20 PEF S . -4.98 -32.42 -5.53
C21 PEF S . -5.57 -32.86 -4.17
C22 PEF S . -7.09 -33.05 -4.33
C23 PEF S . -7.69 -33.92 -3.21
C30 PEF S . 5.24 -27.10 -7.45
C31 PEF S . 4.28 -27.65 -6.43
C32 PEF S . 3.68 -28.98 -6.85
C33 PEF S . 2.18 -28.99 -6.58
C34 PEF S . 1.88 -29.13 -5.09
C35 PEF S . 0.40 -29.45 -4.87
C36 PEF S . 0.07 -29.59 -3.38
C37 PEF S . -1.09 -30.58 -3.18
C38 PEF S . -0.75 -31.72 -2.18
C39 PEF S . 0.67 -31.61 -1.61
C40 PEF S . 0.92 -32.76 -0.64
C41 PEF S . 1.33 -32.25 0.73
C42 PEF S . 2.82 -32.03 0.72
C43 PEF S . 3.46 -33.01 1.66
C44 PEF S . 4.38 -32.29 2.62
C45 PEF S . 3.82 -32.34 4.03
O4 PEF S . 3.48 -29.24 -12.28
O5 PEF S . 6.14 -26.41 -7.13
O2 PEF S . 3.75 -27.28 -11.06
O3 PEF S . 4.91 -27.50 -8.69
O1P PEF S . 8.43 -24.68 -12.96
O2P PEF S . 8.65 -27.17 -13.36
O3P PEF S . 6.58 -26.27 -12.26
O4P PEF S . 6.98 -25.77 -14.72
P PEF S . 7.67 -25.97 -13.34
C1 CDL T . 1.19 -17.15 -15.63
O1 CDL T . 0.72 -17.39 -17.03
CA2 CDL T . 1.50 -15.61 -15.38
OA2 CDL T . 0.39 -14.87 -15.77
PA1 CDL T . -0.27 -13.57 -15.20
OA3 CDL T . -0.21 -12.45 -16.20
OA4 CDL T . 0.39 -13.03 -13.96
OA5 CDL T . -1.72 -14.03 -14.82
CA3 CDL T . -1.71 -15.23 -14.13
CA4 CDL T . -3.04 -15.76 -13.72
OA6 CDL T . -4.10 -14.94 -14.12
CA5 CDL T . -4.83 -15.53 -15.14
OA7 CDL T . -5.27 -14.98 -16.10
C11 CDL T . -5.08 -17.04 -14.95
C12 CDL T . -6.55 -17.41 -14.58
C13 CDL T . -6.77 -18.94 -14.73
C14 CDL T . -7.91 -19.57 -13.85
C15 CDL T . -7.93 -19.09 -12.38
C16 CDL T . -9.09 -19.78 -11.61
C17 CDL T . -10.48 -19.19 -11.89
C18 CDL T . -11.47 -19.85 -10.89
C19 CDL T . -12.94 -19.37 -11.03
C20 CDL T . -13.49 -19.12 -9.62
CA6 CDL T . -3.00 -15.75 -12.21
OA8 CDL T . -4.20 -16.24 -11.76
CA7 CDL T . -4.25 -16.27 -10.44
OA9 CDL T . -4.98 -15.64 -9.75
C31 CDL T . -3.21 -17.24 -9.86
C32 CDL T . -2.94 -18.53 -10.67
C33 CDL T . -3.97 -19.60 -10.32
C34 CDL T . -4.42 -20.44 -11.56
C35 CDL T . -5.48 -21.53 -11.18
C36 CDL T . -5.52 -21.86 -9.67
C37 CDL T . -6.57 -22.95 -9.34
C38 CDL T . -6.82 -23.04 -7.81
C39 CDL T . -7.87 -24.11 -7.42
CB2 CDL T . 2.45 -17.96 -15.23
OB2 CDL T . 2.07 -18.41 -14.06
PB2 CDL T . 2.93 -19.33 -13.10
OB3 CDL T . 3.64 -18.49 -12.06
OB4 CDL T . 3.99 -20.15 -13.76
OB5 CDL T . 1.91 -20.31 -12.44
CB3 CDL T . 2.25 -21.02 -11.29
CB4 CDL T . 1.04 -21.88 -10.88
OB6 CDL T . -0.06 -21.71 -11.76
CB5 CDL T . -0.36 -22.97 -12.22
OB7 CDL T . 0.36 -23.70 -12.86
C51 CDL T . -1.75 -23.39 -11.82
C52 CDL T . -1.80 -24.88 -11.43
C53 CDL T . -3.23 -25.29 -11.04
C54 CDL T . -3.23 -26.60 -10.21
C55 CDL T . -3.05 -26.32 -8.70
C56 CDL T . -3.06 -27.66 -7.94
C57 CDL T . -3.54 -27.51 -6.47
C58 CDL T . -5.08 -27.60 -6.43
CB6 CDL T . 0.59 -21.31 -9.53
OB8 CDL T . -0.52 -22.03 -9.07
CB7 CDL T . -0.91 -21.54 -7.86
OB9 CDL T . -0.26 -20.86 -7.12
C71 CDL T . -2.34 -21.96 -7.56
C72 CDL T . -2.88 -21.45 -6.20
C73 CDL T . -3.02 -19.92 -6.18
C74 CDL T . -4.40 -19.45 -5.73
C75 CDL T . -4.66 -19.89 -4.29
C76 CDL T . -6.12 -19.71 -3.89
C77 CDL T . -6.77 -21.06 -3.64
C78 CDL T . -6.20 -21.72 -2.38
C79 CDL T . -7.21 -22.68 -1.69
C80 CDL T . -8.24 -23.25 -2.68
C81 CDL T . -7.96 -24.72 -3.05
C82 CDL T . -9.02 -25.26 -4.05
C83 CDL T . -10.20 -26.00 -3.35
C84 CDL T . -10.57 -27.30 -4.13
C85 CDL T . -11.96 -27.85 -3.69
C86 CDL T . -11.83 -29.09 -2.76
C87 CDL T . -13.17 -29.88 -2.72
C2 PEF U . 8.77 9.19 15.67
C1 PEF U . 9.95 10.16 15.53
N PEF U . 15.61 11.95 14.15
C3 PEF U . 7.86 9.57 16.87
C4 PEF U . 13.42 11.80 15.29
C5 PEF U . 14.44 12.74 14.61
C10 PEF U . 7.78 7.86 14.10
C11 PEF U . 6.75 7.74 12.99
C12 PEF U . 6.53 6.25 12.58
C13 PEF U . 5.03 5.97 12.40
C14 PEF U . 4.76 4.51 12.02
C15 PEF U . 4.43 3.69 13.27
C16 PEF U . 4.13 2.21 12.97
C17 PEF U . 4.86 1.61 11.75
C18 PEF U . 4.09 0.34 11.34
C19 PEF U . 4.95 -0.94 11.25
C20 PEF U . 5.54 -1.26 12.64
C21 PEF U . 6.92 -1.94 12.45
C22 PEF U . 7.52 -2.27 13.82
C23 PEF U . 7.37 -3.78 14.14
C24 PEF U . 7.99 -4.05 15.52
C25 PEF U . 7.87 -5.53 15.93
C30 PEF U . 5.96 8.84 17.89
C31 PEF U . 4.84 7.83 17.83
C32 PEF U . 5.24 6.43 18.29
C33 PEF U . 4.75 5.41 17.25
C34 PEF U . 3.68 4.46 17.80
C35 PEF U . 3.03 3.69 16.64
C36 PEF U . 1.95 2.72 17.13
O4 PEF U . 8.34 6.89 14.55
O5 PEF U . 6.03 9.69 18.71
O2 PEF U . 7.97 9.18 14.47
O3 PEF U . 6.80 8.63 16.89
O1P PEF U . 12.41 8.90 13.07
O2P PEF U . 11.40 11.12 13.25
O3P PEF U . 11.05 9.39 15.09
O4P PEF U . 13.38 10.47 14.76
P PEF U . 12.05 9.99 14.05
CHA HEM V . -35.72 -40.66 15.49
CHB HEM V . -37.84 -37.51 12.52
CHC HEM V . -42.11 -38.39 14.60
CHD HEM V . -39.95 -41.34 17.78
C1A HEM V . -35.92 -39.72 14.48
C2A HEM V . -34.90 -39.20 13.62
C3A HEM V . -35.50 -38.36 12.76
C4A HEM V . -36.89 -38.30 13.12
CMA HEM V . -34.86 -37.60 11.60
CAA HEM V . -33.42 -39.49 13.65
CBA HEM V . -33.06 -40.75 12.92
CGA HEM V . -31.56 -40.90 12.77
O1A HEM V . -30.89 -41.16 13.79
O2A HEM V . -31.06 -40.78 11.63
C1B HEM V . -39.18 -37.45 12.85
C2B HEM V . -40.12 -36.53 12.29
C3B HEM V . -41.33 -36.84 12.78
C4B HEM V . -41.13 -37.88 13.76
CMB HEM V . -39.81 -35.41 11.30
CAB HEM V . -42.70 -36.27 12.50
CBB HEM V . -43.01 -36.33 11.00
C1C HEM V . -41.90 -39.25 15.67
C2C HEM V . -42.88 -39.61 16.67
C3C HEM V . -42.27 -40.39 17.58
C4C HEM V . -40.91 -40.57 17.13
CMC HEM V . -44.32 -39.09 16.77
CAC HEM V . -42.68 -40.98 18.92
CBC HEM V . -43.80 -42.01 18.75
C1D HEM V . -38.61 -41.42 17.43
C2D HEM V . -37.65 -42.30 18.03
C3D HEM V . -36.48 -42.16 17.37
C4D HEM V . -36.70 -41.14 16.36
CMD HEM V . -37.98 -43.23 19.20
CAD HEM V . -35.17 -42.92 17.62
CBD HEM V . -34.66 -43.79 16.48
CGD HEM V . -33.53 -44.74 16.90
O1D HEM V . -32.68 -44.35 17.72
O2D HEM V . -33.50 -45.87 16.39
NA HEM V . -37.13 -39.14 14.18
NB HEM V . -39.79 -38.20 13.84
NC HEM V . -40.68 -39.78 16.04
ND HEM V . -38.01 -40.72 16.39
FE HEM V . -38.91 -39.46 15.12
FE1 FES W . -23.59 9.61 40.07
FE2 FES W . -20.97 10.21 38.93
S1 FES W . -22.24 11.23 40.39
S2 FES W . -22.34 8.57 38.62
#